data_9NRC
#
_entry.id   9NRC
#
_cell.length_a   1.00
_cell.length_b   1.00
_cell.length_c   1.00
_cell.angle_alpha   90.00
_cell.angle_beta   90.00
_cell.angle_gamma   90.00
#
_symmetry.space_group_name_H-M   'P 1'
#
loop_
_entity.id
_entity.type
_entity.pdbx_description
1 polymer 'Transmembrane protease serine 6'
2 polymer 'REGN7999 Fab light chain'
3 polymer 'REGN7999 Fab heavy chain'
4 polymer 'REGN8023 Fab light chain'
5 polymer 'REGN8023 Fab heavy chain'
6 branched 2-acetamido-2-deoxy-beta-D-glucopyranose-(1-4)-2-acetamido-2-deoxy-beta-D-glucopyranose
7 non-polymer 2-acetamido-2-deoxy-beta-D-glucopyranose
8 non-polymer 'CALCIUM ION'
#
loop_
_entity_poly.entity_id
_entity_poly.type
_entity_poly.pdbx_seq_one_letter_code
_entity_poly.pdbx_strand_id
1 'polypeptide(L)'
;GYKAEVMVSQVYSGSLRVLNRHFSQDLTRRESSAFRSETAKAQKMLKELITSTRLGTYYNSSSVYSFGEGPLTCFFWFIL
QIPEHRRLMLSPEVVQALLVEELLSTVNSSAAVPYRAEYEVDPEGLVILEASVKDIAALNSTLGCYRYSYVGQGQVLRLK
GPDHLASSCLWHLQGPKDLMLKLRLEWTLAECRDRLAMYDVAGPLEKRLITSVYGCSRQEPVVEVLASGAIMAVVWKKGL
HSYYDPFVLSVQPVVFQACEVNLTLDNRLDSQGVLSTPYFPSYYSPQTHCSWHLTVPSLDYGLALWFDAYALRRQKYDLP
CTQGQWTIQNRRLCGLRILQPYAERIPVVATAGITINFTSQISLTGPGVRVHYGLYNQSDPCPGEFLCSVNGLCVPACDG
VKDCPNGLDERNCVCRATFQCKEDSTCISLPKVCDGQPDCLNGSDEEQCQEGVPCGTFTFQCEDRSCVKKPNPQCDGRPD
CRDGSDEEHCDCGLQGPSSRIVGGAVSSEGEWPWQASLQVRGRHICGGALIADRWVITAAHCFQEDSMASTVLWTVFLGK
VWQNSRWPGEVSFKVSRLLLHPYHEEDSHDYDVALLQLDHPVVRSAAVRPVCLPARSHFFEPGLHCWITGWGALREGGPI
SNALQKVDVQLIPQDLCSEVYRYQVTPRMLCAGYRKGKKDACQGDAGGPLVCKALSGRWFLAGLVSWGLGCGRPNYFGVY
TRITGVISWIQQVVTEQKLISEEDLGGEQKLISEEDLHHHHHH
;
A
2 'polypeptide(L)'
;DIQMTQSPSSLSASVGDRVIITCRASQDFNSWLAWYQQKPGKAPKLLIYAASSLQSGVPSRFSGSGSGTDFTLTISSLQP
EDFATYYCQQTDSFPFTFGPGTKVDIKRTVAAPSVFIFPPSDEQLKSGTASVVCLLNNFYPREAKVQWKVDNALQSGNSQ
ESVTEQDSKDSTYSLSSTLTLSKADYEKHKVYACEVTHQGLSSPVTKSFNRGEC
;
L
3 'polypeptide(L)'
;EVQLVESGGGLVQPGGSLRLSCAASGFTFSSYAMTWVRQAPGKGLEWVSAISGSDTSTYYADSVKGRFTISRDNSKNTLF
LQMNSLRAEDTAVYYCAKHQDYDFSYYYSAMDVWGQGTTVTVSSASTKGPSVFPLAPCSRSTSESTAALGCLVKDYFPEP
VTVSWNSGALTSGVHTFPAVLQSSGLYSLSSVVTVPSSSLGTKTYTCNVDHKPSNTKVDKRVESKYGPPCPPCPAPEFLG
;
H
4 'polypeptide(L)'
;DIVMTQSPLSLPVTPGEPASISCRSSQSLLDSDDGNTYLDWYLRKPGQSPQLLIYTLSYRASGVPDRFSGSGSGTDFTLK
ISRVEADDVGVYYCMQRIEFPLTFGGGTKVEIKRTVAAPSVFIFPPSDEQLKSGTASVVCLLNNFYPREAKVQWKVDNAL
QSGNSQESVTEQDSKDSTYSLSSTLTLSKADYEKHKVYACEVTHQGLSSPVTKSFNRGEC
;
B
5 'polypeptide(L)'
;EVQLVESGGGLVKPGGSLRISCAASGFIFVDYAMHWVRQAPGKGLEWVSGISWNSGSIGYADSVKGRFTISRDNAKKSLY
LQMSGLRPEDTALYYCVKSGFYYVRSYFDNWGQGTLVTVSSASTKGPSVFPLAPCSRSTSESTAALGCLVKDYFPEPVTV
SWNSGALTSGVHTFPAVLQSSGLYSLSSVVTVPSSSLGTKTYTCNVDHKPSNTKVDKRVESKYGPPCPPCPAPEFLG
;
C
#
loop_
_chem_comp.id
_chem_comp.type
_chem_comp.name
_chem_comp.formula
CA non-polymer 'CALCIUM ION' 'Ca 2'
NAG D-saccharide, beta linking 2-acetamido-2-deoxy-beta-D-glucopyranose 'C8 H15 N O6'
#
# COMPACT_ATOMS: atom_id res chain seq x y z
N VAL A 6 20.28 -47.43 -31.37
CA VAL A 6 19.15 -46.53 -31.16
C VAL A 6 18.95 -45.64 -32.39
N MET A 7 17.82 -45.83 -33.06
CA MET A 7 17.51 -45.06 -34.25
C MET A 7 16.74 -43.80 -33.86
N VAL A 8 17.14 -42.67 -34.44
CA VAL A 8 16.53 -41.37 -34.18
C VAL A 8 15.99 -40.84 -35.50
N SER A 9 14.83 -40.21 -35.45
CA SER A 9 14.18 -39.64 -36.63
C SER A 9 14.51 -38.16 -36.72
N GLN A 10 15.20 -37.78 -37.80
CA GLN A 10 15.50 -36.40 -38.10
C GLN A 10 14.56 -35.90 -39.19
N VAL A 11 14.07 -34.67 -39.05
CA VAL A 11 13.07 -34.10 -39.94
C VAL A 11 13.71 -32.98 -40.75
N TYR A 12 13.53 -33.03 -42.06
CA TYR A 12 14.02 -31.98 -42.95
C TYR A 12 12.86 -31.47 -43.78
N SER A 13 12.62 -30.16 -43.72
CA SER A 13 11.58 -29.51 -44.50
C SER A 13 12.23 -28.66 -45.58
N GLY A 14 11.74 -28.77 -46.80
CA GLY A 14 12.41 -28.12 -47.90
C GLY A 14 11.48 -27.74 -49.02
N SER A 15 12.06 -27.06 -50.00
CA SER A 15 11.37 -26.62 -51.21
C SER A 15 12.22 -26.97 -52.42
N LEU A 16 11.55 -27.47 -53.47
CA LEU A 16 12.21 -27.86 -54.70
C LEU A 16 11.50 -27.18 -55.88
N ARG A 17 12.28 -26.60 -56.78
CA ARG A 17 11.73 -25.88 -57.93
C ARG A 17 11.78 -26.75 -59.18
N VAL A 18 10.69 -26.74 -59.94
CA VAL A 18 10.57 -27.47 -61.19
C VAL A 18 10.23 -26.47 -62.29
N LEU A 19 10.96 -26.55 -63.41
CA LEU A 19 10.76 -25.63 -64.52
C LEU A 19 9.82 -26.19 -65.58
N ASN A 20 9.58 -27.50 -65.58
CA ASN A 20 8.74 -28.14 -66.59
C ASN A 20 7.26 -28.12 -66.22
N ARG A 21 6.90 -27.56 -65.07
CA ARG A 21 5.51 -27.50 -64.64
C ARG A 21 5.14 -26.07 -64.31
N HIS A 22 3.88 -25.71 -64.58
CA HIS A 22 3.36 -24.38 -64.34
C HIS A 22 2.32 -24.42 -63.22
N PHE A 23 2.42 -23.47 -62.30
CA PHE A 23 1.49 -23.41 -61.18
C PHE A 23 0.10 -23.04 -61.67
N SER A 24 -0.92 -23.61 -61.03
CA SER A 24 -2.31 -23.37 -61.37
C SER A 24 -3.10 -23.09 -60.10
N GLN A 25 -4.21 -22.38 -60.27
CA GLN A 25 -5.06 -22.04 -59.12
C GLN A 25 -5.64 -23.29 -58.46
N ASP A 26 -5.89 -24.34 -59.24
CA ASP A 26 -6.43 -25.57 -58.67
C ASP A 26 -5.49 -26.20 -57.66
N LEU A 27 -4.18 -25.93 -57.77
CA LEU A 27 -3.22 -26.43 -56.80
C LEU A 27 -3.36 -25.75 -55.44
N THR A 28 -4.04 -24.59 -55.39
CA THR A 28 -4.21 -23.89 -54.12
C THR A 28 -5.18 -24.61 -53.20
N ARG A 29 -6.10 -25.39 -53.75
CA ARG A 29 -7.08 -26.13 -52.97
C ARG A 29 -6.63 -27.59 -52.87
N ARG A 30 -6.46 -28.07 -51.64
CA ARG A 30 -6.00 -29.44 -51.44
C ARG A 30 -7.06 -30.47 -51.85
N GLU A 31 -8.33 -30.09 -51.82
CA GLU A 31 -9.41 -31.01 -52.18
C GLU A 31 -9.51 -31.26 -53.67
N SER A 32 -8.83 -30.46 -54.50
CA SER A 32 -8.91 -30.66 -55.94
C SER A 32 -8.21 -31.95 -56.35
N SER A 33 -8.78 -32.62 -57.36
CA SER A 33 -8.18 -33.86 -57.86
C SER A 33 -6.82 -33.59 -58.50
N ALA A 34 -6.70 -32.49 -59.24
CA ALA A 34 -5.42 -32.14 -59.85
C ALA A 34 -4.35 -31.89 -58.80
N PHE A 35 -4.72 -31.22 -57.70
CA PHE A 35 -3.78 -31.00 -56.61
C PHE A 35 -3.34 -32.32 -56.00
N ARG A 36 -4.28 -33.26 -55.81
CA ARG A 36 -3.92 -34.56 -55.25
C ARG A 36 -2.98 -35.32 -56.18
N SER A 37 -3.25 -35.29 -57.49
CA SER A 37 -2.38 -35.97 -58.44
C SER A 37 -0.99 -35.36 -58.46
N GLU A 38 -0.92 -34.02 -58.44
CA GLU A 38 0.38 -33.35 -58.41
C GLU A 38 1.14 -33.68 -57.14
N THR A 39 0.43 -33.72 -56.00
CA THR A 39 1.08 -34.08 -54.74
C THR A 39 1.61 -35.51 -54.78
N ALA A 40 0.83 -36.44 -55.33
CA ALA A 40 1.30 -37.82 -55.44
C ALA A 40 2.53 -37.92 -56.32
N LYS A 41 2.50 -37.25 -57.48
CA LYS A 41 3.65 -37.29 -58.38
C LYS A 41 4.89 -36.68 -57.74
N ALA A 42 4.72 -35.54 -57.06
CA ALA A 42 5.85 -34.91 -56.39
C ALA A 42 6.40 -35.76 -55.27
N GLN A 43 5.52 -36.41 -54.50
CA GLN A 43 5.98 -37.29 -53.43
C GLN A 43 6.75 -38.47 -54.00
N LYS A 44 6.26 -39.06 -55.09
CA LYS A 44 6.98 -40.17 -55.72
C LYS A 44 8.35 -39.71 -56.21
N MET A 45 8.41 -38.55 -56.86
CA MET A 45 9.69 -38.04 -57.36
C MET A 45 10.66 -37.76 -56.22
N LEU A 46 10.16 -37.16 -55.14
CA LEU A 46 11.02 -36.87 -53.99
C LEU A 46 11.52 -38.15 -53.33
N LYS A 47 10.65 -39.16 -53.21
CA LYS A 47 11.07 -40.44 -52.63
C LYS A 47 12.13 -41.09 -53.50
N GLU A 48 11.95 -41.06 -54.83
CA GLU A 48 12.95 -41.63 -55.73
C GLU A 48 14.29 -40.89 -55.61
N LEU A 49 14.24 -39.56 -55.55
CA LEU A 49 15.46 -38.77 -55.42
C LEU A 49 16.17 -39.06 -54.11
N ILE A 50 15.41 -39.19 -53.02
CA ILE A 50 16.01 -39.47 -51.72
C ILE A 50 16.63 -40.87 -51.70
N THR A 51 15.93 -41.85 -52.28
CA THR A 51 16.46 -43.20 -52.30
C THR A 51 17.66 -43.33 -53.23
N SER A 52 17.76 -42.45 -54.24
CA SER A 52 18.89 -42.51 -55.16
C SER A 52 20.20 -42.12 -54.48
N THR A 53 20.14 -41.26 -53.47
CA THR A 53 21.34 -40.80 -52.79
C THR A 53 21.71 -41.76 -51.66
N ARG A 54 22.76 -41.41 -50.92
CA ARG A 54 23.21 -42.26 -49.82
C ARG A 54 22.25 -42.25 -48.64
N LEU A 55 21.34 -41.27 -48.58
CA LEU A 55 20.38 -41.19 -47.50
C LEU A 55 19.21 -42.14 -47.67
N GLY A 56 19.11 -42.82 -48.82
CA GLY A 56 18.00 -43.73 -49.04
C GLY A 56 17.95 -44.87 -48.04
N THR A 57 19.11 -45.27 -47.52
CA THR A 57 19.13 -46.31 -46.49
C THR A 57 18.41 -45.88 -45.21
N TYR A 58 18.31 -44.56 -44.97
CA TYR A 58 17.66 -44.05 -43.78
C TYR A 58 16.32 -43.37 -44.08
N TYR A 59 15.88 -43.35 -45.32
CA TYR A 59 14.63 -42.68 -45.68
C TYR A 59 13.46 -43.32 -44.94
N ASN A 60 12.54 -42.47 -44.48
CA ASN A 60 11.42 -42.91 -43.65
C ASN A 60 10.08 -42.69 -44.35
N SER A 61 9.76 -41.46 -44.73
CA SER A 61 8.50 -41.12 -45.38
C SER A 61 8.57 -39.68 -45.88
N SER A 62 8.08 -39.46 -47.09
CA SER A 62 8.06 -38.14 -47.69
C SER A 62 6.62 -37.74 -48.02
N SER A 63 6.32 -36.46 -47.87
CA SER A 63 4.99 -35.94 -48.15
C SER A 63 5.10 -34.50 -48.65
N VAL A 64 4.47 -34.23 -49.79
CA VAL A 64 4.46 -32.88 -50.35
C VAL A 64 3.38 -32.07 -49.65
N TYR A 65 3.75 -30.90 -49.13
CA TYR A 65 2.86 -30.10 -48.31
C TYR A 65 2.19 -28.96 -49.06
N SER A 66 2.91 -28.26 -49.95
CA SER A 66 2.32 -27.08 -50.58
C SER A 66 2.97 -26.84 -51.94
N PHE A 67 2.30 -26.01 -52.74
CA PHE A 67 2.79 -25.60 -54.05
C PHE A 67 2.81 -24.07 -54.11
N GLY A 68 3.81 -23.54 -54.82
CA GLY A 68 4.05 -22.11 -54.88
C GLY A 68 3.97 -21.57 -56.30
N GLU A 69 3.92 -20.24 -56.39
CA GLU A 69 3.78 -19.54 -57.65
C GLU A 69 5.12 -19.51 -58.40
N GLY A 70 5.06 -19.05 -59.65
CA GLY A 70 6.22 -19.02 -60.51
C GLY A 70 6.56 -20.40 -61.03
N PRO A 71 7.84 -20.73 -61.09
CA PRO A 71 8.22 -22.13 -61.34
C PRO A 71 7.64 -23.01 -60.25
N LEU A 72 7.25 -24.23 -60.63
CA LEU A 72 6.49 -25.06 -59.72
C LEU A 72 7.32 -25.40 -58.50
N THR A 73 7.02 -24.78 -57.37
CA THR A 73 7.79 -24.95 -56.14
C THR A 73 7.01 -25.87 -55.22
N CYS A 74 7.56 -27.04 -54.95
CA CYS A 74 6.96 -28.02 -54.04
C CYS A 74 7.64 -27.91 -52.68
N PHE A 75 6.83 -27.58 -51.67
CA PHE A 75 7.30 -27.54 -50.28
C PHE A 75 6.87 -28.83 -49.60
N PHE A 76 7.86 -29.60 -49.14
CA PHE A 76 7.63 -30.94 -48.61
C PHE A 76 8.44 -31.15 -47.36
N TRP A 77 8.18 -32.28 -46.69
CA TRP A 77 8.90 -32.68 -45.50
C TRP A 77 9.31 -34.14 -45.63
N PHE A 78 10.46 -34.47 -45.07
CA PHE A 78 11.01 -35.82 -45.13
C PHE A 78 11.60 -36.19 -43.78
N ILE A 79 11.65 -37.50 -43.52
CA ILE A 79 12.15 -38.03 -42.26
C ILE A 79 13.25 -39.04 -42.57
N LEU A 80 14.28 -39.05 -41.72
CA LEU A 80 15.38 -40.00 -41.85
C LEU A 80 15.58 -40.70 -40.51
N GLN A 81 15.47 -42.01 -40.51
CA GLN A 81 15.73 -42.83 -39.32
C GLN A 81 17.20 -43.24 -39.36
N ILE A 82 18.04 -42.57 -38.57
CA ILE A 82 19.48 -42.76 -38.66
C ILE A 82 20.02 -43.07 -37.28
N PRO A 83 21.21 -43.68 -37.21
CA PRO A 83 21.82 -43.92 -35.91
C PRO A 83 22.14 -42.62 -35.20
N GLU A 84 22.08 -42.66 -33.86
CA GLU A 84 22.32 -41.46 -33.07
C GLU A 84 23.75 -40.95 -33.25
N HIS A 85 24.72 -41.86 -33.32
CA HIS A 85 26.11 -41.45 -33.44
C HIS A 85 26.37 -40.65 -34.71
N ARG A 86 25.59 -40.90 -35.77
CA ARG A 86 25.72 -40.16 -37.01
C ARG A 86 24.80 -38.95 -37.08
N ARG A 87 24.02 -38.69 -36.03
CA ARG A 87 23.05 -37.59 -36.08
C ARG A 87 23.74 -36.25 -36.27
N LEU A 88 24.87 -36.05 -35.61
CA LEU A 88 25.63 -34.81 -35.79
C LEU A 88 26.22 -34.69 -37.18
N MET A 89 26.37 -35.81 -37.90
CA MET A 89 26.96 -35.77 -39.23
C MET A 89 25.97 -35.38 -40.31
N LEU A 90 24.67 -35.60 -40.09
CA LEU A 90 23.65 -35.33 -41.11
C LEU A 90 23.06 -33.94 -40.90
N SER A 91 23.92 -32.94 -41.10
CA SER A 91 23.47 -31.56 -41.02
C SER A 91 22.62 -31.22 -42.24
N PRO A 92 21.76 -30.21 -42.14
CA PRO A 92 20.95 -29.81 -43.30
C PRO A 92 21.78 -29.40 -44.50
N GLU A 93 22.93 -28.75 -44.28
CA GLU A 93 23.80 -28.38 -45.39
C GLU A 93 24.33 -29.62 -46.09
N VAL A 94 24.69 -30.65 -45.32
CA VAL A 94 25.19 -31.90 -45.92
C VAL A 94 24.10 -32.55 -46.77
N VAL A 95 22.87 -32.58 -46.27
CA VAL A 95 21.77 -33.17 -47.02
C VAL A 95 21.50 -32.39 -48.29
N GLN A 96 21.53 -31.05 -48.21
CA GLN A 96 21.32 -30.23 -49.39
C GLN A 96 22.42 -30.46 -50.42
N ALA A 97 23.67 -30.55 -49.96
CA ALA A 97 24.78 -30.81 -50.88
C ALA A 97 24.65 -32.17 -51.54
N LEU A 98 24.25 -33.19 -50.77
CA LEU A 98 24.06 -34.52 -51.33
C LEU A 98 22.96 -34.52 -52.38
N LEU A 99 21.84 -33.84 -52.09
CA LEU A 99 20.75 -33.77 -53.05
C LEU A 99 21.17 -33.03 -54.32
N VAL A 100 21.93 -31.94 -54.16
CA VAL A 100 22.40 -31.19 -55.32
C VAL A 100 23.33 -32.05 -56.17
N GLU A 101 24.24 -32.78 -55.52
CA GLU A 101 25.14 -33.66 -56.25
C GLU A 101 24.38 -34.76 -56.98
N GLU A 102 23.37 -35.34 -56.33
CA GLU A 102 22.56 -36.38 -56.97
C GLU A 102 21.83 -35.82 -58.18
N LEU A 103 21.27 -34.61 -58.06
CA LEU A 103 20.57 -34.00 -59.18
C LEU A 103 21.53 -33.68 -60.32
N LEU A 104 22.73 -33.22 -60.00
CA LEU A 104 23.69 -32.80 -61.03
C LEU A 104 24.33 -33.98 -61.74
N SER A 105 24.55 -35.09 -61.03
CA SER A 105 25.25 -36.23 -61.64
C SER A 105 24.45 -36.83 -62.78
N THR A 106 23.12 -36.90 -62.64
CA THR A 106 22.29 -37.55 -63.64
C THR A 106 22.04 -36.68 -64.87
N VAL A 107 22.41 -35.40 -64.83
CA VAL A 107 22.17 -34.52 -65.97
C VAL A 107 23.03 -34.93 -67.16
N ASN A 108 24.33 -35.15 -66.92
CA ASN A 108 25.24 -35.52 -68.00
C ASN A 108 25.10 -36.98 -68.40
N SER A 109 24.69 -37.84 -67.47
CA SER A 109 24.59 -39.26 -67.76
C SER A 109 23.49 -39.53 -68.78
N SER A 110 23.76 -40.48 -69.68
CA SER A 110 22.77 -40.84 -70.70
C SER A 110 21.56 -41.54 -70.09
N ALA A 111 21.75 -42.22 -68.96
CA ALA A 111 20.64 -42.89 -68.30
C ALA A 111 19.61 -41.89 -67.81
N ALA A 112 18.34 -42.22 -67.98
CA ALA A 112 17.23 -41.34 -67.60
C ALA A 112 16.64 -41.83 -66.29
N VAL A 113 16.57 -40.95 -65.30
CA VAL A 113 15.98 -41.27 -64.00
C VAL A 113 14.47 -41.42 -64.19
N PRO A 114 13.82 -42.32 -63.44
CA PRO A 114 12.36 -42.45 -63.59
C PRO A 114 11.61 -41.18 -63.27
N TYR A 115 12.08 -40.40 -62.29
CA TYR A 115 11.42 -39.14 -61.96
C TYR A 115 11.71 -38.05 -62.98
N ARG A 116 12.89 -38.11 -63.62
CA ARG A 116 13.25 -37.09 -64.61
C ARG A 116 12.38 -37.14 -65.85
N ALA A 117 11.71 -38.27 -66.10
CA ALA A 117 10.86 -38.38 -67.28
C ALA A 117 9.59 -37.55 -67.18
N GLU A 118 9.23 -37.09 -65.98
CA GLU A 118 8.02 -36.31 -65.78
C GLU A 118 8.27 -34.93 -65.19
N TYR A 119 9.29 -34.76 -64.36
CA TYR A 119 9.57 -33.49 -63.71
C TYR A 119 11.01 -33.09 -63.96
N GLU A 120 11.22 -31.84 -64.37
CA GLU A 120 12.55 -31.26 -64.55
C GLU A 120 12.79 -30.28 -63.42
N VAL A 121 13.74 -30.61 -62.55
CA VAL A 121 13.99 -29.85 -61.32
C VAL A 121 15.28 -29.08 -61.48
N ASP A 122 15.28 -27.83 -60.98
CA ASP A 122 16.47 -27.00 -61.01
C ASP A 122 17.28 -27.23 -59.75
N PRO A 123 18.55 -27.64 -59.85
CA PRO A 123 19.34 -27.88 -58.63
C PRO A 123 19.52 -26.65 -57.76
N GLU A 124 19.56 -25.45 -58.35
CA GLU A 124 19.78 -24.24 -57.57
C GLU A 124 18.58 -23.87 -56.71
N GLY A 125 17.38 -24.36 -57.05
CA GLY A 125 16.18 -24.03 -56.32
C GLY A 125 15.88 -24.89 -55.12
N LEU A 126 16.73 -25.87 -54.80
CA LEU A 126 16.49 -26.77 -53.69
C LEU A 126 16.97 -26.12 -52.39
N VAL A 127 16.07 -26.00 -51.41
CA VAL A 127 16.39 -25.45 -50.10
C VAL A 127 15.93 -26.44 -49.04
N ILE A 128 16.78 -26.71 -48.06
CA ILE A 128 16.49 -27.67 -47.00
C ILE A 128 16.80 -27.03 -45.65
N LEU A 129 15.91 -27.24 -44.69
CA LEU A 129 16.09 -26.73 -43.33
C LEU A 129 15.68 -27.81 -42.34
N GLU A 130 16.22 -27.71 -41.13
CA GLU A 130 15.94 -28.68 -40.08
C GLU A 130 14.55 -28.47 -39.49
N ALA A 131 14.04 -29.52 -38.87
CA ALA A 131 12.75 -29.45 -38.17
C ALA A 131 12.75 -30.50 -37.07
N SER A 132 11.69 -30.48 -36.27
CA SER A 132 11.53 -31.39 -35.14
C SER A 132 10.22 -32.14 -35.27
N VAL A 133 10.08 -33.19 -34.45
CA VAL A 133 8.84 -33.97 -34.43
C VAL A 133 7.68 -33.11 -33.96
N LYS A 134 7.93 -32.21 -33.01
CA LYS A 134 6.90 -31.27 -32.59
C LYS A 134 6.49 -30.36 -33.75
N ASP A 135 7.46 -29.93 -34.55
CA ASP A 135 7.13 -29.15 -35.74
C ASP A 135 6.31 -29.99 -36.73
N ILE A 136 6.61 -31.28 -36.84
CA ILE A 136 5.83 -32.16 -37.70
C ILE A 136 4.39 -32.22 -37.22
N ALA A 137 4.20 -32.38 -35.91
CA ALA A 137 2.85 -32.45 -35.36
C ALA A 137 2.11 -31.14 -35.55
N ALA A 138 2.80 -30.00 -35.36
CA ALA A 138 2.15 -28.70 -35.55
C ALA A 138 1.72 -28.51 -37.00
N LEU A 139 2.60 -28.86 -37.94
CA LEU A 139 2.23 -28.81 -39.36
C LEU A 139 1.10 -29.77 -39.68
N ASN A 140 1.08 -30.93 -39.03
CA ASN A 140 0.23 -32.03 -39.44
C ASN A 140 -1.16 -31.94 -38.83
N SER A 141 -1.31 -31.13 -37.78
CA SER A 141 -2.62 -30.77 -37.25
C SER A 141 -3.24 -29.57 -37.97
N THR A 142 -2.43 -28.73 -38.63
CA THR A 142 -2.93 -27.57 -39.34
C THR A 142 -3.17 -27.84 -40.82
N LEU A 143 -3.36 -29.11 -41.20
CA LEU A 143 -3.64 -29.49 -42.57
C LEU A 143 -5.08 -29.21 -42.98
N GLY A 144 -5.80 -28.41 -42.20
CA GLY A 144 -7.16 -28.04 -42.50
C GLY A 144 -7.24 -26.64 -43.08
N CYS A 145 -7.56 -25.66 -42.23
CA CYS A 145 -7.61 -24.27 -42.66
C CYS A 145 -6.28 -23.85 -43.26
N TYR A 146 -6.27 -23.59 -44.57
CA TYR A 146 -5.03 -23.29 -45.28
C TYR A 146 -5.36 -22.57 -46.57
N ARG A 147 -4.68 -21.45 -46.81
CA ARG A 147 -4.78 -20.73 -48.07
C ARG A 147 -3.40 -20.31 -48.53
N TYR A 148 -3.24 -20.18 -49.85
CA TYR A 148 -2.02 -19.69 -50.46
C TYR A 148 -2.34 -18.46 -51.30
N SER A 149 -1.47 -17.46 -51.24
CA SER A 149 -1.67 -16.25 -52.00
C SER A 149 -0.33 -15.65 -52.38
N TYR A 150 -0.34 -14.80 -53.41
CA TYR A 150 0.83 -14.10 -53.90
C TYR A 150 0.56 -12.60 -53.89
N VAL A 151 1.57 -11.83 -53.48
CA VAL A 151 1.43 -10.38 -53.33
C VAL A 151 2.34 -9.71 -54.37
N GLY A 152 1.72 -8.92 -55.26
CA GLY A 152 2.47 -8.22 -56.28
C GLY A 152 3.02 -6.88 -55.77
N GLN A 153 3.90 -6.30 -56.58
CA GLN A 153 4.53 -5.03 -56.23
C GLN A 153 3.50 -3.92 -56.13
N GLY A 154 3.58 -3.13 -55.06
CA GLY A 154 2.74 -1.97 -54.91
C GLY A 154 1.28 -2.26 -54.64
N GLN A 155 0.92 -3.49 -54.31
CA GLN A 155 -0.46 -3.90 -54.09
C GLN A 155 -0.62 -4.41 -52.68
N VAL A 156 -1.63 -3.90 -51.98
CA VAL A 156 -1.92 -4.27 -50.60
C VAL A 156 -3.05 -5.29 -50.60
N LEU A 157 -2.83 -6.42 -49.95
CA LEU A 157 -3.78 -7.53 -49.96
C LEU A 157 -4.54 -7.60 -48.64
N ARG A 158 -5.85 -7.79 -48.75
CA ARG A 158 -6.72 -7.98 -47.59
C ARG A 158 -6.99 -9.47 -47.43
N LEU A 159 -6.99 -9.94 -46.19
CA LEU A 159 -7.18 -11.36 -45.92
C LEU A 159 -8.51 -11.86 -46.47
N LYS A 160 -8.62 -13.18 -46.55
CA LYS A 160 -9.89 -13.86 -46.73
C LYS A 160 -10.32 -14.41 -45.38
N GLY A 161 -11.59 -14.17 -45.02
CA GLY A 161 -12.06 -14.43 -43.68
C GLY A 161 -11.85 -15.86 -43.22
N PRO A 162 -11.42 -16.01 -41.97
CA PRO A 162 -11.21 -17.35 -41.42
C PRO A 162 -12.51 -18.05 -41.10
N ASP A 163 -12.43 -19.39 -41.06
CA ASP A 163 -13.58 -20.22 -40.73
C ASP A 163 -13.56 -20.49 -39.23
N HIS A 164 -14.68 -20.17 -38.55
CA HIS A 164 -14.74 -20.34 -37.11
C HIS A 164 -14.68 -21.80 -36.70
N LEU A 165 -15.10 -22.72 -37.58
CA LEU A 165 -15.06 -24.14 -37.26
C LEU A 165 -13.63 -24.62 -37.05
N ALA A 166 -12.70 -24.19 -37.89
CA ALA A 166 -11.32 -24.61 -37.76
C ALA A 166 -10.69 -24.03 -36.50
N SER A 167 -9.93 -24.86 -35.79
CA SER A 167 -9.27 -24.45 -34.55
C SER A 167 -7.87 -23.91 -34.77
N SER A 168 -7.33 -24.01 -35.99
CA SER A 168 -5.98 -23.52 -36.27
C SER A 168 -5.87 -23.26 -37.76
N CYS A 169 -5.62 -22.02 -38.14
CA CYS A 169 -5.57 -21.62 -39.54
C CYS A 169 -4.19 -21.08 -39.88
N LEU A 170 -3.75 -21.34 -41.11
CA LEU A 170 -2.43 -20.92 -41.56
C LEU A 170 -2.56 -20.20 -42.90
N TRP A 171 -1.96 -19.02 -42.98
CA TRP A 171 -1.76 -18.31 -44.24
C TRP A 171 -0.29 -18.39 -44.64
N HIS A 172 -0.06 -18.78 -45.90
CA HIS A 172 1.27 -18.86 -46.49
C HIS A 172 1.41 -17.71 -47.48
N LEU A 173 2.27 -16.75 -47.16
CA LEU A 173 2.43 -15.53 -47.93
C LEU A 173 3.73 -15.58 -48.72
N GLN A 174 3.65 -15.35 -50.02
CA GLN A 174 4.82 -15.34 -50.88
C GLN A 174 4.81 -14.08 -51.73
N GLY A 175 5.95 -13.42 -51.83
CA GLY A 175 6.07 -12.20 -52.60
C GLY A 175 7.28 -12.20 -53.51
N PRO A 176 7.66 -11.02 -54.00
CA PRO A 176 8.84 -10.91 -54.85
C PRO A 176 10.11 -11.28 -54.10
N LYS A 177 11.07 -11.84 -54.84
CA LYS A 177 12.32 -12.26 -54.22
C LYS A 177 13.11 -11.07 -53.68
N ASP A 178 13.10 -9.96 -54.41
CA ASP A 178 13.88 -8.78 -54.07
C ASP A 178 13.14 -7.82 -53.14
N LEU A 179 11.95 -8.17 -52.69
CA LEU A 179 11.13 -7.29 -51.86
C LEU A 179 10.88 -7.97 -50.52
N MET A 180 10.71 -7.15 -49.48
CA MET A 180 10.36 -7.66 -48.16
C MET A 180 8.86 -7.58 -47.95
N LEU A 181 8.33 -8.45 -47.09
CA LEU A 181 6.90 -8.47 -46.80
C LEU A 181 6.63 -7.72 -45.50
N LYS A 182 5.65 -6.82 -45.54
CA LYS A 182 5.23 -6.03 -44.40
C LYS A 182 3.79 -6.40 -44.08
N LEU A 183 3.54 -6.79 -42.83
CA LEU A 183 2.25 -7.30 -42.40
C LEU A 183 1.68 -6.39 -41.32
N ARG A 184 0.40 -6.03 -41.48
CA ARG A 184 -0.29 -5.12 -40.57
C ARG A 184 -1.41 -5.86 -39.85
N LEU A 185 -1.38 -5.79 -38.52
CA LEU A 185 -2.41 -6.34 -37.65
C LEU A 185 -3.15 -5.19 -36.97
N GLU A 186 -4.48 -5.22 -37.04
CA GLU A 186 -5.32 -4.23 -36.39
C GLU A 186 -6.33 -4.94 -35.50
N TRP A 187 -6.52 -4.41 -34.30
CA TRP A 187 -7.41 -5.01 -33.30
C TRP A 187 -8.76 -4.31 -33.37
N THR A 188 -9.79 -5.04 -33.81
CA THR A 188 -11.12 -4.47 -33.95
C THR A 188 -11.89 -4.54 -32.63
N LEU A 189 -12.03 -5.74 -32.08
CA LEU A 189 -12.73 -5.90 -30.82
C LEU A 189 -11.94 -5.25 -29.68
N ALA A 190 -12.66 -4.95 -28.60
CA ALA A 190 -12.02 -4.34 -27.43
C ALA A 190 -10.96 -5.27 -26.85
N GLU A 191 -11.38 -6.44 -26.37
CA GLU A 191 -10.46 -7.44 -25.85
C GLU A 191 -10.88 -8.81 -26.37
N CYS A 192 -9.87 -9.67 -26.59
CA CYS A 192 -10.11 -10.98 -27.18
C CYS A 192 -9.00 -11.93 -26.71
N ARG A 193 -9.20 -13.23 -26.93
CA ARG A 193 -8.33 -14.25 -26.35
C ARG A 193 -7.74 -15.18 -27.40
N ASP A 194 -7.45 -14.67 -28.59
CA ASP A 194 -6.85 -15.48 -29.63
C ASP A 194 -5.32 -15.44 -29.54
N ARG A 195 -4.67 -16.41 -30.21
CA ARG A 195 -3.21 -16.45 -30.30
C ARG A 195 -2.76 -16.43 -31.75
N LEU A 196 -1.70 -15.68 -32.03
CA LEU A 196 -1.17 -15.56 -33.37
C LEU A 196 0.35 -15.71 -33.33
N ALA A 197 0.90 -16.31 -34.39
CA ALA A 197 2.33 -16.48 -34.53
C ALA A 197 2.74 -16.16 -35.97
N MET A 198 3.91 -15.57 -36.14
CA MET A 198 4.43 -15.15 -37.43
C MET A 198 5.84 -15.68 -37.59
N TYR A 199 6.06 -16.44 -38.67
CA TYR A 199 7.31 -17.14 -38.93
C TYR A 199 7.90 -16.69 -40.26
N ASP A 200 9.23 -16.73 -40.34
CA ASP A 200 9.99 -16.25 -41.50
C ASP A 200 10.11 -17.29 -42.60
N VAL A 201 9.66 -18.53 -42.37
CA VAL A 201 9.82 -19.58 -43.36
C VAL A 201 8.47 -20.14 -43.78
N ALA A 202 8.49 -21.15 -44.65
CA ALA A 202 7.25 -21.67 -45.23
C ALA A 202 6.40 -22.42 -44.22
N GLY A 203 6.98 -22.93 -43.15
CA GLY A 203 6.24 -23.70 -42.18
C GLY A 203 6.44 -23.22 -40.76
N PRO A 204 5.59 -23.70 -39.86
CA PRO A 204 5.70 -23.29 -38.45
C PRO A 204 6.91 -23.89 -37.75
N LEU A 205 8.11 -23.47 -38.14
CA LEU A 205 9.33 -23.91 -37.47
C LEU A 205 9.63 -22.97 -36.30
N GLU A 206 9.80 -23.54 -35.11
CA GLU A 206 9.96 -22.74 -33.91
C GLU A 206 11.23 -21.89 -33.98
N LYS A 207 12.31 -22.45 -34.55
CA LYS A 207 13.56 -21.72 -34.64
C LYS A 207 13.49 -20.52 -35.56
N ARG A 208 12.47 -20.43 -36.41
CA ARG A 208 12.32 -19.35 -37.37
C ARG A 208 11.15 -18.43 -37.04
N LEU A 209 10.74 -18.39 -35.77
CA LEU A 209 9.60 -17.58 -35.36
C LEU A 209 9.98 -16.11 -35.35
N ILE A 210 9.33 -15.31 -36.19
CA ILE A 210 9.57 -13.87 -36.17
C ILE A 210 9.00 -13.27 -34.90
N THR A 211 7.70 -13.47 -34.66
CA THR A 211 7.10 -12.90 -33.45
C THR A 211 5.77 -13.59 -33.15
N SER A 212 5.49 -13.74 -31.86
CA SER A 212 4.25 -14.37 -31.41
C SER A 212 3.44 -13.36 -30.60
N VAL A 213 2.20 -13.14 -31.01
CA VAL A 213 1.30 -12.23 -30.33
C VAL A 213 0.34 -13.06 -29.49
N TYR A 214 0.45 -12.91 -28.17
CA TYR A 214 -0.48 -13.45 -27.21
C TYR A 214 -1.32 -12.31 -26.64
N GLY A 215 -2.60 -12.58 -26.43
CA GLY A 215 -3.47 -11.57 -25.87
C GLY A 215 -4.00 -10.60 -26.91
N CYS A 216 -4.74 -9.61 -26.41
CA CYS A 216 -5.50 -8.72 -27.28
C CYS A 216 -5.71 -7.42 -26.49
N SER A 217 -4.85 -6.44 -26.75
CA SER A 217 -4.62 -5.34 -25.82
C SER A 217 -5.32 -4.06 -26.25
N ARG A 218 -5.44 -3.13 -25.30
CA ARG A 218 -6.04 -1.83 -25.51
C ARG A 218 -5.03 -0.73 -25.79
N GLN A 219 -3.80 -0.88 -25.29
CA GLN A 219 -2.83 0.21 -25.35
C GLN A 219 -2.45 0.54 -26.80
N GLU A 220 -2.12 -0.48 -27.59
CA GLU A 220 -1.72 -0.29 -28.97
C GLU A 220 -2.60 -1.14 -29.89
N PRO A 221 -3.22 -0.54 -30.89
CA PRO A 221 -4.09 -1.31 -31.80
C PRO A 221 -3.41 -1.85 -33.05
N VAL A 222 -2.21 -1.37 -33.38
CA VAL A 222 -1.55 -1.67 -34.65
C VAL A 222 -0.25 -2.40 -34.38
N VAL A 223 -0.04 -3.52 -35.07
CA VAL A 223 1.18 -4.31 -34.98
C VAL A 223 1.72 -4.49 -36.39
N GLU A 224 2.91 -3.96 -36.64
CA GLU A 224 3.50 -3.96 -37.98
C GLU A 224 4.77 -4.80 -37.96
N VAL A 225 4.78 -5.87 -38.74
CA VAL A 225 5.84 -6.89 -38.68
C VAL A 225 6.52 -6.99 -40.04
N LEU A 226 7.85 -7.01 -40.03
CA LEU A 226 8.66 -7.20 -41.22
C LEU A 226 9.27 -8.60 -41.22
N ALA A 227 9.60 -9.09 -42.42
CA ALA A 227 10.18 -10.41 -42.60
C ALA A 227 11.46 -10.29 -43.42
N SER A 228 12.52 -10.96 -42.96
CA SER A 228 13.81 -10.85 -43.64
C SER A 228 13.75 -11.40 -45.05
N GLY A 229 13.04 -12.50 -45.26
CA GLY A 229 12.97 -13.15 -46.55
C GLY A 229 11.82 -12.65 -47.39
N ALA A 230 11.48 -13.44 -48.41
CA ALA A 230 10.35 -13.15 -49.29
C ALA A 230 9.15 -14.03 -49.02
N ILE A 231 9.26 -14.99 -48.11
CA ILE A 231 8.16 -15.87 -47.75
C ILE A 231 7.83 -15.64 -46.28
N MET A 232 6.62 -16.07 -45.89
CA MET A 232 6.14 -15.81 -44.53
C MET A 232 5.02 -16.77 -44.21
N ALA A 233 4.91 -17.13 -42.93
CA ALA A 233 3.83 -18.00 -42.46
C ALA A 233 3.13 -17.35 -41.27
N VAL A 234 1.80 -17.40 -41.26
CA VAL A 234 1.02 -16.84 -40.17
C VAL A 234 0.11 -17.93 -39.64
N VAL A 235 0.16 -18.20 -38.33
CA VAL A 235 -0.60 -19.27 -37.70
C VAL A 235 -1.51 -18.67 -36.63
N TRP A 236 -2.80 -18.92 -36.73
CA TRP A 236 -3.80 -18.46 -35.77
C TRP A 236 -4.41 -19.64 -35.04
N LYS A 237 -4.52 -19.53 -33.72
CA LYS A 237 -5.03 -20.64 -32.91
C LYS A 237 -5.82 -20.14 -31.72
N LYS A 238 -6.69 -21.02 -31.22
CA LYS A 238 -7.51 -20.85 -30.01
C LYS A 238 -8.42 -19.62 -30.13
N GLY A 239 -9.40 -19.76 -31.01
CA GLY A 239 -10.57 -18.91 -30.90
C GLY A 239 -11.53 -19.56 -29.92
N LEU A 240 -11.49 -19.12 -28.66
CA LEU A 240 -12.17 -19.84 -27.59
C LEU A 240 -13.65 -19.48 -27.53
N HIS A 241 -13.96 -18.20 -27.35
CA HIS A 241 -15.33 -17.72 -27.33
C HIS A 241 -15.72 -17.33 -28.74
N SER A 242 -16.77 -17.95 -29.26
CA SER A 242 -17.06 -17.90 -30.69
C SER A 242 -17.63 -16.54 -31.08
N TYR A 243 -16.97 -15.89 -32.04
CA TYR A 243 -17.46 -14.69 -32.70
C TYR A 243 -16.72 -14.63 -34.04
N TYR A 244 -16.83 -13.52 -34.75
CA TYR A 244 -16.17 -13.39 -36.04
C TYR A 244 -15.53 -12.02 -36.15
N ASP A 245 -14.49 -11.95 -36.99
CA ASP A 245 -13.70 -10.75 -37.27
C ASP A 245 -13.08 -10.15 -36.01
N PRO A 246 -12.20 -10.86 -35.30
CA PRO A 246 -11.51 -10.24 -34.16
C PRO A 246 -10.35 -9.34 -34.55
N PHE A 247 -9.90 -9.42 -35.79
CA PHE A 247 -8.62 -8.83 -36.21
C PHE A 247 -8.57 -8.77 -37.73
N VAL A 248 -7.69 -7.89 -38.22
CA VAL A 248 -7.56 -7.61 -39.66
C VAL A 248 -6.09 -7.62 -40.03
N LEU A 249 -5.75 -8.34 -41.09
CA LEU A 249 -4.40 -8.36 -41.65
C LEU A 249 -4.38 -7.68 -43.01
N SER A 250 -3.42 -6.79 -43.20
CA SER A 250 -3.02 -6.36 -44.53
C SER A 250 -1.57 -6.79 -44.77
N VAL A 251 -1.18 -6.86 -46.03
CA VAL A 251 0.18 -7.26 -46.38
C VAL A 251 0.59 -6.55 -47.65
N GLN A 252 1.87 -6.18 -47.72
CA GLN A 252 2.36 -5.42 -48.88
C GLN A 252 3.86 -5.63 -49.01
N PRO A 253 4.39 -5.56 -50.24
CA PRO A 253 5.85 -5.60 -50.41
C PRO A 253 6.48 -4.23 -50.26
N VAL A 254 7.64 -4.21 -49.61
CA VAL A 254 8.37 -2.99 -49.29
C VAL A 254 9.81 -3.13 -49.77
N VAL A 255 10.35 -2.01 -50.28
CA VAL A 255 11.71 -1.98 -50.79
C VAL A 255 12.70 -1.97 -49.63
N PHE A 256 13.91 -2.44 -49.89
CA PHE A 256 14.99 -2.45 -48.91
C PHE A 256 15.90 -1.27 -49.14
N GLN A 257 16.15 -0.48 -48.08
CA GLN A 257 17.01 0.68 -48.15
C GLN A 257 17.99 0.66 -46.99
N ALA A 258 19.11 1.35 -47.17
CA ALA A 258 20.18 1.37 -46.18
C ALA A 258 19.93 2.46 -45.14
N CYS A 259 19.95 2.07 -43.87
CA CYS A 259 19.74 3.01 -42.76
C CYS A 259 21.02 3.71 -42.31
N GLU A 260 22.18 3.30 -42.82
CA GLU A 260 23.43 3.96 -42.46
C GLU A 260 23.47 5.38 -43.00
N VAL A 261 23.95 6.32 -42.18
CA VAL A 261 24.00 7.73 -42.56
C VAL A 261 25.33 8.34 -42.14
N ASN A 262 25.44 9.65 -42.39
CA ASN A 262 26.70 10.39 -42.39
C ASN A 262 26.33 11.87 -42.27
N LEU A 263 26.59 12.46 -41.10
CA LEU A 263 26.17 13.83 -40.86
C LEU A 263 27.19 14.54 -39.98
N THR A 264 27.12 15.87 -39.99
CA THR A 264 27.96 16.72 -39.15
C THR A 264 27.07 17.58 -38.28
N LEU A 265 27.32 17.58 -36.97
CA LEU A 265 26.48 18.31 -36.04
C LEU A 265 26.76 19.81 -36.10
N ASP A 266 25.72 20.59 -35.85
CA ASP A 266 25.82 22.05 -35.86
C ASP A 266 26.33 22.52 -34.50
N ASN A 267 26.22 23.82 -34.24
CA ASN A 267 26.62 24.41 -32.96
C ASN A 267 25.35 24.77 -32.19
N ARG A 268 24.96 23.90 -31.27
CA ARG A 268 23.73 24.08 -30.49
C ARG A 268 23.75 23.11 -29.32
N LEU A 269 22.84 23.34 -28.38
CA LEU A 269 22.61 22.43 -27.26
C LEU A 269 21.25 21.76 -27.33
N ASP A 270 20.52 21.94 -28.43
CA ASP A 270 19.19 21.37 -28.61
C ASP A 270 19.29 20.03 -29.34
N SER A 271 18.24 19.21 -29.16
CA SER A 271 18.15 17.94 -29.87
C SER A 271 17.98 18.20 -31.36
N GLN A 272 18.98 17.83 -32.16
CA GLN A 272 19.05 18.23 -33.55
C GLN A 272 18.41 17.22 -34.51
N GLY A 273 17.99 16.06 -34.04
CA GLY A 273 17.38 15.09 -34.93
C GLY A 273 17.22 13.75 -34.27
N VAL A 274 16.74 12.80 -35.08
CA VAL A 274 16.38 11.47 -34.61
C VAL A 274 17.12 10.41 -35.43
N LEU A 275 17.29 9.24 -34.83
CA LEU A 275 17.84 8.07 -35.48
C LEU A 275 16.86 6.92 -35.25
N SER A 276 16.46 6.25 -36.32
CA SER A 276 15.43 5.22 -36.21
C SER A 276 15.80 4.01 -37.05
N THR A 277 15.31 2.85 -36.63
CA THR A 277 15.46 1.64 -37.40
C THR A 277 14.61 1.73 -38.67
N PRO A 278 14.96 0.96 -39.71
CA PRO A 278 14.19 1.02 -40.95
C PRO A 278 12.70 0.76 -40.71
N TYR A 279 11.87 1.59 -41.33
CA TYR A 279 10.41 1.50 -41.23
C TYR A 279 9.95 1.56 -39.77
N PHE A 280 10.23 2.70 -39.14
CA PHE A 280 9.69 2.95 -37.81
C PHE A 280 8.20 3.28 -37.92
N PRO A 281 7.38 2.81 -36.97
CA PRO A 281 7.68 2.01 -35.78
C PRO A 281 7.46 0.52 -35.99
N SER A 282 7.52 0.04 -37.24
CA SER A 282 7.33 -1.37 -37.50
C SER A 282 8.47 -2.20 -36.89
N TYR A 283 8.15 -3.44 -36.53
CA TYR A 283 9.15 -4.37 -36.06
C TYR A 283 10.29 -4.47 -37.07
N TYR A 284 11.52 -4.26 -36.59
CA TYR A 284 12.67 -4.25 -37.48
C TYR A 284 12.92 -5.65 -38.06
N SER A 285 13.54 -5.66 -39.25
CA SER A 285 13.81 -6.91 -39.93
C SER A 285 14.80 -7.74 -39.13
N PRO A 286 14.70 -9.07 -39.18
CA PRO A 286 15.59 -9.92 -38.38
C PRO A 286 17.06 -9.76 -38.73
N GLN A 287 17.38 -9.33 -39.95
CA GLN A 287 18.76 -9.20 -40.41
C GLN A 287 19.12 -7.74 -40.68
N THR A 288 18.67 -6.83 -39.82
CA THR A 288 18.95 -5.42 -40.03
C THR A 288 20.38 -5.08 -39.61
N HIS A 289 20.88 -3.96 -40.12
CA HIS A 289 22.23 -3.50 -39.82
C HIS A 289 22.28 -2.00 -40.09
N CYS A 290 22.43 -1.21 -39.04
CA CYS A 290 22.46 0.24 -39.16
C CYS A 290 23.78 0.80 -38.67
N SER A 291 24.32 1.74 -39.43
CA SER A 291 25.58 2.41 -39.10
C SER A 291 25.37 3.90 -39.24
N TRP A 292 25.62 4.65 -38.17
CA TRP A 292 25.41 6.09 -38.13
C TRP A 292 26.73 6.76 -37.80
N HIS A 293 27.16 7.70 -38.66
CA HIS A 293 28.38 8.46 -38.40
C HIS A 293 28.02 9.93 -38.21
N LEU A 294 28.43 10.50 -37.09
CA LEU A 294 28.14 11.89 -36.77
C LEU A 294 29.41 12.62 -36.37
N THR A 295 29.56 13.85 -36.85
CA THR A 295 30.72 14.68 -36.56
C THR A 295 30.31 15.84 -35.67
N VAL A 296 30.91 15.92 -34.49
CA VAL A 296 30.70 17.04 -33.57
C VAL A 296 31.51 18.24 -34.06
N PRO A 297 31.06 19.46 -33.83
CA PRO A 297 31.82 20.62 -34.32
C PRO A 297 33.11 20.88 -33.57
N SER A 298 33.19 20.50 -32.30
CA SER A 298 34.38 20.74 -31.50
C SER A 298 34.51 19.66 -30.43
N LEU A 299 35.73 19.54 -29.90
CA LEU A 299 35.99 18.57 -28.85
C LEU A 299 35.37 18.95 -27.51
N ASP A 300 34.84 20.18 -27.38
CA ASP A 300 34.23 20.62 -26.15
C ASP A 300 32.80 20.12 -25.97
N TYR A 301 32.22 19.52 -27.01
CA TYR A 301 30.85 19.00 -26.96
C TYR A 301 30.87 17.48 -27.02
N GLY A 302 30.14 16.84 -26.11
CA GLY A 302 29.88 15.42 -26.19
C GLY A 302 28.49 15.15 -26.74
N LEU A 303 28.23 13.88 -27.04
CA LEU A 303 27.02 13.47 -27.74
C LEU A 303 26.04 12.83 -26.78
N ALA A 304 24.80 13.28 -26.80
CA ALA A 304 23.75 12.75 -25.95
C ALA A 304 22.72 12.03 -26.81
N LEU A 305 22.36 10.81 -26.39
CA LEU A 305 21.36 9.99 -27.07
C LEU A 305 20.24 9.72 -26.09
N TRP A 306 19.09 10.33 -26.32
CA TRP A 306 17.92 10.19 -25.44
C TRP A 306 17.01 9.11 -26.01
N PHE A 307 16.76 8.07 -25.22
CA PHE A 307 15.92 6.95 -25.61
C PHE A 307 14.50 7.14 -25.09
N ASP A 308 13.61 6.28 -25.52
CA ASP A 308 12.21 6.32 -25.11
C ASP A 308 11.77 4.88 -24.80
N ALA A 309 11.56 4.59 -23.51
CA ALA A 309 11.19 3.26 -23.05
C ALA A 309 12.22 2.22 -23.50
N TYR A 310 13.50 2.57 -23.43
CA TYR A 310 14.57 1.70 -23.89
C TYR A 310 15.85 2.13 -23.22
N ALA A 311 16.75 1.18 -23.00
CA ALA A 311 18.01 1.47 -22.31
C ALA A 311 19.08 0.49 -22.75
N LEU A 312 20.34 0.87 -22.52
CA LEU A 312 21.48 0.03 -22.83
C LEU A 312 22.11 -0.47 -21.54
N ARG A 313 22.78 -1.62 -21.61
CA ARG A 313 23.46 -2.19 -20.45
C ARG A 313 24.56 -3.12 -20.94
N ARG A 314 25.39 -3.57 -19.99
CA ARG A 314 26.54 -4.40 -20.31
C ARG A 314 26.13 -5.87 -20.44
N GLN A 315 27.01 -6.65 -21.05
CA GLN A 315 26.77 -8.05 -21.34
C GLN A 315 28.07 -8.83 -21.34
N LYS A 316 27.95 -10.13 -21.15
CA LYS A 316 29.10 -11.03 -21.25
C LYS A 316 29.17 -11.54 -22.68
N TYR A 317 30.38 -11.54 -23.24
CA TYR A 317 30.56 -11.64 -24.69
C TYR A 317 29.86 -12.85 -25.32
N ASP A 318 29.95 -14.02 -24.68
CA ASP A 318 29.36 -15.20 -25.31
C ASP A 318 27.85 -15.07 -25.42
N LEU A 319 27.20 -14.54 -24.39
CA LEU A 319 25.74 -14.45 -24.36
C LEU A 319 25.24 -13.64 -25.54
N PRO A 320 24.34 -14.17 -26.37
CA PRO A 320 23.68 -13.31 -27.36
C PRO A 320 22.43 -12.68 -26.78
N CYS A 321 22.33 -11.36 -26.86
CA CYS A 321 21.19 -10.65 -26.31
C CYS A 321 20.04 -10.59 -27.30
N THR A 322 18.83 -10.77 -26.78
CA THR A 322 17.65 -10.85 -27.62
C THR A 322 17.25 -9.48 -28.16
N GLN A 323 17.31 -8.44 -27.32
CA GLN A 323 16.74 -7.15 -27.67
C GLN A 323 17.46 -6.53 -28.87
N GLY A 324 18.78 -6.60 -28.89
CA GLY A 324 19.58 -6.02 -29.96
C GLY A 324 20.94 -5.63 -29.45
N GLN A 325 21.86 -5.40 -30.39
CA GLN A 325 23.24 -5.08 -30.06
C GLN A 325 23.59 -3.69 -30.59
N TRP A 326 24.04 -2.82 -29.70
CA TRP A 326 24.53 -1.49 -30.04
C TRP A 326 26.03 -1.43 -29.78
N THR A 327 26.81 -1.07 -30.79
CA THR A 327 28.24 -0.86 -30.61
C THR A 327 28.54 0.62 -30.76
N ILE A 328 29.16 1.19 -29.72
CA ILE A 328 29.53 2.59 -29.65
C ILE A 328 31.03 2.65 -29.46
N GLN A 329 31.76 3.00 -30.52
CA GLN A 329 33.22 3.12 -30.50
C GLN A 329 33.86 1.89 -29.87
N ASN A 330 33.56 0.74 -30.46
CA ASN A 330 34.10 -0.57 -30.10
C ASN A 330 33.61 -1.07 -28.74
N ARG A 331 32.79 -0.30 -28.04
CA ARG A 331 32.13 -0.79 -26.83
C ARG A 331 30.82 -1.45 -27.21
N ARG A 332 30.59 -2.65 -26.68
CA ARG A 332 29.40 -3.43 -27.04
C ARG A 332 28.38 -3.36 -25.92
N LEU A 333 27.12 -3.20 -26.30
CA LEU A 333 26.03 -3.00 -25.37
C LEU A 333 24.80 -3.71 -25.90
N CYS A 334 23.88 -4.05 -24.99
CA CYS A 334 22.64 -4.71 -25.39
C CYS A 334 21.46 -4.01 -24.75
N GLY A 335 20.38 -3.89 -25.53
CA GLY A 335 19.21 -3.16 -25.08
C GLY A 335 18.45 -3.90 -24.00
N LEU A 336 17.58 -3.15 -23.32
CA LEU A 336 16.74 -3.69 -22.26
C LEU A 336 15.51 -2.79 -22.18
N ARG A 337 14.37 -3.27 -22.67
CA ARG A 337 13.16 -2.46 -22.70
C ARG A 337 12.58 -2.34 -21.30
N ILE A 338 12.63 -1.12 -20.75
CA ILE A 338 12.11 -0.82 -19.43
C ILE A 338 11.22 0.41 -19.54
N LEU A 339 10.36 0.58 -18.54
CA LEU A 339 9.41 1.69 -18.54
C LEU A 339 9.95 2.91 -17.79
N GLN A 340 11.15 3.34 -18.17
CA GLN A 340 11.77 4.53 -17.62
C GLN A 340 12.61 5.19 -18.70
N PRO A 341 12.76 6.51 -18.66
CA PRO A 341 13.60 7.19 -19.66
C PRO A 341 15.07 6.90 -19.43
N TYR A 342 15.85 7.04 -20.50
CA TYR A 342 17.29 6.77 -20.43
C TYR A 342 18.01 7.71 -21.38
N ALA A 343 19.27 8.00 -21.04
CA ALA A 343 20.11 8.85 -21.87
C ALA A 343 21.54 8.34 -21.82
N GLU A 344 22.11 8.05 -22.98
CA GLU A 344 23.50 7.63 -23.11
C GLU A 344 24.34 8.82 -23.50
N ARG A 345 25.34 9.14 -22.68
CA ARG A 345 26.21 10.28 -22.92
C ARG A 345 27.60 9.78 -23.30
N ILE A 346 28.07 10.18 -24.47
CA ILE A 346 29.32 9.74 -25.07
C ILE A 346 30.27 10.92 -25.09
N PRO A 347 31.36 10.89 -24.32
CA PRO A 347 32.37 11.94 -24.42
C PRO A 347 33.26 11.75 -25.63
N VAL A 348 33.92 12.84 -26.03
CA VAL A 348 34.89 12.82 -27.11
C VAL A 348 36.23 13.30 -26.57
N VAL A 349 37.29 12.58 -26.91
CA VAL A 349 38.63 12.83 -26.40
C VAL A 349 39.61 13.16 -27.52
N ALA A 350 39.65 12.34 -28.55
CA ALA A 350 40.63 12.49 -29.63
C ALA A 350 40.00 12.70 -31.00
N THR A 351 38.92 12.01 -31.31
CA THR A 351 38.30 12.07 -32.63
C THR A 351 36.92 12.69 -32.53
N ALA A 352 36.65 13.66 -33.41
CA ALA A 352 35.34 14.30 -33.44
C ALA A 352 34.27 13.39 -34.04
N GLY A 353 34.67 12.37 -34.80
CA GLY A 353 33.70 11.46 -35.38
C GLY A 353 33.22 10.42 -34.38
N ILE A 354 31.93 10.10 -34.46
CA ILE A 354 31.29 9.13 -33.58
C ILE A 354 30.54 8.14 -34.45
N THR A 355 30.70 6.85 -34.13
CA THR A 355 30.11 5.76 -34.90
C THR A 355 29.17 4.96 -34.01
N ILE A 356 27.96 4.74 -34.49
CA ILE A 356 26.94 4.00 -33.74
C ILE A 356 26.42 2.89 -34.63
N ASN A 357 26.53 1.64 -34.17
CA ASN A 357 26.04 0.50 -34.95
C ASN A 357 24.92 -0.19 -34.19
N PHE A 358 23.88 -0.58 -34.92
CA PHE A 358 22.79 -1.39 -34.38
C PHE A 358 22.65 -2.65 -35.21
N THR A 359 22.67 -3.80 -34.54
CA THR A 359 22.59 -5.10 -35.19
C THR A 359 21.60 -5.99 -34.46
N SER A 360 20.85 -6.79 -35.22
CA SER A 360 19.98 -7.81 -34.66
C SER A 360 20.74 -9.12 -34.55
N GLN A 361 20.87 -9.64 -33.33
CA GLN A 361 21.78 -10.75 -33.07
C GLN A 361 21.12 -12.11 -33.25
N ILE A 362 19.83 -12.24 -32.95
CA ILE A 362 19.11 -13.50 -33.06
C ILE A 362 17.89 -13.29 -33.95
N SER A 363 17.11 -14.37 -34.08
CA SER A 363 15.96 -14.35 -34.98
C SER A 363 14.81 -13.52 -34.41
N LEU A 364 14.63 -13.56 -33.10
CA LEU A 364 13.51 -12.85 -32.48
C LEU A 364 13.71 -11.34 -32.58
N THR A 365 12.67 -10.63 -32.98
CA THR A 365 12.73 -9.19 -33.23
C THR A 365 11.74 -8.46 -32.33
N GLY A 366 12.19 -7.34 -31.77
CA GLY A 366 11.33 -6.47 -30.99
C GLY A 366 10.86 -5.26 -31.79
N PRO A 367 10.15 -4.36 -31.14
CA PRO A 367 9.64 -3.18 -31.84
C PRO A 367 10.75 -2.20 -32.20
N GLY A 368 10.42 -1.28 -33.11
CA GLY A 368 11.40 -0.34 -33.60
C GLY A 368 11.96 0.55 -32.51
N VAL A 369 13.15 1.09 -32.78
CA VAL A 369 13.90 1.90 -31.82
C VAL A 369 14.11 3.29 -32.43
N ARG A 370 13.76 4.32 -31.67
CA ARG A 370 14.00 5.71 -32.06
C ARG A 370 14.75 6.41 -30.94
N VAL A 371 15.82 7.12 -31.30
CA VAL A 371 16.67 7.80 -30.33
C VAL A 371 16.95 9.22 -30.81
N HIS A 372 16.80 10.19 -29.92
CA HIS A 372 17.06 11.58 -30.25
C HIS A 372 18.51 11.91 -29.95
N TYR A 373 19.21 12.52 -30.92
CA TYR A 373 20.63 12.83 -30.74
C TYR A 373 20.83 14.33 -30.61
N GLY A 374 21.78 14.71 -29.77
CA GLY A 374 22.06 16.12 -29.55
C GLY A 374 23.44 16.31 -28.95
N LEU A 375 23.78 17.58 -28.72
CA LEU A 375 25.07 17.95 -28.17
C LEU A 375 24.93 18.43 -26.73
N TYR A 376 26.02 18.31 -25.98
CA TYR A 376 26.06 18.81 -24.61
C TYR A 376 27.47 19.25 -24.27
N ASN A 377 27.61 20.42 -23.67
CA ASN A 377 28.91 20.90 -23.23
C ASN A 377 29.50 19.91 -22.21
N GLN A 378 30.75 19.51 -22.44
CA GLN A 378 31.37 18.47 -21.63
C GLN A 378 31.40 18.88 -20.15
N SER A 379 32.01 20.01 -19.85
CA SER A 379 31.97 20.52 -18.48
C SER A 379 30.55 20.94 -18.15
N ASP A 380 30.22 20.90 -16.85
CA ASP A 380 28.89 21.12 -16.24
C ASP A 380 27.79 20.74 -17.22
N PRO A 381 27.66 19.46 -17.57
CA PRO A 381 26.74 19.07 -18.66
C PRO A 381 25.32 19.55 -18.46
N CYS A 382 24.81 19.53 -17.23
CA CYS A 382 23.49 20.05 -16.95
C CYS A 382 23.64 21.45 -16.39
N PRO A 383 23.23 22.48 -17.12
CA PRO A 383 23.40 23.86 -16.62
C PRO A 383 22.30 24.22 -15.63
N GLY A 384 22.69 24.36 -14.37
CA GLY A 384 21.72 24.64 -13.33
C GLY A 384 20.95 23.44 -12.83
N GLU A 385 21.33 22.24 -13.26
CA GLU A 385 20.64 21.02 -12.88
C GLU A 385 21.65 20.05 -12.25
N PHE A 386 21.22 18.83 -11.98
CA PHE A 386 22.11 17.78 -11.52
C PHE A 386 21.97 16.56 -12.41
N LEU A 387 23.10 15.97 -12.80
CA LEU A 387 23.12 14.82 -13.69
C LEU A 387 23.18 13.54 -12.87
N CYS A 388 22.12 12.74 -12.95
CA CYS A 388 22.09 11.44 -12.28
C CYS A 388 22.95 10.47 -13.08
N SER A 389 23.95 9.88 -12.43
CA SER A 389 25.00 9.15 -13.15
C SER A 389 24.47 7.89 -13.81
N VAL A 390 23.57 7.16 -13.13
CA VAL A 390 23.18 5.83 -13.60
C VAL A 390 22.45 5.91 -14.94
N ASN A 391 21.55 6.88 -15.10
CA ASN A 391 20.72 6.98 -16.29
C ASN A 391 20.92 8.30 -17.05
N GLY A 392 21.94 9.08 -16.70
CA GLY A 392 22.34 10.23 -17.49
C GLY A 392 21.29 11.29 -17.75
N LEU A 393 20.45 11.61 -16.77
CA LEU A 393 19.42 12.61 -16.92
C LEU A 393 19.67 13.77 -15.96
N CYS A 394 19.30 14.96 -16.39
CA CYS A 394 19.44 16.16 -15.55
C CYS A 394 18.25 16.22 -14.59
N VAL A 395 18.54 16.06 -13.30
CA VAL A 395 17.50 16.05 -12.28
C VAL A 395 17.65 17.29 -11.40
N PRO A 396 16.55 17.81 -10.84
CA PRO A 396 16.66 18.98 -9.97
C PRO A 396 17.50 18.69 -8.73
N ALA A 397 18.25 19.70 -8.30
CA ALA A 397 19.19 19.58 -7.19
C ALA A 397 18.71 20.39 -6.00
N CYS A 398 18.64 19.74 -4.84
CA CYS A 398 18.26 20.38 -3.57
C CYS A 398 16.88 21.03 -3.67
N ASP A 399 15.89 20.18 -3.91
CA ASP A 399 14.49 20.57 -3.86
C ASP A 399 13.68 19.71 -2.89
N GLY A 400 14.35 18.90 -2.07
CA GLY A 400 13.67 18.05 -1.11
C GLY A 400 13.22 16.72 -1.64
N VAL A 401 13.38 16.46 -2.94
CA VAL A 401 12.95 15.22 -3.57
C VAL A 401 14.19 14.51 -4.10
N LYS A 402 14.35 13.24 -3.71
CA LYS A 402 15.45 12.43 -4.22
C LYS A 402 15.09 11.93 -5.61
N ASP A 403 15.92 12.27 -6.60
CA ASP A 403 15.65 11.94 -7.99
C ASP A 403 16.71 11.03 -8.60
N CYS A 404 17.60 10.46 -7.79
CA CYS A 404 18.66 9.58 -8.26
C CYS A 404 18.70 8.38 -7.31
N PRO A 405 18.95 7.17 -7.82
CA PRO A 405 18.85 5.98 -6.97
C PRO A 405 19.73 6.02 -5.74
N ASN A 406 20.92 6.61 -5.82
CA ASN A 406 21.78 6.77 -4.66
C ASN A 406 21.55 8.10 -3.94
N GLY A 407 20.65 8.94 -4.46
CA GLY A 407 20.31 10.18 -3.80
C GLY A 407 21.46 11.17 -3.68
N LEU A 408 22.23 11.32 -4.76
CA LEU A 408 23.33 12.27 -4.76
C LEU A 408 22.89 13.69 -5.10
N ASP A 409 21.68 13.87 -5.64
CA ASP A 409 21.19 15.22 -5.90
C ASP A 409 20.81 15.93 -4.61
N GLU A 410 20.42 15.18 -3.58
CA GLU A 410 20.03 15.74 -2.28
C GLU A 410 21.09 15.31 -1.27
N ARG A 411 22.19 16.05 -1.23
CA ARG A 411 23.30 15.74 -0.32
C ARG A 411 24.22 16.95 -0.25
N ASN A 412 24.62 17.30 0.98
CA ASN A 412 25.73 18.22 1.27
C ASN A 412 25.67 19.52 0.45
N CYS A 413 24.49 20.12 0.40
CA CYS A 413 24.35 21.45 -0.20
C CYS A 413 23.88 22.45 0.86
N VAL A 414 23.83 23.72 0.46
CA VAL A 414 23.85 24.82 1.42
C VAL A 414 22.49 25.00 2.11
N CYS A 415 21.42 25.18 1.33
CA CYS A 415 20.08 25.37 1.87
C CYS A 415 19.14 24.47 1.07
N ARG A 416 18.75 23.34 1.65
CA ARG A 416 17.86 22.42 0.97
C ARG A 416 16.44 23.00 0.93
N ALA A 417 15.95 23.26 -0.28
CA ALA A 417 14.60 23.79 -0.50
C ALA A 417 14.39 25.12 0.21
N THR A 418 15.46 25.88 0.41
CA THR A 418 15.40 27.14 1.13
C THR A 418 16.34 28.15 0.45
N PHE A 419 15.98 29.42 0.54
CA PHE A 419 16.75 30.46 -0.13
C PHE A 419 17.94 30.86 0.73
N GLN A 420 19.04 31.24 0.08
CA GLN A 420 20.32 31.48 0.72
C GLN A 420 20.68 32.96 0.60
N CYS A 421 20.68 33.68 1.72
CA CYS A 421 21.26 35.02 1.74
C CYS A 421 22.77 34.91 1.54
N LYS A 422 23.32 35.82 0.74
CA LYS A 422 24.74 35.79 0.46
C LYS A 422 25.56 36.70 1.36
N GLU A 423 24.94 37.69 2.00
CA GLU A 423 25.68 38.60 2.85
C GLU A 423 26.29 37.88 4.05
N ASP A 424 25.56 36.94 4.65
CA ASP A 424 26.07 36.25 5.83
C ASP A 424 25.72 34.76 5.86
N SER A 425 25.31 34.19 4.73
CA SER A 425 24.99 32.77 4.62
C SER A 425 23.98 32.31 5.68
N THR A 426 22.76 32.81 5.54
CA THR A 426 21.65 32.41 6.39
C THR A 426 20.47 32.01 5.51
N CYS A 427 19.96 30.80 5.72
CA CYS A 427 18.82 30.33 4.94
C CYS A 427 17.55 31.08 5.36
N ILE A 428 16.79 31.57 4.39
CA ILE A 428 15.48 32.16 4.64
C ILE A 428 14.46 31.55 3.69
N SER A 429 13.20 31.60 4.11
CA SER A 429 12.14 30.93 3.37
C SER A 429 11.88 31.58 2.02
N LEU A 430 11.54 30.76 1.04
CA LEU A 430 11.25 31.27 -0.30
C LEU A 430 10.10 32.28 -0.34
N PRO A 431 8.96 32.08 0.36
CA PRO A 431 7.90 33.09 0.30
C PRO A 431 8.33 34.47 0.76
N LYS A 432 9.46 34.57 1.47
CA LYS A 432 10.01 35.86 1.90
C LYS A 432 10.90 36.51 0.85
N VAL A 433 11.13 35.85 -0.28
CA VAL A 433 12.01 36.39 -1.32
C VAL A 433 11.18 37.21 -2.30
N CYS A 434 11.59 38.47 -2.49
CA CYS A 434 10.96 39.41 -3.42
C CYS A 434 9.51 39.70 -3.06
N ASP A 435 9.12 39.50 -1.80
CA ASP A 435 7.73 39.74 -1.41
C ASP A 435 7.43 41.22 -1.23
N GLY A 436 8.40 42.01 -0.75
CA GLY A 436 8.17 43.44 -0.58
C GLY A 436 8.78 44.03 0.68
N GLN A 437 9.40 43.19 1.52
CA GLN A 437 10.08 43.66 2.73
C GLN A 437 11.41 42.92 2.85
N PRO A 438 12.50 43.62 3.13
CA PRO A 438 13.82 42.95 3.18
C PRO A 438 13.94 42.06 4.42
N ASP A 439 14.37 40.82 4.20
CA ASP A 439 14.61 39.88 5.29
C ASP A 439 16.05 39.43 5.41
N CYS A 440 16.82 39.41 4.33
CA CYS A 440 18.26 39.34 4.48
C CYS A 440 18.74 40.62 5.17
N LEU A 441 19.80 40.49 5.97
CA LEU A 441 20.16 41.57 6.88
C LEU A 441 20.44 42.87 6.13
N ASN A 442 20.92 42.80 4.89
CA ASN A 442 21.23 44.01 4.14
C ASN A 442 20.62 43.96 2.74
N GLY A 443 19.48 43.28 2.60
CA GLY A 443 18.63 43.47 1.45
C GLY A 443 18.91 42.63 0.22
N SER A 444 19.65 41.52 0.34
CA SER A 444 19.95 40.73 -0.84
C SER A 444 18.72 40.01 -1.37
N ASP A 445 17.78 39.63 -0.48
CA ASP A 445 16.64 38.82 -0.90
C ASP A 445 15.79 39.51 -1.94
N GLU A 446 15.68 40.84 -1.88
CA GLU A 446 14.84 41.60 -2.80
C GLU A 446 15.67 42.41 -3.79
N GLU A 447 16.80 41.87 -4.22
CA GLU A 447 17.57 42.43 -5.31
C GLU A 447 17.34 41.63 -6.59
N GLN A 448 17.55 42.29 -7.72
CA GLN A 448 17.41 41.71 -9.07
C GLN A 448 16.10 40.92 -9.22
N CYS A 449 15.03 41.39 -8.55
CA CYS A 449 13.74 40.73 -8.68
C CYS A 449 13.11 40.92 -10.04
N GLN A 450 13.49 41.98 -10.77
CA GLN A 450 12.83 42.33 -12.01
C GLN A 450 13.58 41.90 -13.26
N GLU A 451 14.91 41.86 -13.20
CA GLU A 451 15.70 41.52 -14.38
C GLU A 451 15.77 40.01 -14.59
N GLY A 452 16.47 39.60 -15.63
CA GLY A 452 16.70 38.18 -15.87
C GLY A 452 17.86 37.65 -15.05
N VAL A 453 17.70 36.41 -14.57
CA VAL A 453 18.68 35.76 -13.71
C VAL A 453 19.07 34.43 -14.36
N PRO A 454 20.06 33.70 -13.84
CA PRO A 454 20.29 32.34 -14.32
C PRO A 454 19.45 31.33 -13.57
N CYS A 455 18.91 30.36 -14.31
CA CYS A 455 17.94 29.44 -13.73
C CYS A 455 18.60 28.48 -12.75
N GLY A 456 17.78 27.99 -11.81
CA GLY A 456 18.22 27.03 -10.81
C GLY A 456 17.05 26.22 -10.36
N THR A 457 16.94 26.01 -9.05
CA THR A 457 15.80 25.31 -8.48
C THR A 457 14.72 26.32 -8.11
N PHE A 458 13.47 25.98 -8.42
CA PHE A 458 12.31 26.85 -8.17
C PHE A 458 12.47 28.20 -8.86
N THR A 459 12.83 28.16 -10.14
CA THR A 459 12.93 29.36 -10.97
C THR A 459 12.03 29.17 -12.19
N PHE A 460 10.91 29.91 -12.21
CA PHE A 460 9.96 29.78 -13.31
C PHE A 460 10.56 30.34 -14.59
N GLN A 461 10.46 29.57 -15.67
CA GLN A 461 11.12 29.90 -16.93
C GLN A 461 10.08 30.41 -17.92
N CYS A 462 10.15 31.71 -18.24
CA CYS A 462 9.21 32.31 -19.17
C CYS A 462 9.44 31.76 -20.58
N GLU A 463 8.51 32.07 -21.49
CA GLU A 463 8.45 31.40 -22.78
C GLU A 463 9.70 31.62 -23.63
N ASP A 464 10.45 32.70 -23.40
CA ASP A 464 11.66 32.97 -24.16
C ASP A 464 12.91 32.43 -23.49
N ARG A 465 12.79 31.34 -22.74
CA ARG A 465 13.92 30.67 -22.11
C ARG A 465 14.67 31.60 -21.14
N SER A 466 13.93 32.53 -20.53
CA SER A 466 14.46 33.41 -19.50
C SER A 466 14.06 32.89 -18.11
N CYS A 467 14.68 33.46 -17.09
CA CYS A 467 14.51 32.98 -15.73
C CYS A 467 13.91 34.09 -14.87
N VAL A 468 13.35 33.68 -13.73
CA VAL A 468 12.72 34.60 -12.78
C VAL A 468 13.22 34.28 -11.38
N LYS A 469 13.59 35.33 -10.63
CA LYS A 469 14.07 35.12 -9.27
C LYS A 469 12.95 34.75 -8.31
N LYS A 470 11.80 35.42 -8.43
CA LYS A 470 10.74 35.26 -7.45
C LYS A 470 10.16 33.85 -7.51
N PRO A 471 10.06 33.15 -6.39
CA PRO A 471 9.45 31.81 -6.41
C PRO A 471 7.95 31.89 -6.52
N ASN A 472 7.39 30.98 -7.30
CA ASN A 472 5.95 30.94 -7.59
C ASN A 472 5.42 32.27 -8.11
N PRO A 473 5.94 32.77 -9.24
CA PRO A 473 5.43 34.03 -9.79
C PRO A 473 4.22 33.87 -10.70
N GLN A 474 3.79 32.63 -10.93
CA GLN A 474 2.73 32.35 -11.91
C GLN A 474 1.37 32.75 -11.34
N CYS A 475 0.66 33.60 -12.09
CA CYS A 475 -0.73 33.97 -11.79
C CYS A 475 -0.85 34.61 -10.41
N ASP A 476 -0.20 35.76 -10.25
CA ASP A 476 -0.28 36.53 -9.01
C ASP A 476 -0.69 37.98 -9.23
N GLY A 477 -1.22 38.29 -10.41
CA GLY A 477 -1.77 39.61 -10.66
C GLY A 477 -0.76 40.74 -10.77
N ARG A 478 0.47 40.43 -11.15
CA ARG A 478 1.48 41.46 -11.41
C ARG A 478 2.61 40.88 -12.24
N PRO A 479 3.00 41.53 -13.33
CA PRO A 479 4.06 40.98 -14.20
C PRO A 479 5.36 40.79 -13.44
N ASP A 480 6.04 39.68 -13.73
CA ASP A 480 7.27 39.32 -13.03
C ASP A 480 8.46 39.06 -13.94
N CYS A 481 8.26 38.91 -15.25
CA CYS A 481 9.37 38.80 -16.18
C CYS A 481 9.05 39.64 -17.40
N ARG A 482 10.10 39.91 -18.19
CA ARG A 482 9.95 40.78 -19.36
C ARG A 482 8.92 40.21 -20.33
N ASP A 483 8.92 38.89 -20.52
CA ASP A 483 7.99 38.27 -21.46
C ASP A 483 6.55 38.49 -21.05
N GLY A 484 6.26 38.37 -19.76
CA GLY A 484 4.89 38.46 -19.29
C GLY A 484 4.07 37.22 -19.50
N SER A 485 4.71 36.05 -19.53
CA SER A 485 4.03 34.79 -19.79
C SER A 485 3.51 34.11 -18.54
N ASP A 486 3.78 34.67 -17.35
CA ASP A 486 3.32 34.08 -16.11
C ASP A 486 1.98 34.65 -15.66
N GLU A 487 1.36 35.54 -16.44
CA GLU A 487 0.02 36.02 -16.15
C GLU A 487 -0.96 35.71 -17.28
N GLU A 488 -0.50 35.14 -18.39
CA GLU A 488 -1.40 34.76 -19.47
C GLU A 488 -2.06 33.43 -19.15
N HIS A 489 -3.33 33.32 -19.52
CA HIS A 489 -4.16 32.14 -19.23
C HIS A 489 -4.32 31.91 -17.73
N CYS A 490 -4.37 32.98 -16.94
CA CYS A 490 -4.68 32.88 -15.51
C CYS A 490 -6.16 33.16 -15.26
N ASP A 491 -6.99 32.36 -15.92
CA ASP A 491 -8.43 32.43 -15.75
C ASP A 491 -8.96 31.36 -14.80
N CYS A 492 -8.10 30.47 -14.32
CA CYS A 492 -8.48 29.34 -13.50
C CYS A 492 -8.32 29.66 -12.01
N GLY A 493 -8.78 28.71 -11.19
CA GLY A 493 -8.44 28.71 -9.77
C GLY A 493 -9.24 29.64 -8.89
N LEU A 494 -10.35 30.17 -9.37
CA LEU A 494 -11.17 31.09 -8.59
C LEU A 494 -12.49 30.42 -8.20
N GLN A 495 -12.76 30.35 -6.91
CA GLN A 495 -14.02 29.81 -6.43
C GLN A 495 -15.16 30.80 -6.69
N GLY A 496 -16.37 30.27 -6.76
CA GLY A 496 -17.55 31.09 -6.97
C GLY A 496 -17.86 32.02 -5.81
N ALA A 505 -16.70 18.12 6.15
CA ALA A 505 -17.76 19.10 5.97
C ALA A 505 -18.34 19.04 4.56
N VAL A 506 -19.61 19.40 4.43
CA VAL A 506 -20.31 19.33 3.16
C VAL A 506 -19.97 20.55 2.32
N SER A 507 -19.59 20.34 1.06
CA SER A 507 -19.31 21.44 0.16
C SER A 507 -20.61 22.10 -0.30
N SER A 508 -20.48 23.32 -0.80
CA SER A 508 -21.62 24.13 -1.19
C SER A 508 -21.88 24.00 -2.69
N GLU A 509 -22.79 24.83 -3.21
CA GLU A 509 -23.21 24.79 -4.61
C GLU A 509 -22.28 25.65 -5.45
N GLY A 510 -21.03 25.19 -5.58
CA GLY A 510 -20.06 25.91 -6.35
C GLY A 510 -18.78 26.24 -5.61
N GLU A 511 -18.53 25.54 -4.51
CA GLU A 511 -17.32 25.75 -3.74
C GLU A 511 -16.10 25.19 -4.46
N TRP A 512 -16.27 24.11 -5.22
CA TRP A 512 -15.17 23.43 -5.92
C TRP A 512 -15.60 23.22 -7.37
N PRO A 513 -15.51 24.27 -8.20
CA PRO A 513 -16.08 24.18 -9.56
C PRO A 513 -15.40 23.18 -10.48
N TRP A 514 -14.18 22.75 -10.17
CA TRP A 514 -13.43 21.88 -11.06
C TRP A 514 -13.68 20.39 -10.83
N GLN A 515 -14.51 20.03 -9.85
CA GLN A 515 -14.67 18.64 -9.47
C GLN A 515 -15.59 17.92 -10.47
N ALA A 516 -15.14 16.77 -10.96
CA ALA A 516 -15.87 15.98 -11.95
C ALA A 516 -16.05 14.57 -11.44
N SER A 517 -17.16 13.94 -11.83
CA SER A 517 -17.47 12.57 -11.46
C SER A 517 -17.43 11.69 -12.70
N LEU A 518 -16.63 10.63 -12.65
CA LEU A 518 -16.50 9.66 -13.73
C LEU A 518 -17.32 8.43 -13.36
N GLN A 519 -18.39 8.18 -14.14
CA GLN A 519 -19.40 7.17 -13.85
C GLN A 519 -19.62 6.28 -15.06
N VAL A 520 -19.93 5.01 -14.81
CA VAL A 520 -20.40 4.09 -15.84
C VAL A 520 -21.60 3.35 -15.29
N ARG A 521 -22.63 3.19 -16.13
CA ARG A 521 -23.85 2.46 -15.76
C ARG A 521 -24.54 3.10 -14.57
N GLY A 522 -24.38 4.41 -14.41
CA GLY A 522 -25.10 5.16 -13.39
C GLY A 522 -24.50 5.15 -12.00
N ARG A 523 -23.25 4.70 -11.84
CA ARG A 523 -22.61 4.70 -10.53
C ARG A 523 -21.24 5.37 -10.61
N HIS A 524 -20.87 6.03 -9.52
CA HIS A 524 -19.65 6.83 -9.46
C HIS A 524 -18.45 5.96 -9.10
N ILE A 525 -17.54 5.76 -10.07
CA ILE A 525 -16.32 5.03 -9.75
C ILE A 525 -15.18 5.97 -9.38
N CYS A 526 -14.99 7.08 -10.08
CA CYS A 526 -13.87 7.94 -9.73
C CYS A 526 -14.23 9.41 -9.81
N GLY A 527 -13.35 10.24 -9.25
CA GLY A 527 -13.46 11.67 -9.34
C GLY A 527 -12.25 12.25 -10.03
N GLY A 528 -12.37 13.48 -10.52
CA GLY A 528 -11.33 14.06 -11.35
C GLY A 528 -11.39 15.58 -11.27
N ALA A 529 -10.37 16.20 -11.87
CA ALA A 529 -10.23 17.64 -11.85
C ALA A 529 -10.08 18.15 -13.27
N LEU A 530 -10.93 19.12 -13.63
CA LEU A 530 -10.86 19.73 -14.95
C LEU A 530 -9.63 20.63 -15.05
N ILE A 531 -8.79 20.37 -16.04
CA ILE A 531 -7.56 21.13 -16.22
C ILE A 531 -7.57 21.98 -17.49
N ALA A 532 -8.43 21.68 -18.45
CA ALA A 532 -8.53 22.47 -19.66
C ALA A 532 -9.99 22.49 -20.10
N ASP A 533 -10.26 23.08 -21.27
CA ASP A 533 -11.63 23.14 -21.76
C ASP A 533 -12.16 21.78 -22.18
N ARG A 534 -11.27 20.86 -22.58
CA ARG A 534 -11.71 19.57 -23.08
C ARG A 534 -11.00 18.39 -22.41
N TRP A 535 -10.22 18.61 -21.36
CA TRP A 535 -9.44 17.53 -20.77
C TRP A 535 -9.73 17.43 -19.27
N VAL A 536 -9.75 16.19 -18.79
CA VAL A 536 -10.00 15.89 -17.38
C VAL A 536 -8.90 14.94 -16.93
N ILE A 537 -8.19 15.30 -15.88
CA ILE A 537 -7.13 14.45 -15.34
C ILE A 537 -7.75 13.55 -14.28
N THR A 538 -7.14 12.37 -14.08
CA THR A 538 -7.59 11.43 -13.07
C THR A 538 -6.47 10.44 -12.81
N ALA A 539 -6.77 9.41 -12.02
CA ALA A 539 -5.82 8.35 -11.75
C ALA A 539 -5.99 7.20 -12.74
N ALA A 540 -4.90 6.50 -13.01
CA ALA A 540 -4.90 5.42 -13.99
C ALA A 540 -5.55 4.15 -13.42
N HIS A 541 -5.27 3.83 -12.16
CA HIS A 541 -5.82 2.65 -11.50
C HIS A 541 -7.35 2.58 -11.47
N CYS A 542 -8.06 3.59 -12.00
CA CYS A 542 -9.51 3.44 -12.11
C CYS A 542 -9.90 2.56 -13.28
N PHE A 543 -9.07 2.53 -14.32
CA PHE A 543 -9.36 1.76 -15.51
C PHE A 543 -8.68 0.40 -15.48
N GLN A 544 -8.14 0.01 -14.32
CA GLN A 544 -7.44 -1.26 -14.18
C GLN A 544 -8.36 -2.45 -14.38
N GLU A 545 -9.65 -2.29 -14.06
CA GLU A 545 -10.59 -3.41 -14.09
C GLU A 545 -10.80 -3.89 -15.53
N ASP A 546 -11.58 -4.96 -15.65
CA ASP A 546 -11.65 -5.70 -16.91
C ASP A 546 -12.55 -5.00 -17.93
N SER A 547 -13.83 -4.86 -17.62
CA SER A 547 -14.78 -4.29 -18.57
C SER A 547 -14.72 -2.77 -18.65
N MET A 548 -14.06 -2.11 -17.70
CA MET A 548 -14.14 -0.66 -17.59
C MET A 548 -13.18 0.08 -18.52
N ALA A 549 -12.32 -0.64 -19.26
CA ALA A 549 -11.32 0.02 -20.08
C ALA A 549 -11.88 0.55 -21.39
N SER A 550 -13.10 0.17 -21.77
CA SER A 550 -13.68 0.63 -23.02
C SER A 550 -14.07 2.10 -22.91
N THR A 551 -13.74 2.88 -23.93
CA THR A 551 -14.01 4.32 -23.92
C THR A 551 -15.50 4.62 -23.97
N VAL A 552 -16.29 3.77 -24.64
CA VAL A 552 -17.71 4.05 -24.84
C VAL A 552 -18.46 4.09 -23.50
N LEU A 553 -18.05 3.24 -22.55
CA LEU A 553 -18.81 3.07 -21.32
C LEU A 553 -18.90 4.38 -20.53
N TRP A 554 -17.77 5.07 -20.36
CA TRP A 554 -17.68 6.11 -19.35
C TRP A 554 -18.50 7.35 -19.71
N THR A 555 -18.89 8.09 -18.67
CA THR A 555 -19.60 9.36 -18.80
C THR A 555 -19.13 10.27 -17.68
N VAL A 556 -18.93 11.55 -18.00
CA VAL A 556 -18.38 12.51 -17.05
C VAL A 556 -19.46 13.52 -16.68
N PHE A 557 -19.53 13.85 -15.40
CA PHE A 557 -20.48 14.83 -14.87
C PHE A 557 -19.70 15.96 -14.23
N LEU A 558 -20.06 17.20 -14.60
CA LEU A 558 -19.41 18.40 -14.11
C LEU A 558 -20.42 19.29 -13.41
N GLY A 559 -19.95 19.97 -12.36
CA GLY A 559 -20.79 20.89 -11.61
C GLY A 559 -21.93 20.25 -10.85
N LYS A 560 -21.69 19.13 -10.17
CA LYS A 560 -22.68 18.50 -9.31
C LYS A 560 -22.06 18.20 -7.96
N VAL A 561 -22.87 18.34 -6.91
CA VAL A 561 -22.44 18.06 -5.55
C VAL A 561 -23.23 16.91 -4.93
N TRP A 562 -24.52 16.81 -5.24
CA TRP A 562 -25.38 15.76 -4.70
C TRP A 562 -25.48 14.61 -5.71
N GLN A 563 -25.14 13.41 -5.26
CA GLN A 563 -25.25 12.23 -6.13
C GLN A 563 -26.70 11.81 -6.34
N ASN A 564 -27.56 12.04 -5.35
CA ASN A 564 -28.90 11.46 -5.38
C ASN A 564 -29.74 12.08 -6.49
N SER A 565 -29.96 13.39 -6.44
CA SER A 565 -30.93 14.05 -7.31
C SER A 565 -30.22 15.07 -8.19
N ARG A 566 -30.74 15.24 -9.41
CA ARG A 566 -30.23 16.23 -10.32
C ARG A 566 -30.50 17.64 -9.81
N TRP A 567 -29.56 18.55 -10.06
CA TRP A 567 -29.71 19.96 -9.78
C TRP A 567 -29.38 20.77 -11.03
N PRO A 568 -29.94 21.97 -11.17
CA PRO A 568 -29.77 22.74 -12.41
C PRO A 568 -28.33 22.84 -12.92
N GLY A 569 -27.35 22.90 -12.03
CA GLY A 569 -26.00 23.25 -12.45
C GLY A 569 -25.33 22.22 -13.33
N GLU A 570 -25.54 20.93 -13.05
CA GLU A 570 -24.68 19.90 -13.60
C GLU A 570 -24.83 19.79 -15.11
N VAL A 571 -23.74 19.36 -15.76
CA VAL A 571 -23.70 19.07 -17.19
C VAL A 571 -23.02 17.73 -17.35
N SER A 572 -23.36 17.02 -18.43
CA SER A 572 -22.82 15.69 -18.68
C SER A 572 -22.17 15.65 -20.06
N PHE A 573 -20.94 15.12 -20.11
CA PHE A 573 -20.24 14.91 -21.36
C PHE A 573 -19.84 13.45 -21.51
N LYS A 574 -19.41 13.11 -22.72
CA LYS A 574 -18.94 11.78 -23.09
C LYS A 574 -17.44 11.81 -23.32
N VAL A 575 -16.79 10.69 -23.06
CA VAL A 575 -15.33 10.58 -23.18
C VAL A 575 -14.99 10.23 -24.62
N SER A 576 -14.23 11.11 -25.28
CA SER A 576 -13.83 10.88 -26.66
C SER A 576 -12.56 10.04 -26.76
N ARG A 577 -11.51 10.45 -26.04
CA ARG A 577 -10.26 9.70 -25.99
C ARG A 577 -9.87 9.46 -24.54
N LEU A 578 -8.99 8.49 -24.34
CA LEU A 578 -8.52 8.14 -23.00
C LEU A 578 -7.07 7.71 -23.11
N LEU A 579 -6.18 8.48 -22.49
CA LEU A 579 -4.74 8.23 -22.58
C LEU A 579 -4.17 7.96 -21.20
N LEU A 580 -3.62 6.76 -21.02
CA LEU A 580 -2.84 6.43 -19.84
C LEU A 580 -1.39 6.87 -20.04
N HIS A 581 -0.67 6.99 -18.94
CA HIS A 581 0.73 7.39 -19.06
C HIS A 581 1.54 6.19 -19.54
N PRO A 582 2.40 6.37 -20.56
CA PRO A 582 3.11 5.21 -21.13
C PRO A 582 3.92 4.41 -20.14
N TYR A 583 4.52 5.04 -19.12
CA TYR A 583 5.33 4.33 -18.15
C TYR A 583 4.55 3.88 -16.93
N HIS A 584 3.22 3.82 -17.01
CA HIS A 584 2.41 3.44 -15.86
C HIS A 584 2.69 1.99 -15.46
N GLU A 585 2.85 1.77 -14.16
CA GLU A 585 3.10 0.45 -13.60
C GLU A 585 2.02 0.13 -12.59
N GLU A 586 1.27 -0.94 -12.82
CA GLU A 586 0.14 -1.28 -11.96
C GLU A 586 0.60 -1.80 -10.61
N ASP A 587 1.70 -2.56 -10.59
CA ASP A 587 2.12 -3.22 -9.34
C ASP A 587 2.68 -2.22 -8.34
N SER A 588 3.34 -1.17 -8.80
CA SER A 588 3.95 -0.19 -7.92
C SER A 588 3.20 1.13 -7.87
N HIS A 589 2.08 1.24 -8.58
CA HIS A 589 1.29 2.48 -8.67
C HIS A 589 2.09 3.64 -9.23
N ASP A 590 3.23 3.35 -9.86
CA ASP A 590 4.08 4.41 -10.41
C ASP A 590 3.42 5.03 -11.63
N TYR A 591 3.66 6.34 -11.81
CA TYR A 591 3.14 7.08 -12.95
C TYR A 591 1.63 6.96 -13.06
N ASP A 592 0.95 6.96 -11.91
CA ASP A 592 -0.49 6.76 -11.83
C ASP A 592 -1.20 8.05 -12.22
N VAL A 593 -1.43 8.23 -13.51
CA VAL A 593 -2.12 9.41 -14.03
C VAL A 593 -2.75 9.04 -15.37
N ALA A 594 -3.90 9.66 -15.65
CA ALA A 594 -4.61 9.41 -16.90
C ALA A 594 -5.35 10.66 -17.32
N LEU A 595 -5.59 10.78 -18.63
CA LEU A 595 -6.29 11.93 -19.20
C LEU A 595 -7.48 11.46 -20.02
N LEU A 596 -8.59 12.18 -19.88
CA LEU A 596 -9.82 11.92 -20.62
C LEU A 596 -10.17 13.15 -21.44
N GLN A 597 -10.44 12.96 -22.73
CA GLN A 597 -10.88 14.06 -23.59
C GLN A 597 -12.41 14.12 -23.63
N LEU A 598 -12.95 15.30 -23.40
CA LEU A 598 -14.39 15.50 -23.37
C LEU A 598 -14.97 15.51 -24.79
N ASP A 599 -16.28 15.32 -24.87
CA ASP A 599 -16.96 15.32 -26.16
C ASP A 599 -16.89 16.69 -26.83
N HIS A 600 -17.12 17.76 -26.06
CA HIS A 600 -17.08 19.11 -26.58
C HIS A 600 -16.68 20.03 -25.44
N PRO A 601 -16.13 21.21 -25.73
CA PRO A 601 -15.48 21.99 -24.67
C PRO A 601 -16.48 22.53 -23.67
N VAL A 602 -15.97 22.81 -22.48
CA VAL A 602 -16.79 23.29 -21.37
C VAL A 602 -17.07 24.77 -21.54
N VAL A 603 -18.30 25.18 -21.23
CA VAL A 603 -18.67 26.59 -21.18
C VAL A 603 -18.42 27.09 -19.77
N ARG A 604 -17.57 28.11 -19.64
CA ARG A 604 -17.10 28.57 -18.34
C ARG A 604 -18.20 29.35 -17.64
N SER A 605 -19.07 28.65 -16.94
CA SER A 605 -20.05 29.27 -16.07
C SER A 605 -19.48 29.41 -14.66
N ALA A 606 -20.28 29.94 -13.74
CA ALA A 606 -19.85 30.02 -12.35
C ALA A 606 -19.81 28.66 -11.69
N ALA A 607 -20.54 27.68 -12.22
CA ALA A 607 -20.57 26.34 -11.62
C ALA A 607 -19.32 25.54 -11.95
N VAL A 608 -18.78 25.70 -13.16
CA VAL A 608 -17.67 24.88 -13.64
C VAL A 608 -16.53 25.79 -14.06
N ARG A 609 -15.34 25.57 -13.50
CA ARG A 609 -14.13 26.32 -13.83
C ARG A 609 -12.93 25.39 -13.68
N PRO A 610 -11.97 25.45 -14.58
CA PRO A 610 -10.79 24.59 -14.47
C PRO A 610 -9.90 24.98 -13.29
N VAL A 611 -9.07 24.02 -12.88
CA VAL A 611 -8.07 24.24 -11.84
C VAL A 611 -6.75 24.60 -12.51
N CYS A 612 -5.93 25.37 -11.81
CA CYS A 612 -4.67 25.84 -12.37
C CYS A 612 -3.59 24.76 -12.26
N LEU A 613 -2.94 24.47 -13.38
CA LEU A 613 -1.87 23.48 -13.40
C LEU A 613 -0.57 24.11 -12.89
N PRO A 614 0.09 23.50 -11.91
CA PRO A 614 1.37 24.03 -11.45
C PRO A 614 2.45 23.88 -12.51
N ALA A 615 3.42 24.79 -12.48
CA ALA A 615 4.56 24.69 -13.36
C ALA A 615 5.52 23.61 -12.87
N ARG A 616 6.51 23.30 -13.71
CA ARG A 616 7.51 22.31 -13.34
C ARG A 616 8.31 22.73 -12.12
N SER A 617 8.48 24.04 -11.92
CA SER A 617 9.26 24.59 -10.82
C SER A 617 8.39 25.11 -9.68
N HIS A 618 7.11 24.76 -9.66
CA HIS A 618 6.23 25.21 -8.60
C HIS A 618 6.63 24.58 -7.27
N PHE A 619 6.60 25.39 -6.21
CA PHE A 619 7.04 24.98 -4.88
C PHE A 619 5.84 24.71 -4.00
N PHE A 620 5.67 23.46 -3.59
CA PHE A 620 4.64 23.07 -2.63
C PHE A 620 5.33 22.78 -1.31
N GLU A 621 5.09 23.63 -0.33
CA GLU A 621 5.87 23.66 0.90
C GLU A 621 5.37 22.61 1.88
N PRO A 622 6.24 21.74 2.41
CA PRO A 622 5.82 20.82 3.46
C PRO A 622 5.31 21.58 4.68
N GLY A 623 4.30 21.00 5.33
CA GLY A 623 3.62 21.65 6.43
C GLY A 623 2.46 22.53 6.02
N LEU A 624 2.28 22.75 4.72
CA LEU A 624 1.15 23.52 4.21
C LEU A 624 -0.12 22.67 4.26
N HIS A 625 -1.27 23.34 4.30
CA HIS A 625 -2.56 22.68 4.40
C HIS A 625 -3.26 22.70 3.04
N CYS A 626 -3.72 21.54 2.59
CA CYS A 626 -4.47 21.41 1.35
C CYS A 626 -5.75 20.64 1.62
N TRP A 627 -6.65 20.63 0.63
CA TRP A 627 -7.99 20.06 0.80
C TRP A 627 -8.24 18.95 -0.20
N ILE A 628 -8.76 17.81 0.29
CA ILE A 628 -9.11 16.67 -0.52
C ILE A 628 -10.63 16.66 -0.68
N THR A 629 -11.12 17.12 -1.83
CA THR A 629 -12.55 17.22 -2.08
C THR A 629 -13.04 16.00 -2.86
N GLY A 630 -13.33 14.92 -2.13
CA GLY A 630 -13.78 13.72 -2.80
C GLY A 630 -14.95 13.00 -2.15
N TRP A 631 -15.88 12.50 -2.96
CA TRP A 631 -16.92 11.61 -2.46
C TRP A 631 -16.28 10.34 -1.92
N GLY A 632 -16.84 9.81 -0.84
CA GLY A 632 -16.30 8.60 -0.26
C GLY A 632 -17.28 7.93 0.66
N ALA A 633 -17.07 6.64 0.88
CA ALA A 633 -17.88 5.92 1.84
C ALA A 633 -17.64 6.46 3.24
N LEU A 634 -18.70 7.01 3.84
CA LEU A 634 -18.57 7.64 5.15
C LEU A 634 -18.12 6.63 6.20
N ARG A 635 -18.64 5.40 6.12
CA ARG A 635 -18.32 4.36 7.08
C ARG A 635 -17.80 3.14 6.34
N GLU A 636 -17.05 2.32 7.06
CA GLU A 636 -16.40 1.16 6.45
C GLU A 636 -17.43 0.21 5.84
N GLY A 637 -17.26 -0.11 4.57
CA GLY A 637 -18.14 -1.03 3.88
C GLY A 637 -19.45 -0.47 3.39
N GLY A 638 -19.69 0.83 3.59
CA GLY A 638 -20.95 1.42 3.21
C GLY A 638 -20.90 2.05 1.83
N PRO A 639 -22.03 2.61 1.39
CA PRO A 639 -22.06 3.27 0.08
C PRO A 639 -21.31 4.59 0.11
N ILE A 640 -21.04 5.12 -1.09
CA ILE A 640 -20.43 6.43 -1.17
C ILE A 640 -21.38 7.46 -0.58
N SER A 641 -20.80 8.49 0.05
CA SER A 641 -21.61 9.51 0.68
C SER A 641 -22.41 10.29 -0.35
N ASN A 642 -23.59 10.74 0.06
CA ASN A 642 -24.48 11.45 -0.84
C ASN A 642 -24.05 12.90 -1.06
N ALA A 643 -23.14 13.41 -0.24
CA ALA A 643 -22.70 14.79 -0.31
C ALA A 643 -21.19 14.85 -0.51
N LEU A 644 -20.75 15.76 -1.39
CA LEU A 644 -19.32 15.98 -1.57
C LEU A 644 -18.73 16.54 -0.29
N GLN A 645 -17.68 15.88 0.21
CA GLN A 645 -17.12 16.22 1.51
C GLN A 645 -15.68 16.67 1.34
N LYS A 646 -15.38 17.86 1.88
CA LYS A 646 -14.02 18.39 1.88
C LYS A 646 -13.32 18.03 3.19
N VAL A 647 -12.04 17.74 3.10
CA VAL A 647 -11.21 17.43 4.27
C VAL A 647 -9.82 17.98 4.01
N ASP A 648 -9.18 18.49 5.06
CA ASP A 648 -7.84 19.05 4.91
C ASP A 648 -6.78 18.09 5.42
N VAL A 649 -5.62 18.16 4.77
CA VAL A 649 -4.45 17.36 5.12
C VAL A 649 -3.23 18.27 5.11
N GLN A 650 -2.17 17.81 5.75
CA GLN A 650 -0.92 18.54 5.86
C GLN A 650 0.17 17.80 5.11
N LEU A 651 0.88 18.51 4.23
CA LEU A 651 1.93 17.87 3.45
C LEU A 651 3.08 17.44 4.35
N ILE A 652 3.73 16.34 3.96
CA ILE A 652 4.78 15.74 4.76
C ILE A 652 6.06 15.74 3.96
N PRO A 653 7.22 15.98 4.56
CA PRO A 653 8.49 15.82 3.84
C PRO A 653 8.63 14.40 3.31
N GLN A 654 9.21 14.28 2.11
CA GLN A 654 9.27 12.98 1.45
C GLN A 654 10.23 12.03 2.14
N ASP A 655 11.23 12.56 2.86
CA ASP A 655 12.10 11.69 3.65
C ASP A 655 11.31 10.88 4.66
N LEU A 656 10.31 11.51 5.28
CA LEU A 656 9.55 10.84 6.35
C LEU A 656 8.79 9.65 5.80
N CYS A 657 8.00 9.84 4.74
CA CYS A 657 7.24 8.72 4.21
C CYS A 657 8.10 7.75 3.42
N SER A 658 9.28 8.18 2.96
CA SER A 658 10.24 7.23 2.41
C SER A 658 10.72 6.28 3.49
N GLU A 659 10.98 6.80 4.69
CA GLU A 659 11.30 5.92 5.82
C GLU A 659 10.08 5.12 6.26
N VAL A 660 8.87 5.64 6.03
CA VAL A 660 7.66 4.91 6.38
C VAL A 660 7.46 3.70 5.46
N TYR A 661 7.72 3.87 4.16
CA TYR A 661 7.33 2.88 3.17
C TYR A 661 8.48 2.05 2.60
N ARG A 662 9.73 2.47 2.82
CA ARG A 662 10.89 1.61 2.56
C ARG A 662 10.98 1.03 1.16
N TYR A 663 11.39 1.86 0.19
CA TYR A 663 11.62 1.49 -1.20
C TYR A 663 10.31 1.30 -1.96
N GLN A 664 9.33 2.13 -1.69
CA GLN A 664 8.04 2.01 -2.33
C GLN A 664 7.48 3.36 -2.79
N VAL A 665 8.16 4.47 -2.50
CA VAL A 665 7.74 5.81 -2.89
C VAL A 665 8.78 6.37 -3.84
N THR A 666 8.33 6.88 -4.98
CA THR A 666 9.18 7.37 -6.05
C THR A 666 9.06 8.88 -6.21
N PRO A 667 10.00 9.51 -6.96
CA PRO A 667 9.92 10.95 -7.23
C PRO A 667 8.59 11.44 -7.79
N ARG A 668 7.73 10.52 -8.23
CA ARG A 668 6.45 10.86 -8.82
C ARG A 668 5.32 10.88 -7.79
N MET A 669 5.63 10.71 -6.51
CA MET A 669 4.62 10.68 -5.46
C MET A 669 4.96 11.66 -4.35
N LEU A 670 3.92 12.19 -3.71
CA LEU A 670 4.05 13.04 -2.54
C LEU A 670 3.17 12.49 -1.43
N CYS A 671 3.37 12.98 -0.22
CA CYS A 671 2.75 12.40 0.96
C CYS A 671 2.00 13.46 1.76
N ALA A 672 0.81 13.10 2.22
CA ALA A 672 0.00 13.98 3.05
C ALA A 672 -0.56 13.22 4.24
N GLY A 673 -0.74 13.92 5.35
CA GLY A 673 -1.24 13.32 6.58
C GLY A 673 -2.55 13.93 7.01
N TYR A 674 -3.40 13.11 7.61
CA TYR A 674 -4.74 13.51 8.04
C TYR A 674 -4.71 13.98 9.49
N ARG A 675 -5.88 14.38 9.99
CA ARG A 675 -6.02 14.74 11.39
C ARG A 675 -5.77 13.52 12.27
N LYS A 676 -4.93 13.68 13.29
CA LYS A 676 -4.61 12.56 14.15
C LYS A 676 -5.81 12.16 15.00
N GLY A 677 -5.93 10.86 15.26
CA GLY A 677 -7.08 10.34 15.98
C GLY A 677 -8.39 10.47 15.24
N LYS A 678 -8.36 10.34 13.91
CA LYS A 678 -9.56 10.39 13.07
C LYS A 678 -10.39 11.64 13.33
N ALA A 681 -11.19 11.86 7.61
CA ALA A 681 -10.85 10.46 7.80
C ALA A 681 -10.23 9.86 6.54
N CYS A 682 -10.12 8.53 6.51
CA CYS A 682 -9.37 7.88 5.44
C CYS A 682 -10.07 7.97 4.09
N GLN A 683 -11.41 8.07 4.08
CA GLN A 683 -12.15 8.18 2.82
C GLN A 683 -11.61 9.35 1.99
N GLY A 684 -11.11 9.05 0.81
CA GLY A 684 -10.45 10.05 -0.01
C GLY A 684 -10.82 10.00 -1.48
N ASP A 685 -11.60 9.00 -1.88
CA ASP A 685 -12.00 8.77 -3.26
C ASP A 685 -10.83 8.22 -4.07
N ALA A 686 -11.02 8.06 -5.37
CA ALA A 686 -9.95 7.66 -6.27
C ALA A 686 -9.88 8.66 -7.41
N GLY A 687 -8.70 9.24 -7.62
CA GLY A 687 -8.55 10.30 -8.59
C GLY A 687 -8.95 11.68 -8.12
N GLY A 688 -9.25 11.83 -6.83
CA GLY A 688 -9.65 13.10 -6.28
C GLY A 688 -8.52 14.09 -6.22
N PRO A 689 -8.84 15.37 -6.36
CA PRO A 689 -7.80 16.41 -6.35
C PRO A 689 -7.20 16.61 -4.97
N LEU A 690 -6.07 17.31 -4.95
CA LEU A 690 -5.41 17.75 -3.73
C LEU A 690 -4.99 19.21 -3.89
N VAL A 691 -5.95 20.05 -4.29
CA VAL A 691 -5.65 21.45 -4.54
C VAL A 691 -5.11 22.14 -3.29
N CYS A 692 -4.22 23.09 -3.50
CA CYS A 692 -3.61 23.88 -2.44
C CYS A 692 -3.74 25.35 -2.80
N LYS A 693 -3.99 26.19 -1.79
CA LYS A 693 -4.18 27.61 -2.03
C LYS A 693 -2.85 28.34 -2.14
N ALA A 694 -2.80 29.32 -3.03
CA ALA A 694 -1.63 30.17 -3.20
C ALA A 694 -1.83 31.50 -2.47
N LEU A 695 -0.77 32.29 -2.43
CA LEU A 695 -0.82 33.58 -1.74
C LEU A 695 -1.70 34.59 -2.48
N SER A 696 -2.01 34.34 -3.75
CA SER A 696 -2.80 35.26 -4.55
C SER A 696 -4.27 34.88 -4.62
N GLY A 697 -4.70 33.90 -3.82
CA GLY A 697 -6.09 33.51 -3.80
C GLY A 697 -6.52 32.54 -4.87
N ARG A 698 -5.57 31.89 -5.55
CA ARG A 698 -5.88 30.91 -6.58
C ARG A 698 -5.46 29.52 -6.14
N TRP A 699 -6.23 28.52 -6.57
CA TRP A 699 -6.04 27.14 -6.17
C TRP A 699 -5.23 26.42 -7.24
N PHE A 700 -4.17 25.73 -6.82
CA PHE A 700 -3.29 24.99 -7.71
C PHE A 700 -3.40 23.51 -7.41
N LEU A 701 -3.61 22.71 -8.44
CA LEU A 701 -3.79 21.27 -8.30
C LEU A 701 -2.43 20.62 -8.04
N ALA A 702 -2.22 20.10 -6.84
CA ALA A 702 -0.91 19.64 -6.42
C ALA A 702 -0.76 18.12 -6.45
N GLY A 703 -1.83 17.38 -6.69
CA GLY A 703 -1.71 15.93 -6.71
C GLY A 703 -3.05 15.29 -6.95
N LEU A 704 -3.02 13.96 -7.08
CA LEU A 704 -4.21 13.15 -7.29
C LEU A 704 -4.15 11.97 -6.32
N VAL A 705 -5.31 11.56 -5.81
CA VAL A 705 -5.35 10.49 -4.83
C VAL A 705 -4.90 9.20 -5.49
N SER A 706 -3.80 8.63 -4.99
CA SER A 706 -3.21 7.45 -5.60
C SER A 706 -3.38 6.21 -4.74
N TRP A 707 -2.90 6.21 -3.51
CA TRP A 707 -3.03 5.03 -2.67
C TRP A 707 -2.70 5.41 -1.23
N GLY A 708 -2.82 4.41 -0.36
CA GLY A 708 -2.53 4.63 1.03
C GLY A 708 -2.83 3.36 1.79
N LEU A 709 -2.20 3.25 2.95
CA LEU A 709 -2.35 2.08 3.80
C LEU A 709 -2.84 2.54 5.16
N GLY A 710 -3.62 1.69 5.80
CA GLY A 710 -4.08 2.12 7.10
C GLY A 710 -5.21 3.10 7.14
N CYS A 711 -6.43 2.61 6.93
CA CYS A 711 -7.56 3.30 7.49
C CYS A 711 -7.66 2.60 8.85
N GLY A 712 -7.40 3.34 9.92
CA GLY A 712 -7.35 2.78 11.24
C GLY A 712 -5.96 2.56 11.81
N ARG A 713 -4.92 2.59 10.98
CA ARG A 713 -3.58 2.58 11.54
C ARG A 713 -3.30 3.95 12.14
N PRO A 714 -2.56 4.00 13.23
CA PRO A 714 -2.45 5.26 13.93
C PRO A 714 -1.73 6.37 13.18
N ASN A 715 -0.57 6.13 12.58
CA ASN A 715 0.16 7.22 11.96
C ASN A 715 0.80 6.80 10.63
N TYR A 716 -0.04 6.78 9.62
CA TYR A 716 0.28 6.48 8.24
C TYR A 716 -0.28 7.61 7.40
N PHE A 717 0.32 7.76 6.21
CA PHE A 717 0.02 8.88 5.34
C PHE A 717 -0.64 8.37 4.08
N GLY A 718 -1.21 9.29 3.32
CA GLY A 718 -1.71 9.00 1.99
C GLY A 718 -0.70 9.45 0.95
N VAL A 719 -0.59 8.67 -0.12
CA VAL A 719 0.40 8.88 -1.17
C VAL A 719 -0.35 9.28 -2.43
N TYR A 720 0.11 10.37 -3.05
CA TYR A 720 -0.57 11.01 -4.16
C TYR A 720 0.40 11.16 -5.32
N THR A 721 -0.16 11.29 -6.52
CA THR A 721 0.65 11.47 -7.73
C THR A 721 1.17 12.90 -7.77
N ARG A 722 2.49 13.07 -7.61
CA ARG A 722 3.12 14.37 -7.68
C ARG A 722 3.03 14.89 -9.11
N ILE A 723 2.22 15.92 -9.34
CA ILE A 723 1.93 16.37 -10.69
C ILE A 723 3.12 17.09 -11.31
N THR A 724 3.91 17.81 -10.51
CA THR A 724 5.09 18.47 -11.06
C THR A 724 6.09 17.46 -11.62
N GLY A 725 5.99 16.20 -11.22
CA GLY A 725 6.82 15.15 -11.80
C GLY A 725 6.30 14.55 -13.09
N VAL A 726 5.05 14.84 -13.45
CA VAL A 726 4.46 14.32 -14.67
C VAL A 726 3.85 15.47 -15.47
N ILE A 727 4.26 16.70 -15.14
CA ILE A 727 3.68 17.88 -15.79
C ILE A 727 4.10 17.95 -17.25
N SER A 728 5.30 17.45 -17.58
CA SER A 728 5.78 17.52 -18.96
C SER A 728 4.89 16.73 -19.90
N TRP A 729 4.54 15.49 -19.53
CA TRP A 729 3.68 14.68 -20.37
C TRP A 729 2.29 15.29 -20.47
N ILE A 730 1.78 15.84 -19.36
CA ILE A 730 0.46 16.46 -19.38
C ILE A 730 0.44 17.63 -20.37
N GLN A 731 1.45 18.49 -20.31
CA GLN A 731 1.50 19.63 -21.22
C GLN A 731 1.73 19.20 -22.66
N GLN A 732 2.49 18.13 -22.87
CA GLN A 732 2.68 17.61 -24.22
C GLN A 732 1.37 17.08 -24.81
N VAL A 733 0.59 16.35 -24.01
CA VAL A 733 -0.66 15.78 -24.51
C VAL A 733 -1.71 16.86 -24.72
N VAL A 734 -1.85 17.77 -23.77
CA VAL A 734 -2.91 18.78 -23.86
C VAL A 734 -2.67 19.71 -25.04
N THR A 735 -1.42 20.17 -25.22
CA THR A 735 -1.10 21.07 -26.32
C THR A 735 -0.87 20.30 -27.61
N ASP B 1 6.16 9.24 29.66
CA ASP B 1 6.18 8.26 28.58
C ASP B 1 7.56 8.14 27.92
N ILE B 2 7.82 8.89 26.86
CA ILE B 2 9.07 8.79 26.13
C ILE B 2 10.16 9.50 26.93
N GLN B 3 11.38 8.97 26.88
CA GLN B 3 12.49 9.47 27.69
C GLN B 3 13.67 9.75 26.76
N MET B 4 13.83 11.02 26.42
CA MET B 4 14.87 11.46 25.52
C MET B 4 16.24 11.43 26.19
N THR B 5 17.29 11.26 25.38
CA THR B 5 18.65 11.31 25.91
C THR B 5 19.59 11.77 24.81
N GLN B 6 20.72 12.36 25.22
CA GLN B 6 21.68 12.93 24.28
C GLN B 6 23.10 12.60 24.69
N SER B 7 23.98 12.62 23.70
CA SER B 7 25.39 12.38 23.95
C SER B 7 26.27 13.08 22.92
N PRO B 8 27.31 13.80 23.36
CA PRO B 8 27.96 13.70 24.67
C PRO B 8 27.39 14.72 25.63
N SER B 9 27.60 14.58 26.95
CA SER B 9 27.11 15.59 27.88
C SER B 9 27.94 16.86 27.87
N SER B 10 29.11 16.85 27.25
CA SER B 10 29.94 18.04 27.15
C SER B 10 30.85 17.92 25.94
N LEU B 11 31.37 19.07 25.49
CA LEU B 11 32.23 19.12 24.33
C LEU B 11 33.20 20.28 24.48
N SER B 12 34.25 20.25 23.66
CA SER B 12 35.22 21.33 23.64
C SER B 12 35.91 21.31 22.27
N ALA B 13 35.65 22.33 21.46
CA ALA B 13 36.21 22.41 20.12
C ALA B 13 36.69 23.84 19.86
N SER B 14 37.25 24.06 18.68
CA SER B 14 37.80 25.35 18.29
C SER B 14 37.14 25.82 17.01
N VAL B 15 37.39 27.10 16.67
CA VAL B 15 36.79 27.69 15.49
C VAL B 15 37.28 26.96 14.24
N GLY B 16 36.34 26.57 13.38
CA GLY B 16 36.63 25.80 12.19
C GLY B 16 36.44 24.30 12.32
N ASP B 17 36.23 23.80 13.54
CA ASP B 17 36.04 22.38 13.76
C ASP B 17 34.61 21.98 13.42
N ARG B 18 34.39 20.68 13.28
CA ARG B 18 33.09 20.09 12.98
C ARG B 18 32.60 19.34 14.21
N VAL B 19 31.38 19.65 14.65
CA VAL B 19 30.81 19.14 15.90
C VAL B 19 29.62 18.26 15.58
N ILE B 20 29.48 17.16 16.33
CA ILE B 20 28.41 16.18 16.14
C ILE B 20 27.74 15.92 17.48
N ILE B 21 26.41 16.04 17.52
CA ILE B 21 25.62 15.80 18.74
C ILE B 21 24.54 14.77 18.44
N THR B 22 24.37 13.78 19.31
CA THR B 22 23.41 12.70 19.07
C THR B 22 22.25 12.78 20.05
N CYS B 23 21.05 12.44 19.54
CA CYS B 23 19.78 12.44 20.25
C CYS B 23 19.07 11.12 20.01
N ARG B 24 18.82 10.35 21.07
CA ARG B 24 18.07 9.09 20.96
C ARG B 24 16.91 8.96 21.93
N ALA B 25 15.68 8.92 21.39
CA ALA B 25 14.52 8.68 22.22
C ALA B 25 14.50 7.21 22.66
N SER B 26 13.69 6.89 23.68
CA SER B 26 13.57 5.51 24.14
C SER B 26 12.73 4.64 23.21
N GLN B 27 11.81 5.23 22.46
CA GLN B 27 10.99 4.53 21.48
C GLN B 27 10.68 5.47 20.33
N ASP B 28 10.66 4.95 19.11
CA ASP B 28 10.48 5.84 17.96
C ASP B 28 9.10 6.52 18.01
N PHE B 29 9.07 7.76 17.55
CA PHE B 29 7.90 8.62 17.59
C PHE B 29 7.39 9.05 16.22
N ASN B 30 8.14 8.78 15.13
CA ASN B 30 7.95 9.21 13.74
C ASN B 30 8.91 10.32 13.32
N SER B 31 9.95 10.54 14.11
CA SER B 31 10.96 11.57 13.88
C SER B 31 10.36 12.97 13.68
N TRP B 32 9.62 13.40 14.69
CA TRP B 32 9.17 14.78 14.82
C TRP B 32 10.02 15.47 15.89
N LEU B 33 11.31 15.63 15.58
CA LEU B 33 12.29 16.14 16.52
C LEU B 33 12.66 17.59 16.21
N ALA B 34 13.03 18.32 17.27
CA ALA B 34 13.31 19.75 17.20
C ALA B 34 14.55 20.04 18.03
N TRP B 35 15.33 21.04 17.59
CA TRP B 35 16.56 21.42 18.24
C TRP B 35 16.52 22.88 18.66
N TYR B 36 17.02 23.16 19.87
CA TYR B 36 17.02 24.50 20.45
C TYR B 36 18.43 24.87 20.90
N GLN B 37 18.70 26.17 20.91
CA GLN B 37 20.04 26.76 20.93
C GLN B 37 20.16 27.80 22.04
N GLN B 38 19.85 27.42 23.27
CA GLN B 38 19.81 28.37 24.37
C GLN B 38 21.21 28.94 24.65
N LYS B 39 21.30 30.27 24.67
CA LYS B 39 22.48 30.98 25.13
C LYS B 39 22.52 31.04 26.65
N PRO B 40 23.71 31.21 27.24
CA PRO B 40 23.79 31.24 28.70
C PRO B 40 23.20 32.51 29.31
N GLY B 41 21.87 32.56 29.40
CA GLY B 41 21.20 33.68 30.05
C GLY B 41 20.06 34.27 29.26
N LYS B 42 19.83 33.78 28.05
CA LYS B 42 18.78 34.28 27.17
C LYS B 42 17.75 33.18 26.91
N ALA B 43 16.78 33.52 26.07
CA ALA B 43 15.73 32.58 25.68
C ALA B 43 16.25 31.60 24.62
N PRO B 44 15.72 30.37 24.61
CA PRO B 44 16.14 29.41 23.59
C PRO B 44 15.72 29.84 22.20
N LYS B 45 16.46 29.35 21.20
CA LYS B 45 16.23 29.66 19.80
C LYS B 45 16.03 28.36 19.03
N LEU B 46 14.97 28.30 18.22
CA LEU B 46 14.70 27.12 17.41
C LEU B 46 15.58 27.12 16.16
N LEU B 47 16.32 26.02 15.96
CA LEU B 47 17.16 25.86 14.79
C LEU B 47 16.53 24.95 13.74
N ILE B 48 16.22 23.72 14.12
CA ILE B 48 15.83 22.65 13.20
C ILE B 48 14.59 21.97 13.73
N TYR B 49 13.62 21.74 12.85
CA TYR B 49 12.43 20.97 13.19
C TYR B 49 12.23 19.88 12.14
N ALA B 50 11.41 18.89 12.48
CA ALA B 50 11.17 17.70 11.67
C ALA B 50 12.45 16.91 11.42
N ALA B 51 13.48 17.17 12.23
CA ALA B 51 14.75 16.46 12.27
C ALA B 51 15.63 16.76 11.05
N SER B 52 15.07 17.42 10.04
CA SER B 52 15.88 17.87 8.90
C SER B 52 15.55 19.27 8.41
N SER B 53 14.34 19.78 8.62
CA SER B 53 13.98 21.10 8.12
C SER B 53 14.64 22.19 8.95
N LEU B 54 15.00 23.29 8.28
CA LEU B 54 15.75 24.36 8.90
C LEU B 54 14.89 25.61 9.00
N GLN B 55 15.02 26.32 10.11
CA GLN B 55 14.21 27.50 10.38
C GLN B 55 14.82 28.74 9.73
N SER B 56 13.97 29.60 9.19
CA SER B 56 14.45 30.80 8.50
C SER B 56 15.23 31.70 9.44
N GLY B 57 16.37 32.20 8.95
CA GLY B 57 17.26 33.03 9.72
C GLY B 57 18.42 32.29 10.35
N VAL B 58 18.32 30.98 10.49
CA VAL B 58 19.42 30.19 11.05
C VAL B 58 20.56 30.14 10.02
N PRO B 59 21.81 30.35 10.44
CA PRO B 59 22.92 30.25 9.49
C PRO B 59 23.04 28.84 8.92
N SER B 60 23.51 28.76 7.68
CA SER B 60 23.58 27.47 6.99
C SER B 60 24.82 26.68 7.41
N ARG B 61 25.02 26.54 8.72
CA ARG B 61 26.07 25.69 9.26
C ARG B 61 25.50 24.51 10.05
N PHE B 62 24.21 24.51 10.34
CA PHE B 62 23.56 23.46 11.11
C PHE B 62 22.85 22.51 10.16
N SER B 63 23.10 21.21 10.32
CA SER B 63 22.45 20.19 9.53
C SER B 63 21.82 19.17 10.47
N GLY B 64 20.62 18.72 10.14
CA GLY B 64 19.93 17.71 10.92
C GLY B 64 19.76 16.45 10.10
N SER B 65 19.94 15.30 10.75
CA SER B 65 19.82 14.03 10.05
C SER B 65 19.39 12.97 11.05
N GLY B 66 19.22 11.75 10.56
CA GLY B 66 18.85 10.62 11.37
C GLY B 66 17.39 10.23 11.16
N SER B 67 17.04 9.11 11.76
CA SER B 67 15.70 8.56 11.64
C SER B 67 15.52 7.49 12.70
N GLY B 68 14.36 6.83 12.67
CA GLY B 68 14.08 5.76 13.61
C GLY B 68 14.18 6.23 15.04
N THR B 69 15.25 5.82 15.71
CA THR B 69 15.55 6.22 17.06
C THR B 69 16.71 7.20 17.18
N ASP B 70 17.64 7.22 16.23
CA ASP B 70 18.88 7.98 16.33
C ASP B 70 18.84 9.21 15.44
N PHE B 71 19.11 10.38 16.03
CA PHE B 71 19.15 11.62 15.29
C PHE B 71 20.45 12.37 15.59
N THR B 72 20.82 13.26 14.67
CA THR B 72 22.12 13.89 14.71
C THR B 72 22.01 15.36 14.31
N LEU B 73 22.69 16.22 15.08
CA LEU B 73 22.87 17.62 14.77
C LEU B 73 24.34 17.85 14.45
N THR B 74 24.60 18.48 13.31
CA THR B 74 25.95 18.66 12.81
C THR B 74 26.24 20.15 12.64
N ILE B 75 27.32 20.61 13.24
CA ILE B 75 27.85 21.96 13.02
C ILE B 75 29.08 21.82 12.15
N SER B 76 29.00 22.29 10.91
CA SER B 76 30.10 22.11 9.96
C SER B 76 31.35 22.86 10.41
N SER B 77 31.20 24.15 10.71
CA SER B 77 32.32 24.97 11.15
C SER B 77 31.89 25.80 12.34
N LEU B 78 32.72 25.82 13.38
CA LEU B 78 32.42 26.62 14.56
C LEU B 78 32.62 28.11 14.26
N GLN B 79 31.94 28.93 15.05
CA GLN B 79 32.04 30.38 14.96
C GLN B 79 32.02 30.95 16.37
N PRO B 80 32.53 32.18 16.55
CA PRO B 80 32.52 32.76 17.91
C PRO B 80 31.14 32.84 18.53
N GLU B 81 30.12 33.17 17.74
CA GLU B 81 28.75 33.25 18.26
C GLU B 81 28.01 31.92 18.09
N ASP B 82 28.67 30.84 18.50
CA ASP B 82 28.10 29.51 18.33
C ASP B 82 28.23 28.61 19.55
N PHE B 83 28.99 29.01 20.57
CA PHE B 83 29.11 28.21 21.78
C PHE B 83 27.90 28.47 22.66
N ALA B 84 27.04 27.47 22.80
CA ALA B 84 25.81 27.60 23.57
C ALA B 84 25.39 26.21 24.03
N THR B 85 24.14 26.09 24.49
CA THR B 85 23.60 24.84 24.96
C THR B 85 22.52 24.37 23.99
N TYR B 86 22.61 23.11 23.57
CA TYR B 86 21.76 22.55 22.54
C TYR B 86 20.87 21.49 23.13
N TYR B 87 19.56 21.60 22.88
CA TYR B 87 18.58 20.69 23.44
C TYR B 87 17.76 20.08 22.32
N CYS B 88 17.47 18.80 22.43
CA CYS B 88 16.59 18.12 21.50
C CYS B 88 15.29 17.76 22.21
N GLN B 89 14.17 18.06 21.55
CA GLN B 89 12.83 17.76 22.02
C GLN B 89 12.07 16.95 20.98
N GLN B 90 11.11 16.14 21.42
CA GLN B 90 10.29 15.38 20.49
C GLN B 90 8.92 16.01 20.55
N THR B 91 8.43 16.47 19.39
CA THR B 91 7.20 17.25 19.31
C THR B 91 5.97 16.47 18.87
N ASP B 92 5.92 15.16 19.09
CA ASP B 92 4.74 14.42 18.65
C ASP B 92 4.37 13.45 19.76
N SER B 93 3.17 13.66 20.33
CA SER B 93 2.56 13.03 21.50
C SER B 93 2.74 14.00 22.66
N PHE B 94 1.95 13.89 23.74
CA PHE B 94 1.89 14.98 24.71
C PHE B 94 2.83 15.21 25.90
N PRO B 95 3.47 14.27 26.52
CA PRO B 95 4.44 14.83 27.46
C PRO B 95 5.60 15.26 26.60
N PHE B 96 5.65 16.56 26.30
CA PHE B 96 6.74 17.07 25.49
C PHE B 96 7.98 16.95 26.36
N THR B 97 9.06 16.37 25.84
CA THR B 97 10.19 16.12 26.71
C THR B 97 11.50 16.50 26.02
N PHE B 98 12.21 17.44 26.61
CA PHE B 98 13.47 17.91 26.07
C PHE B 98 14.59 16.95 26.45
N GLY B 99 15.72 17.12 25.80
CA GLY B 99 16.92 16.40 26.14
C GLY B 99 17.60 17.00 27.34
N PRO B 100 18.58 16.27 27.87
CA PRO B 100 19.33 16.82 29.01
C PRO B 100 20.09 18.09 28.66
N GLY B 101 20.85 18.06 27.57
CA GLY B 101 21.58 19.24 27.12
C GLY B 101 23.04 18.95 26.87
N THR B 102 23.63 19.71 25.94
CA THR B 102 25.04 19.58 25.58
C THR B 102 25.69 20.94 25.64
N LYS B 103 26.81 21.04 26.35
CA LYS B 103 27.55 22.28 26.48
C LYS B 103 28.76 22.25 25.56
N VAL B 104 28.99 23.34 24.83
CA VAL B 104 30.11 23.46 23.91
C VAL B 104 31.00 24.58 24.41
N ASP B 105 32.19 24.23 24.89
CA ASP B 105 33.15 25.21 25.37
C ASP B 105 34.12 25.59 24.25
N ILE B 106 35.11 26.41 24.58
CA ILE B 106 36.16 26.82 23.66
C ILE B 106 37.42 26.07 24.01
N LYS B 107 38.01 25.40 23.03
CA LYS B 107 39.19 24.58 23.27
C LYS B 107 40.43 25.44 23.39
N ARG B 108 41.31 25.07 24.31
CA ARG B 108 42.57 25.77 24.50
C ARG B 108 43.56 24.80 25.16
N THR B 109 44.75 25.30 25.45
CA THR B 109 45.78 24.47 26.06
C THR B 109 45.39 24.07 27.49
N VAL B 110 45.90 22.93 27.93
CA VAL B 110 45.60 22.43 29.26
C VAL B 110 46.28 23.32 30.30
N ALA B 111 45.54 23.72 31.32
CA ALA B 111 46.03 24.60 32.37
C ALA B 111 45.93 23.90 33.72
N ALA B 112 46.93 24.12 34.57
CA ALA B 112 46.96 23.51 35.90
C ALA B 112 46.29 24.44 36.91
N PRO B 113 45.31 23.97 37.67
CA PRO B 113 44.65 24.82 38.65
C PRO B 113 45.59 25.26 39.76
N SER B 114 45.35 26.46 40.27
CA SER B 114 46.02 26.95 41.47
C SER B 114 45.08 26.76 42.65
N VAL B 115 45.58 26.08 43.69
CA VAL B 115 44.76 25.66 44.82
C VAL B 115 45.12 26.51 46.03
N PHE B 116 44.11 27.11 46.65
CA PHE B 116 44.28 27.89 47.87
C PHE B 116 43.28 27.44 48.91
N ILE B 117 43.66 27.59 50.18
CA ILE B 117 42.81 27.24 51.31
C ILE B 117 42.52 28.51 52.11
N PHE B 118 41.37 28.53 52.79
CA PHE B 118 41.11 29.67 53.64
C PHE B 118 40.49 29.24 54.96
N PRO B 119 41.16 29.50 56.08
CA PRO B 119 40.58 29.15 57.39
C PRO B 119 39.42 30.05 57.74
N PRO B 120 38.50 29.59 58.58
CA PRO B 120 37.40 30.46 59.01
C PRO B 120 37.90 31.61 59.86
N SER B 121 37.20 32.75 59.75
CA SER B 121 37.58 33.94 60.47
C SER B 121 37.03 33.91 61.90
N ASP B 122 37.53 34.84 62.72
CA ASP B 122 37.08 34.92 64.11
C ASP B 122 35.65 35.44 64.20
N GLU B 123 35.25 36.33 63.30
CA GLU B 123 33.87 36.81 63.29
C GLU B 123 32.90 35.66 63.01
N GLN B 124 33.26 34.77 62.08
CA GLN B 124 32.45 33.61 61.80
C GLN B 124 32.43 32.63 62.98
N LEU B 125 33.55 32.51 63.70
CA LEU B 125 33.62 31.56 64.80
C LEU B 125 32.74 31.99 65.97
N LYS B 126 32.51 33.29 66.13
CA LYS B 126 31.67 33.81 67.21
C LYS B 126 30.18 33.77 66.88
N SER B 127 29.81 33.40 65.65
CA SER B 127 28.40 33.36 65.29
C SER B 127 27.74 32.05 65.70
N GLY B 128 28.45 30.93 65.55
CA GLY B 128 27.92 29.65 65.96
C GLY B 128 28.16 28.54 64.95
N THR B 129 28.72 28.89 63.81
CA THR B 129 28.98 27.92 62.75
C THR B 129 30.44 27.97 62.30
N ALA B 130 30.76 27.24 61.23
CA ALA B 130 32.11 27.23 60.68
C ALA B 130 32.01 27.01 59.18
N SER B 131 32.85 27.72 58.43
CA SER B 131 32.86 27.62 56.97
C SER B 131 34.29 27.63 56.49
N VAL B 132 34.72 26.53 55.87
CA VAL B 132 36.07 26.39 55.33
C VAL B 132 35.97 26.27 53.82
N VAL B 133 36.75 27.08 53.10
CA VAL B 133 36.64 27.17 51.65
C VAL B 133 37.99 26.83 51.02
N CYS B 134 37.92 26.13 49.89
CA CYS B 134 39.09 25.88 49.05
C CYS B 134 38.79 26.32 47.63
N LEU B 135 39.77 26.99 47.02
CA LEU B 135 39.60 27.69 45.75
C LEU B 135 40.54 27.13 44.70
N LEU B 136 40.00 26.82 43.53
CA LEU B 136 40.75 26.41 42.36
C LEU B 136 40.66 27.53 41.32
N ASN B 137 41.80 27.97 40.81
CA ASN B 137 41.82 29.13 39.92
C ASN B 137 42.54 28.79 38.63
N ASN B 138 42.01 29.29 37.51
CA ASN B 138 42.71 29.31 36.22
C ASN B 138 43.12 27.90 35.78
N PHE B 139 42.11 27.07 35.53
CA PHE B 139 42.32 25.72 35.04
C PHE B 139 41.46 25.47 33.81
N TYR B 140 41.69 24.32 33.18
CA TYR B 140 40.94 23.88 32.01
C TYR B 140 41.22 22.40 31.80
N PRO B 141 40.19 21.58 31.49
CA PRO B 141 38.78 21.93 31.31
C PRO B 141 38.00 21.93 32.63
N ARG B 142 36.67 21.90 32.53
CA ARG B 142 35.83 21.96 33.72
C ARG B 142 35.94 20.69 34.56
N GLU B 143 36.27 19.56 33.93
CA GLU B 143 36.22 18.27 34.62
C GLU B 143 37.34 18.20 35.65
N ALA B 144 36.98 18.46 36.91
CA ALA B 144 37.92 18.37 38.03
C ALA B 144 37.12 17.98 39.26
N LYS B 145 37.69 17.09 40.07
CA LYS B 145 36.99 16.56 41.23
C LYS B 145 37.64 17.07 42.52
N VAL B 146 36.82 17.37 43.50
CA VAL B 146 37.27 17.91 44.78
C VAL B 146 36.72 17.06 45.91
N GLN B 147 37.58 16.72 46.88
CA GLN B 147 37.19 15.96 48.06
C GLN B 147 37.64 16.71 49.30
N TRP B 148 36.89 16.53 50.39
CA TRP B 148 37.21 17.13 51.68
C TRP B 148 37.70 16.03 52.62
N LYS B 149 38.90 16.20 53.16
CA LYS B 149 39.51 15.23 54.05
C LYS B 149 39.69 15.85 55.42
N VAL B 150 39.01 15.29 56.43
CA VAL B 150 39.21 15.69 57.82
C VAL B 150 39.62 14.45 58.60
N ASP B 151 40.77 14.53 59.28
CA ASP B 151 41.33 13.41 60.04
C ASP B 151 41.39 12.15 59.18
N ASN B 152 41.68 12.34 57.89
CA ASN B 152 41.70 11.26 56.89
C ASN B 152 40.34 10.55 56.84
N ALA B 153 39.31 11.33 56.56
CA ALA B 153 37.95 10.82 56.43
C ALA B 153 37.23 11.59 55.32
N LEU B 154 36.33 10.88 54.63
CA LEU B 154 35.59 11.46 53.52
C LEU B 154 34.24 11.98 54.00
N GLN B 155 33.86 13.15 53.48
CA GLN B 155 32.57 13.77 53.76
C GLN B 155 31.65 13.65 52.54
N SER B 156 30.37 13.91 52.77
CA SER B 156 29.38 13.94 51.71
C SER B 156 28.13 14.62 52.22
N GLY B 157 27.54 15.48 51.39
CA GLY B 157 26.29 16.13 51.72
C GLY B 157 26.41 17.41 52.51
N ASN B 158 27.61 17.81 52.92
CA ASN B 158 27.81 19.03 53.68
C ASN B 158 28.72 20.02 52.98
N SER B 159 28.99 19.83 51.69
CA SER B 159 29.86 20.71 50.93
C SER B 159 29.14 21.18 49.67
N GLN B 160 29.30 22.46 49.35
CA GLN B 160 28.69 23.05 48.16
C GLN B 160 29.77 23.71 47.31
N GLU B 161 29.76 23.41 46.02
CA GLU B 161 30.75 23.95 45.10
C GLU B 161 30.08 24.81 44.05
N SER B 162 30.81 25.83 43.58
CA SER B 162 30.30 26.73 42.57
C SER B 162 31.42 27.11 41.62
N VAL B 163 31.09 27.18 40.33
CA VAL B 163 32.06 27.50 39.29
C VAL B 163 31.59 28.74 38.53
N THR B 164 32.55 29.45 37.95
CA THR B 164 32.26 30.62 37.14
C THR B 164 32.01 30.20 35.70
N GLU B 165 31.83 31.19 34.83
CA GLU B 165 31.68 30.94 33.41
C GLU B 165 33.05 30.99 32.73
N GLN B 166 33.10 30.52 31.49
CA GLN B 166 34.35 30.56 30.73
C GLN B 166 34.78 32.01 30.52
N ASP B 167 36.04 32.29 30.84
CA ASP B 167 36.55 33.65 30.76
C ASP B 167 36.56 34.14 29.32
N SER B 168 36.31 35.44 29.15
CA SER B 168 36.30 36.04 27.82
C SER B 168 37.68 36.40 27.31
N LYS B 169 38.72 36.30 28.15
CA LYS B 169 40.07 36.66 27.76
C LYS B 169 40.91 35.42 27.43
N ASP B 170 41.03 34.50 28.39
CA ASP B 170 41.83 33.30 28.21
C ASP B 170 41.05 32.00 28.27
N SER B 171 39.72 32.07 28.43
CA SER B 171 38.84 30.91 28.44
C SER B 171 39.29 29.87 29.46
N THR B 172 39.25 30.26 30.73
CA THR B 172 39.62 29.39 31.85
C THR B 172 38.44 29.31 32.82
N TYR B 173 38.65 28.60 33.93
CA TYR B 173 37.61 28.36 34.91
C TYR B 173 38.11 28.62 36.33
N SER B 174 37.17 28.94 37.21
CA SER B 174 37.44 29.11 38.63
C SER B 174 36.36 28.41 39.42
N LEU B 175 36.77 27.63 40.42
CA LEU B 175 35.88 26.85 41.25
C LEU B 175 36.11 27.19 42.71
N SER B 176 35.06 27.13 43.51
CA SER B 176 35.17 27.36 44.94
C SER B 176 34.27 26.36 45.67
N SER B 177 34.84 25.66 46.65
CA SER B 177 34.10 24.67 47.43
C SER B 177 34.06 25.12 48.88
N THR B 178 32.85 25.15 49.46
CA THR B 178 32.61 25.61 50.82
C THR B 178 32.05 24.46 51.63
N LEU B 179 32.68 24.18 52.78
CA LEU B 179 32.23 23.17 53.72
C LEU B 179 31.73 23.88 54.97
N THR B 180 30.48 23.61 55.34
CA THR B 180 29.82 24.25 56.48
C THR B 180 29.59 23.23 57.58
N LEU B 181 30.03 23.57 58.79
CA LEU B 181 29.87 22.72 59.97
C LEU B 181 29.42 23.61 61.12
N SER B 182 29.23 23.00 62.28
CA SER B 182 28.93 23.73 63.50
C SER B 182 30.17 23.80 64.39
N LYS B 183 30.09 24.61 65.45
CA LYS B 183 31.21 24.76 66.35
C LYS B 183 31.58 23.44 67.02
N ALA B 184 30.57 22.67 67.42
CA ALA B 184 30.83 21.37 68.03
C ALA B 184 31.53 20.43 67.05
N ASP B 185 31.09 20.44 65.78
CA ASP B 185 31.72 19.60 64.77
C ASP B 185 33.08 20.12 64.34
N TYR B 186 33.36 21.41 64.57
CA TYR B 186 34.66 21.98 64.23
C TYR B 186 35.69 21.81 65.33
N GLU B 187 35.25 21.70 66.59
CA GLU B 187 36.22 21.64 67.69
C GLU B 187 36.89 20.28 67.81
N LYS B 188 36.17 19.19 67.52
CA LYS B 188 36.69 17.85 67.78
C LYS B 188 37.44 17.25 66.60
N HIS B 189 37.93 18.07 65.68
CA HIS B 189 38.72 17.60 64.55
C HIS B 189 39.98 18.44 64.43
N LYS B 190 41.06 17.82 63.95
CA LYS B 190 42.38 18.45 63.96
C LYS B 190 42.77 19.02 62.60
N VAL B 191 42.81 18.20 61.56
CA VAL B 191 43.34 18.61 60.27
C VAL B 191 42.22 18.72 59.25
N TYR B 192 42.45 19.55 58.23
CA TYR B 192 41.49 19.77 57.15
C TYR B 192 42.26 19.90 55.85
N ALA B 193 41.73 19.28 54.79
CA ALA B 193 42.40 19.32 53.50
C ALA B 193 41.37 19.29 52.38
N CYS B 194 41.71 19.95 51.27
CA CYS B 194 40.89 19.99 50.06
C CYS B 194 41.69 19.29 48.96
N GLU B 195 41.42 18.00 48.77
CA GLU B 195 42.08 17.22 47.75
C GLU B 195 41.48 17.53 46.39
N VAL B 196 42.34 17.70 45.39
CA VAL B 196 41.92 18.02 44.03
C VAL B 196 42.50 17.00 43.06
N THR B 197 41.65 16.48 42.18
CA THR B 197 42.06 15.56 41.12
C THR B 197 41.69 16.19 39.78
N HIS B 198 42.70 16.41 38.94
CA HIS B 198 42.52 17.02 37.63
C HIS B 198 43.59 16.46 36.69
N GLN B 199 43.24 16.33 35.42
CA GLN B 199 44.17 15.77 34.44
C GLN B 199 45.34 16.69 34.13
N GLY B 200 45.27 17.96 34.54
CA GLY B 200 46.36 18.88 34.29
C GLY B 200 47.60 18.64 35.13
N LEU B 201 47.50 17.79 36.15
CA LEU B 201 48.62 17.47 37.02
C LEU B 201 48.89 15.98 36.98
N SER B 202 50.18 15.61 37.03
CA SER B 202 50.53 14.19 37.08
C SER B 202 50.17 13.57 38.42
N SER B 203 50.22 14.35 39.50
CA SER B 203 49.87 13.87 40.83
C SER B 203 48.92 14.86 41.50
N PRO B 204 47.93 14.36 42.23
CA PRO B 204 46.99 15.27 42.92
C PRO B 204 47.70 16.04 44.03
N VAL B 205 47.74 17.36 43.89
CA VAL B 205 48.36 18.22 44.87
C VAL B 205 47.42 18.36 46.08
N THR B 206 48.00 18.40 47.27
CA THR B 206 47.24 18.51 48.51
C THR B 206 47.51 19.85 49.17
N LYS B 207 46.54 20.30 49.97
CA LYS B 207 46.65 21.54 50.72
C LYS B 207 45.99 21.33 52.08
N SER B 208 46.79 21.44 53.14
CA SER B 208 46.30 21.22 54.50
C SER B 208 46.63 22.44 55.36
N PHE B 209 45.82 22.65 56.39
CA PHE B 209 46.05 23.75 57.31
C PHE B 209 45.58 23.35 58.70
N ASN B 210 46.18 23.97 59.71
CA ASN B 210 45.82 23.77 61.10
C ASN B 210 45.55 25.14 61.73
N ARG B 211 44.91 25.12 62.90
CA ARG B 211 44.68 26.32 63.67
C ARG B 211 45.41 26.22 65.01
N GLY B 212 45.47 27.35 65.70
CA GLY B 212 46.24 27.47 66.93
C GLY B 212 47.60 28.09 66.74
N GLU B 213 48.07 28.22 65.51
CA GLU B 213 49.35 28.87 65.21
C GLU B 213 49.26 29.93 64.12
N CYS B 214 48.29 29.86 63.22
CA CYS B 214 48.13 30.88 62.19
C CYS B 214 46.76 31.53 62.29
N GLU C 1 7.43 42.38 13.65
CA GLU C 1 8.37 41.60 14.43
C GLU C 1 7.72 41.12 15.73
N VAL C 2 7.59 39.80 15.88
CA VAL C 2 6.83 39.23 16.98
C VAL C 2 7.59 39.39 18.29
N GLN C 3 6.85 39.73 19.35
CA GLN C 3 7.40 39.83 20.69
C GLN C 3 6.43 39.23 21.68
N LEU C 4 6.97 38.72 22.79
CA LEU C 4 6.17 38.19 23.89
C LEU C 4 6.78 38.72 25.18
N VAL C 5 6.05 39.60 25.87
CA VAL C 5 6.54 40.25 27.09
C VAL C 5 5.76 39.69 28.27
N GLU C 6 6.48 39.36 29.34
CA GLU C 6 5.89 38.67 30.48
C GLU C 6 5.98 39.53 31.73
N SER C 7 5.07 39.28 32.66
CA SER C 7 5.10 39.99 33.94
C SER C 7 4.28 39.22 34.97
N GLY C 8 4.75 39.22 36.22
CA GLY C 8 4.00 38.61 37.29
C GLY C 8 4.80 37.77 38.26
N GLY C 9 6.12 37.72 38.10
CA GLY C 9 6.97 36.94 38.98
C GLY C 9 7.38 37.71 40.22
N GLY C 10 7.58 36.99 41.31
CA GLY C 10 7.99 37.61 42.55
C GLY C 10 8.02 36.61 43.68
N LEU C 11 8.30 37.14 44.87
CA LEU C 11 8.35 36.30 46.07
C LEU C 11 6.96 35.83 46.45
N VAL C 12 6.82 34.53 46.70
CA VAL C 12 5.55 33.94 47.12
C VAL C 12 5.81 32.97 48.26
N GLN C 13 4.93 32.99 49.26
CA GLN C 13 5.05 32.07 50.37
C GLN C 13 4.80 30.63 49.90
N PRO C 14 5.41 29.65 50.58
CA PRO C 14 5.25 28.25 50.13
C PRO C 14 3.85 27.72 50.38
N GLY C 15 2.92 28.05 49.48
CA GLY C 15 1.54 27.67 49.62
C GLY C 15 0.59 28.74 49.11
N GLY C 16 1.15 29.90 48.76
CA GLY C 16 0.36 31.01 48.26
C GLY C 16 -0.07 30.80 46.82
N SER C 17 -0.41 31.91 46.16
CA SER C 17 -0.88 31.89 44.79
C SER C 17 -0.22 33.02 44.01
N LEU C 18 -0.17 32.84 42.69
CA LEU C 18 0.45 33.81 41.80
C LEU C 18 -0.23 33.74 40.44
N ARG C 19 -0.08 34.82 39.67
CA ARG C 19 -0.64 34.88 38.32
C ARG C 19 0.33 35.60 37.40
N LEU C 20 0.79 34.90 36.37
CA LEU C 20 1.68 35.45 35.36
C LEU C 20 0.91 35.79 34.09
N SER C 21 1.34 36.86 33.42
CA SER C 21 0.69 37.34 32.22
C SER C 21 1.71 37.48 31.10
N CYS C 22 1.28 37.15 29.89
CA CYS C 22 2.11 37.13 28.69
C CYS C 22 1.38 37.90 27.60
N ALA C 23 1.91 39.06 27.24
CA ALA C 23 1.32 39.91 26.21
C ALA C 23 2.07 39.71 24.90
N ALA C 24 1.32 39.43 23.84
CA ALA C 24 1.87 39.17 22.51
C ALA C 24 1.86 40.43 21.66
N SER C 25 2.69 40.42 20.62
CA SER C 25 2.74 41.54 19.69
C SER C 25 3.30 41.05 18.37
N GLY C 26 2.78 41.60 17.27
CA GLY C 26 3.32 41.38 15.94
C GLY C 26 2.64 40.31 15.14
N PHE C 27 1.84 39.43 15.77
CA PHE C 27 1.19 38.35 15.06
C PHE C 27 -0.25 38.22 15.53
N THR C 28 -0.99 37.32 14.87
CA THR C 28 -2.38 37.07 15.22
C THR C 28 -2.44 36.07 16.36
N PHE C 29 -2.84 36.54 17.54
CA PHE C 29 -2.82 35.71 18.74
C PHE C 29 -3.84 34.60 18.71
N SER C 30 -4.93 34.75 17.94
CA SER C 30 -6.05 33.83 17.98
C SER C 30 -5.92 32.68 16.99
N SER C 31 -4.71 32.40 16.49
CA SER C 31 -4.53 31.31 15.53
C SER C 31 -3.27 30.51 15.81
N TYR C 32 -2.83 30.48 17.06
CA TYR C 32 -1.66 29.69 17.43
C TYR C 32 -1.81 29.20 18.86
N ALA C 33 -1.45 27.94 19.07
CA ALA C 33 -1.45 27.36 20.42
C ALA C 33 -0.23 27.84 21.18
N MET C 34 -0.39 28.06 22.49
CA MET C 34 0.72 28.55 23.30
C MET C 34 1.04 27.58 24.44
N THR C 35 2.19 27.82 25.06
CA THR C 35 2.66 26.94 26.11
C THR C 35 3.52 27.72 27.09
N TRP C 36 3.68 27.15 28.28
CA TRP C 36 4.55 27.68 29.31
C TRP C 36 5.66 26.67 29.59
N VAL C 37 6.91 27.12 29.53
CA VAL C 37 8.05 26.25 29.76
C VAL C 37 8.87 26.82 30.91
N ARG C 38 9.13 26.00 31.92
CA ARG C 38 9.85 26.46 33.09
C ARG C 38 11.24 25.82 33.11
N GLN C 39 12.17 26.51 33.76
CA GLN C 39 13.55 26.06 33.86
C GLN C 39 14.08 26.41 35.24
N ALA C 40 14.25 25.40 36.09
CA ALA C 40 14.72 25.66 37.44
C ALA C 40 16.15 26.17 37.35
N PRO C 41 16.57 27.07 38.24
CA PRO C 41 17.87 27.72 38.06
C PRO C 41 19.01 26.72 38.12
N GLY C 42 19.81 26.69 37.06
CA GLY C 42 20.87 25.71 36.96
C GLY C 42 20.43 24.35 36.48
N LYS C 43 19.36 24.27 35.69
CA LYS C 43 18.83 22.98 35.26
C LYS C 43 18.29 23.11 33.84
N GLY C 44 17.76 21.99 33.31
CA GLY C 44 17.27 21.93 31.96
C GLY C 44 15.85 22.42 31.81
N LEU C 45 15.44 22.59 30.56
CA LEU C 45 14.09 23.06 30.28
C LEU C 45 13.07 21.97 30.60
N GLU C 46 11.89 22.39 31.03
CA GLU C 46 10.82 21.46 31.41
C GLU C 46 9.49 22.03 30.99
N TRP C 47 8.68 21.22 30.30
CA TRP C 47 7.37 21.65 29.87
C TRP C 47 6.42 21.68 31.05
N VAL C 48 5.48 22.63 31.03
CA VAL C 48 4.56 22.82 32.15
C VAL C 48 3.12 22.62 31.72
N SER C 49 2.64 23.48 30.83
CA SER C 49 1.25 23.41 30.40
C SER C 49 1.12 24.04 29.02
N ALA C 50 0.03 23.70 28.34
CA ALA C 50 -0.22 24.19 27.00
C ALA C 50 -1.71 24.47 26.81
N ILE C 51 -2.01 25.23 25.76
CA ILE C 51 -3.38 25.63 25.46
C ILE C 51 -3.52 25.75 23.95
N SER C 52 -4.70 25.37 23.47
CA SER C 52 -5.00 25.31 22.04
C SER C 52 -5.30 26.70 21.48
N GLY C 53 -5.68 26.71 20.20
CA GLY C 53 -5.78 27.98 19.48
C GLY C 53 -6.79 28.94 20.08
N SER C 54 -7.97 28.43 20.49
CA SER C 54 -8.98 29.29 21.11
C SER C 54 -9.73 28.56 22.23
N ASP C 55 -9.06 28.39 23.38
CA ASP C 55 -9.69 27.87 24.60
C ASP C 55 -10.24 26.46 24.48
N THR C 56 -10.07 25.81 23.33
CA THR C 56 -10.73 24.54 23.08
C THR C 56 -10.32 23.46 24.08
N SER C 57 -9.04 23.44 24.47
CA SER C 57 -8.60 22.42 25.41
C SER C 57 -7.23 22.78 25.97
N THR C 58 -7.02 22.42 27.23
CA THR C 58 -5.79 22.73 27.95
C THR C 58 -5.10 21.42 28.32
N TYR C 59 -3.77 21.46 28.38
CA TYR C 59 -2.99 20.27 28.66
C TYR C 59 -2.01 20.59 29.78
N TYR C 60 -1.75 19.61 30.64
CA TYR C 60 -0.86 19.84 31.77
C TYR C 60 0.19 18.74 31.82
N ALA C 61 1.14 18.91 32.73
CA ALA C 61 2.16 17.90 32.95
C ALA C 61 1.67 16.99 34.08
N ASP C 62 2.56 16.14 34.59
CA ASP C 62 2.17 15.26 35.67
C ASP C 62 2.45 15.88 37.03
N SER C 63 3.63 16.50 37.18
CA SER C 63 4.03 17.09 38.46
C SER C 63 3.28 18.37 38.80
N VAL C 64 2.51 18.93 37.87
CA VAL C 64 1.75 20.14 38.12
C VAL C 64 0.27 19.94 37.84
N LYS C 65 -0.16 18.68 37.77
CA LYS C 65 -1.56 18.38 37.49
C LYS C 65 -2.43 18.71 38.69
N GLY C 66 -3.48 19.50 38.46
CA GLY C 66 -4.42 19.87 39.50
C GLY C 66 -4.08 21.14 40.25
N ARG C 67 -2.84 21.63 40.14
CA ARG C 67 -2.42 22.85 40.82
C ARG C 67 -2.43 24.06 39.89
N PHE C 68 -1.75 23.98 38.75
CA PHE C 68 -1.66 25.13 37.86
C PHE C 68 -2.89 25.19 36.95
N THR C 69 -3.07 26.35 36.32
CA THR C 69 -4.21 26.54 35.43
C THR C 69 -3.86 27.59 34.38
N ILE C 70 -3.84 27.19 33.12
CA ILE C 70 -3.54 28.09 32.02
C ILE C 70 -4.84 28.64 31.45
N SER C 71 -4.79 29.85 30.93
CA SER C 71 -5.97 30.48 30.34
C SER C 71 -5.52 31.49 29.29
N ARG C 72 -6.45 31.86 28.43
CA ARG C 72 -6.16 32.76 27.31
C ARG C 72 -7.29 33.76 27.13
N ASP C 73 -6.93 35.03 26.99
CA ASP C 73 -7.89 36.10 26.67
C ASP C 73 -7.51 36.66 25.30
N ASN C 74 -8.30 36.31 24.30
CA ASN C 74 -8.05 36.76 22.93
C ASN C 74 -8.44 38.22 22.71
N SER C 75 -9.25 38.79 23.59
CA SER C 75 -9.67 40.18 23.42
C SER C 75 -8.49 41.13 23.57
N LYS C 76 -7.71 40.95 24.64
CA LYS C 76 -6.53 41.79 24.89
C LYS C 76 -5.23 41.09 24.50
N ASN C 77 -5.32 39.94 23.83
CA ASN C 77 -4.17 39.22 23.30
C ASN C 77 -3.18 38.86 24.43
N THR C 78 -3.69 38.12 25.41
CA THR C 78 -2.90 37.83 26.60
C THR C 78 -3.07 36.36 27.00
N LEU C 79 -2.01 35.80 27.56
CA LEU C 79 -2.00 34.42 28.06
C LEU C 79 -1.68 34.46 29.55
N PHE C 80 -2.54 33.87 30.37
CA PHE C 80 -2.40 33.89 31.82
C PHE C 80 -2.09 32.50 32.36
N LEU C 81 -1.28 32.47 33.42
CA LEU C 81 -1.00 31.25 34.16
C LEU C 81 -1.26 31.53 35.63
N GLN C 82 -2.26 30.84 36.19
CA GLN C 82 -2.60 30.95 37.60
C GLN C 82 -2.07 29.75 38.35
N MET C 83 -1.18 29.98 39.30
CA MET C 83 -0.59 28.92 40.11
C MET C 83 -1.06 29.08 41.56
N ASN C 84 -1.30 27.95 42.21
CA ASN C 84 -1.65 27.95 43.62
C ASN C 84 -1.13 26.66 44.26
N SER C 85 -1.11 26.66 45.59
CA SER C 85 -0.52 25.55 46.37
C SER C 85 0.93 25.32 45.98
N LEU C 86 1.69 26.42 45.90
CA LEU C 86 3.08 26.37 45.48
C LEU C 86 3.93 25.65 46.52
N ARG C 87 5.04 25.10 46.06
CA ARG C 87 6.00 24.40 46.90
C ARG C 87 7.38 25.03 46.73
N ALA C 88 8.39 24.39 47.33
CA ALA C 88 9.76 24.86 47.21
C ALA C 88 10.43 24.39 45.93
N GLU C 89 9.79 23.51 45.15
CA GLU C 89 10.34 23.00 43.91
C GLU C 89 9.80 23.72 42.68
N ASP C 90 8.95 24.75 42.87
CA ASP C 90 8.37 25.48 41.76
C ASP C 90 9.08 26.80 41.49
N THR C 91 10.24 27.04 42.11
CA THR C 91 11.02 28.23 41.81
C THR C 91 11.82 28.00 40.52
N ALA C 92 11.62 28.85 39.54
CA ALA C 92 12.20 28.66 38.21
C ALA C 92 11.96 29.90 37.37
N VAL C 93 12.54 29.89 36.17
CA VAL C 93 12.30 30.93 35.18
C VAL C 93 11.26 30.42 34.19
N TYR C 94 10.22 31.20 33.95
CA TYR C 94 9.09 30.80 33.12
C TYR C 94 9.14 31.55 31.79
N TYR C 95 8.94 30.81 30.70
CA TYR C 95 8.94 31.33 29.34
C TYR C 95 7.58 31.08 28.70
N CYS C 96 7.09 32.08 27.98
CA CYS C 96 5.85 32.01 27.22
C CYS C 96 6.21 31.70 25.77
N ALA C 97 5.92 30.49 25.32
CA ALA C 97 6.35 30.03 24.00
C ALA C 97 5.15 29.84 23.08
N LYS C 98 5.39 30.05 21.79
CA LYS C 98 4.37 29.98 20.75
C LYS C 98 4.65 28.79 19.86
N HIS C 99 3.59 28.10 19.44
CA HIS C 99 3.71 26.93 18.59
C HIS C 99 3.53 27.30 17.12
N GLN C 100 3.74 26.31 16.26
CA GLN C 100 3.70 26.52 14.82
C GLN C 100 2.34 26.31 14.20
N ASP C 101 1.36 25.80 14.94
CA ASP C 101 0.06 25.45 14.38
C ASP C 101 -1.04 25.90 15.33
N TYR C 102 -2.28 25.81 14.84
CA TYR C 102 -3.43 26.25 15.62
C TYR C 102 -3.67 25.35 16.82
N ASP C 103 -3.45 24.05 16.67
CA ASP C 103 -3.64 23.11 17.76
C ASP C 103 -2.63 21.98 17.61
N PHE C 104 -2.86 20.88 18.34
CA PHE C 104 -1.92 19.77 18.39
C PHE C 104 -2.45 18.53 17.68
N SER C 105 -3.48 18.67 16.85
CA SER C 105 -4.01 17.52 16.13
C SER C 105 -3.17 17.15 14.92
N TYR C 106 -2.40 18.08 14.38
CA TYR C 106 -1.53 17.82 13.24
C TYR C 106 -0.11 17.57 13.71
N TYR C 107 0.84 17.56 12.77
CA TYR C 107 2.17 17.03 13.01
C TYR C 107 3.23 18.11 13.25
N TYR C 108 2.94 19.38 12.97
CA TYR C 108 3.91 20.46 13.13
C TYR C 108 3.54 21.26 14.38
N SER C 109 4.22 20.98 15.49
CA SER C 109 3.92 21.63 16.77
C SER C 109 5.21 21.99 17.50
N ALA C 110 6.17 22.56 16.79
CA ALA C 110 7.42 23.01 17.39
C ALA C 110 7.27 24.41 17.99
N MET C 111 8.18 24.73 18.90
CA MET C 111 8.20 26.03 19.58
C MET C 111 9.23 26.91 18.90
N ASP C 112 8.77 27.98 18.26
CA ASP C 112 9.64 28.84 17.46
C ASP C 112 9.90 30.21 18.07
N VAL C 113 8.89 30.86 18.65
CA VAL C 113 9.02 32.17 19.25
C VAL C 113 8.92 32.01 20.76
N TRP C 114 9.86 32.61 21.49
CA TRP C 114 9.95 32.48 22.94
C TRP C 114 9.91 33.86 23.59
N GLY C 115 9.64 33.86 24.90
CA GLY C 115 9.70 35.07 25.70
C GLY C 115 10.99 35.14 26.51
N GLN C 116 11.22 36.33 27.07
CA GLN C 116 12.47 36.56 27.80
C GLN C 116 12.54 35.73 29.07
N GLY C 117 11.43 35.59 29.77
CA GLY C 117 11.39 34.78 30.99
C GLY C 117 11.20 35.64 32.22
N THR C 118 10.41 35.13 33.16
CA THR C 118 10.23 35.77 34.47
C THR C 118 10.61 34.80 35.57
N THR C 119 11.33 35.29 36.57
CA THR C 119 11.83 34.45 37.65
C THR C 119 10.82 34.42 38.78
N VAL C 120 10.25 33.24 39.03
CA VAL C 120 9.31 33.03 40.13
C VAL C 120 10.04 32.25 41.21
N THR C 121 10.25 32.88 42.36
CA THR C 121 10.93 32.26 43.49
C THR C 121 9.96 32.08 44.64
N VAL C 122 10.02 30.91 45.27
CA VAL C 122 9.13 30.55 46.37
C VAL C 122 9.99 30.17 47.56
N SER C 123 9.79 30.84 48.69
CA SER C 123 10.55 30.56 49.90
C SER C 123 9.74 30.99 51.11
N SER C 124 10.12 30.47 52.26
CA SER C 124 9.43 30.78 53.51
C SER C 124 10.07 31.92 54.28
N ALA C 125 11.39 32.03 54.23
CA ALA C 125 12.10 33.07 54.98
C ALA C 125 11.83 34.44 54.38
N SER C 126 11.98 35.46 55.22
CA SER C 126 11.77 36.84 54.82
C SER C 126 13.12 37.52 54.53
N THR C 127 13.07 38.81 54.24
CA THR C 127 14.26 39.56 53.90
C THR C 127 15.21 39.64 55.09
N LYS C 128 16.51 39.69 54.80
CA LYS C 128 17.52 39.78 55.84
C LYS C 128 18.78 40.39 55.24
N GLY C 129 19.62 40.94 56.10
CA GLY C 129 20.81 41.63 55.67
C GLY C 129 21.97 40.70 55.38
N PRO C 130 22.73 40.99 54.33
CA PRO C 130 23.90 40.17 54.02
C PRO C 130 24.93 40.20 55.14
N SER C 131 25.54 39.04 55.37
CA SER C 131 26.56 38.89 56.41
C SER C 131 27.91 38.77 55.71
N VAL C 132 28.75 39.79 55.86
CA VAL C 132 30.00 39.91 55.10
C VAL C 132 31.17 39.63 56.03
N PHE C 133 31.94 38.59 55.71
CA PHE C 133 33.06 38.12 56.51
C PHE C 133 34.35 38.14 55.70
N PRO C 134 35.49 38.35 56.34
CA PRO C 134 36.77 38.37 55.61
C PRO C 134 37.18 36.97 55.19
N LEU C 135 38.15 36.90 54.28
CA LEU C 135 38.62 35.62 53.76
C LEU C 135 40.07 35.80 53.33
N ALA C 136 41.00 35.40 54.19
CA ALA C 136 42.42 35.57 53.95
C ALA C 136 43.17 34.34 54.43
N PRO C 137 44.32 34.03 53.84
CA PRO C 137 45.11 32.88 54.28
C PRO C 137 45.89 33.18 55.55
N CYS C 138 46.42 32.13 56.16
CA CYS C 138 47.26 32.27 57.35
C CYS C 138 48.64 31.68 57.11
N SER C 145 55.51 34.65 45.27
CA SER C 145 54.43 34.26 44.38
C SER C 145 53.29 35.27 44.43
N THR C 146 52.08 34.81 44.13
CA THR C 146 50.88 35.64 44.15
C THR C 146 49.87 35.03 45.11
N ALA C 147 49.24 35.88 45.92
CA ALA C 147 48.26 35.44 46.89
C ALA C 147 46.86 35.82 46.44
N ALA C 148 45.87 35.38 47.21
CA ALA C 148 44.47 35.68 46.91
C ALA C 148 43.74 36.02 48.19
N LEU C 149 42.98 37.11 48.16
CA LEU C 149 42.16 37.54 49.28
C LEU C 149 40.70 37.55 48.85
N GLY C 150 39.81 37.83 49.78
CA GLY C 150 38.42 37.99 49.41
C GLY C 150 37.51 38.19 50.60
N CYS C 151 36.22 38.24 50.30
CA CYS C 151 35.22 38.27 51.36
C CYS C 151 34.04 37.39 50.98
N LEU C 152 33.45 36.77 52.00
CA LEU C 152 32.36 35.83 51.85
C LEU C 152 31.06 36.48 52.33
N VAL C 153 30.04 36.45 51.46
CA VAL C 153 28.71 36.95 51.79
C VAL C 153 27.84 35.74 52.10
N LYS C 154 27.20 35.75 53.26
CA LYS C 154 26.43 34.60 53.73
C LYS C 154 25.14 35.08 54.36
N ASP C 155 24.09 34.26 54.24
CA ASP C 155 22.82 34.47 54.93
C ASP C 155 22.20 35.82 54.53
N TYR C 156 21.87 35.92 53.24
CA TYR C 156 21.18 37.08 52.72
C TYR C 156 19.99 36.63 51.88
N PHE C 157 18.94 37.44 51.88
CA PHE C 157 17.72 37.14 51.16
C PHE C 157 16.93 38.42 50.94
N PRO C 158 16.40 38.65 49.73
CA PRO C 158 16.52 37.82 48.54
C PRO C 158 17.65 38.29 47.62
N GLU C 159 17.79 37.65 46.46
CA GLU C 159 18.77 38.07 45.48
C GLU C 159 18.36 39.39 44.85
N PRO C 160 19.31 40.15 44.30
CA PRO C 160 20.75 39.90 44.24
C PRO C 160 21.57 40.78 45.20
N VAL C 161 22.88 40.56 45.25
CA VAL C 161 23.79 41.38 46.04
C VAL C 161 24.99 41.74 45.17
N THR C 162 25.41 42.99 45.25
CA THR C 162 26.50 43.49 44.41
C THR C 162 27.78 43.61 45.22
N VAL C 163 28.85 43.00 44.72
CA VAL C 163 30.15 43.03 45.38
C VAL C 163 31.13 43.72 44.46
N SER C 164 31.82 44.74 44.98
CA SER C 164 32.84 45.48 44.24
C SER C 164 34.09 45.59 45.10
N TRP C 165 35.18 46.03 44.49
CA TRP C 165 36.45 46.18 45.19
C TRP C 165 36.99 47.59 44.95
N ASN C 166 37.16 48.34 46.04
CA ASN C 166 37.68 49.71 46.00
C ASN C 166 36.85 50.60 45.07
N SER C 167 35.53 50.36 45.06
CA SER C 167 34.60 51.15 44.25
C SER C 167 35.02 51.19 42.78
N GLY C 168 35.42 50.04 42.26
CA GLY C 168 35.82 49.93 40.87
C GLY C 168 37.26 50.24 40.58
N ALA C 169 38.05 50.66 41.58
CA ALA C 169 39.46 50.95 41.35
C ALA C 169 40.25 49.67 41.06
N LEU C 170 39.79 48.54 41.58
CA LEU C 170 40.43 47.24 41.37
C LEU C 170 39.45 46.31 40.66
N THR C 171 39.73 46.00 39.40
CA THR C 171 38.86 45.11 38.63
C THR C 171 39.62 44.04 37.85
N SER C 172 40.94 43.97 37.97
CA SER C 172 41.74 42.97 37.27
C SER C 172 42.03 41.82 38.23
N GLY C 173 41.46 40.65 37.92
CA GLY C 173 41.63 39.49 38.76
C GLY C 173 40.51 39.19 39.72
N VAL C 174 39.35 39.85 39.57
CA VAL C 174 38.23 39.61 40.46
C VAL C 174 37.48 38.36 40.02
N HIS C 175 36.86 37.68 40.99
CA HIS C 175 36.02 36.53 40.70
C HIS C 175 34.88 36.51 41.71
N THR C 176 33.65 36.61 41.21
CA THR C 176 32.45 36.54 42.04
C THR C 176 31.62 35.35 41.55
N PHE C 177 31.64 34.28 42.31
CA PHE C 177 30.94 33.07 41.92
C PHE C 177 29.44 33.22 42.10
N PRO C 178 28.64 32.47 41.35
CA PRO C 178 27.18 32.52 41.53
C PRO C 178 26.78 32.08 42.93
N ALA C 179 25.72 32.68 43.43
CA ALA C 179 25.23 32.36 44.76
C ALA C 179 24.64 30.96 44.80
N VAL C 180 24.90 30.24 45.90
CA VAL C 180 24.39 28.89 46.11
C VAL C 180 23.30 28.94 47.17
N LEU C 181 22.20 28.24 46.91
CA LEU C 181 21.07 28.20 47.83
C LEU C 181 21.24 27.03 48.80
N GLN C 182 21.40 27.35 50.08
CA GLN C 182 21.59 26.33 51.09
C GLN C 182 20.26 25.73 51.53
N SER C 183 20.30 24.82 52.50
CA SER C 183 19.10 24.18 52.99
C SER C 183 18.28 25.11 53.89
N SER C 184 18.88 26.17 54.41
CA SER C 184 18.19 27.08 55.31
C SER C 184 17.35 28.12 54.57
N GLY C 185 17.38 28.13 53.24
CA GLY C 185 16.66 29.12 52.47
C GLY C 185 17.38 30.44 52.29
N LEU C 186 18.62 30.56 52.75
CA LEU C 186 19.39 31.78 52.62
C LEU C 186 20.57 31.56 51.69
N TYR C 187 20.88 32.55 50.87
CA TYR C 187 21.92 32.43 49.87
C TYR C 187 23.29 32.72 50.47
N SER C 188 24.32 32.39 49.69
CA SER C 188 25.71 32.62 50.09
C SER C 188 26.59 32.54 48.86
N LEU C 189 27.56 33.45 48.78
CA LEU C 189 28.55 33.47 47.71
C LEU C 189 29.86 34.00 48.27
N SER C 190 30.87 34.05 47.41
CA SER C 190 32.18 34.54 47.80
C SER C 190 32.75 35.40 46.67
N SER C 191 33.66 36.31 47.04
CA SER C 191 34.38 37.12 46.07
C SER C 191 35.86 37.03 46.39
N VAL C 192 36.66 36.68 45.39
CA VAL C 192 38.09 36.45 45.55
C VAL C 192 38.86 37.25 44.51
N VAL C 193 39.91 37.93 44.95
CA VAL C 193 40.78 38.71 44.07
C VAL C 193 42.22 38.23 44.26
N THR C 194 42.91 38.00 43.15
CA THR C 194 44.30 37.57 43.17
C THR C 194 45.21 38.78 43.05
N VAL C 195 46.11 38.95 44.00
CA VAL C 195 47.02 40.10 44.01
C VAL C 195 48.44 39.59 44.26
N PRO C 196 49.47 40.29 43.80
CA PRO C 196 50.85 39.87 44.11
C PRO C 196 51.12 39.91 45.60
N SER C 197 51.96 38.98 46.05
CA SER C 197 52.25 38.86 47.48
C SER C 197 53.07 40.04 48.01
N SER C 198 53.73 40.79 47.13
CA SER C 198 54.54 41.92 47.58
C SER C 198 53.70 43.13 47.97
N SER C 199 52.44 43.18 47.56
CA SER C 199 51.56 44.30 47.87
C SER C 199 50.67 44.05 49.08
N LEU C 200 50.83 42.91 49.75
CA LEU C 200 49.99 42.62 50.91
C LEU C 200 50.28 43.57 52.06
N GLY C 201 51.55 43.79 52.37
CA GLY C 201 51.95 44.67 53.45
C GLY C 201 52.07 46.13 53.09
N THR C 202 51.78 46.50 51.84
CA THR C 202 51.90 47.88 51.39
C THR C 202 50.58 48.50 50.99
N LYS C 203 49.69 47.73 50.35
CA LYS C 203 48.42 48.25 49.87
C LYS C 203 47.27 47.53 50.58
N THR C 204 46.25 48.29 50.97
CA THR C 204 45.08 47.75 51.63
C THR C 204 43.98 47.48 50.61
N TYR C 205 43.00 46.68 51.02
CA TYR C 205 41.90 46.31 50.15
C TYR C 205 40.58 46.33 50.93
N THR C 206 39.56 46.93 50.33
CA THR C 206 38.22 46.98 50.89
C THR C 206 37.25 46.43 49.86
N CYS C 207 36.37 45.52 50.27
CA CYS C 207 35.31 45.03 49.42
C CYS C 207 33.98 45.62 49.87
N ASN C 208 33.21 46.10 48.90
CA ASN C 208 31.94 46.78 49.15
C ASN C 208 30.80 45.84 48.76
N VAL C 209 29.87 45.64 49.69
CA VAL C 209 28.71 44.78 49.50
C VAL C 209 27.47 45.66 49.57
N ASP C 210 26.62 45.56 48.54
CA ASP C 210 25.45 46.43 48.39
C ASP C 210 24.22 45.57 48.18
N HIS C 211 23.17 45.85 48.94
CA HIS C 211 21.91 45.11 48.87
C HIS C 211 20.77 46.11 48.78
N LYS C 212 20.03 46.07 47.67
CA LYS C 212 18.94 47.03 47.43
C LYS C 212 17.69 46.70 48.24
N PRO C 213 17.16 45.47 48.21
CA PRO C 213 15.92 45.21 48.97
C PRO C 213 16.06 45.46 50.47
N SER C 214 17.25 45.27 51.03
CA SER C 214 17.50 45.54 52.44
C SER C 214 18.39 46.75 52.65
N ASN C 215 18.51 47.61 51.63
CA ASN C 215 19.22 48.90 51.64
C ASN C 215 20.46 48.90 52.53
N THR C 216 21.31 47.89 52.36
CA THR C 216 22.47 47.70 53.21
C THR C 216 23.75 47.89 52.41
N LYS C 217 24.67 48.69 52.94
CA LYS C 217 25.96 48.94 52.32
C LYS C 217 27.05 48.69 53.35
N VAL C 218 27.88 47.69 53.09
CA VAL C 218 28.93 47.27 54.03
C VAL C 218 30.28 47.37 53.32
N ASP C 219 31.21 48.10 53.92
CA ASP C 219 32.57 48.23 53.43
C ASP C 219 33.49 47.46 54.37
N LYS C 220 34.00 46.32 53.91
CA LYS C 220 34.79 45.43 54.76
C LYS C 220 36.26 45.47 54.34
N ARG C 221 37.14 45.72 55.31
CA ARG C 221 38.58 45.70 55.08
C ARG C 221 39.08 44.27 55.13
N VAL C 222 39.83 43.85 54.12
CA VAL C 222 40.36 42.50 54.03
C VAL C 222 41.87 42.56 54.27
N GLU C 223 42.35 41.77 55.22
CA GLU C 223 43.77 41.73 55.55
C GLU C 223 44.06 40.42 56.26
N SER C 224 45.36 40.17 56.45
CA SER C 224 45.80 38.96 57.15
C SER C 224 45.47 39.03 58.64
N ASP D 1 -20.51 -5.80 17.40
CA ASP D 1 -21.36 -6.95 17.68
C ASP D 1 -22.72 -6.51 18.19
N ILE D 2 -23.77 -6.85 17.43
CA ILE D 2 -25.15 -6.55 17.79
C ILE D 2 -25.87 -7.88 17.92
N VAL D 3 -26.18 -8.29 19.15
CA VAL D 3 -26.88 -9.54 19.35
C VAL D 3 -28.34 -9.38 18.94
N MET D 4 -28.85 -10.34 18.19
CA MET D 4 -30.22 -10.29 17.69
C MET D 4 -31.04 -11.40 18.35
N THR D 5 -32.21 -11.04 18.85
CA THR D 5 -33.12 -11.99 19.49
C THR D 5 -34.42 -12.03 18.69
N GLN D 6 -35.02 -13.21 18.61
CA GLN D 6 -36.25 -13.41 17.87
C GLN D 6 -37.31 -14.03 18.78
N SER D 7 -38.56 -13.66 18.54
CA SER D 7 -39.67 -14.14 19.34
C SER D 7 -40.91 -14.34 18.47
N PRO D 8 -41.65 -15.42 18.70
CA PRO D 8 -41.36 -16.53 19.62
C PRO D 8 -40.40 -17.53 18.99
N LEU D 9 -39.87 -18.48 19.77
CA LEU D 9 -38.96 -19.47 19.20
C LEU D 9 -39.69 -20.39 18.23
N SER D 10 -40.97 -20.67 18.48
CA SER D 10 -41.79 -21.45 17.57
C SER D 10 -43.21 -20.92 17.63
N LEU D 11 -43.96 -21.15 16.55
CA LEU D 11 -45.33 -20.66 16.51
C LEU D 11 -46.18 -21.52 15.57
N PRO D 12 -47.20 -22.20 16.10
CA PRO D 12 -48.13 -22.93 15.23
C PRO D 12 -49.28 -22.05 14.77
N VAL D 13 -49.48 -21.95 13.45
CA VAL D 13 -50.53 -21.12 12.88
C VAL D 13 -51.29 -21.93 11.84
N THR D 14 -52.62 -21.94 11.97
CA THR D 14 -53.49 -22.54 10.97
C THR D 14 -53.66 -21.57 9.79
N PRO D 15 -53.94 -22.08 8.59
CA PRO D 15 -54.13 -21.18 7.45
C PRO D 15 -55.35 -20.29 7.67
N GLY D 16 -55.14 -18.99 7.56
CA GLY D 16 -56.23 -18.04 7.69
C GLY D 16 -55.96 -16.88 8.63
N GLU D 17 -55.24 -17.14 9.74
CA GLU D 17 -55.03 -16.01 10.63
C GLU D 17 -53.62 -15.43 10.46
N PRO D 18 -53.45 -14.14 10.72
CA PRO D 18 -52.13 -13.54 10.57
C PRO D 18 -51.16 -14.03 11.64
N ALA D 19 -49.88 -13.84 11.35
CA ALA D 19 -48.81 -14.21 12.27
C ALA D 19 -47.82 -13.05 12.40
N SER D 20 -47.15 -12.99 13.54
CA SER D 20 -46.21 -11.92 13.82
C SER D 20 -44.91 -12.50 14.36
N ILE D 21 -43.79 -11.97 13.85
CA ILE D 21 -42.46 -12.37 14.29
C ILE D 21 -41.71 -11.11 14.71
N SER D 22 -41.12 -11.13 15.90
CA SER D 22 -40.47 -9.95 16.46
C SER D 22 -38.96 -10.17 16.53
N CYS D 23 -38.21 -9.15 16.13
CA CYS D 23 -36.76 -9.16 16.17
C CYS D 23 -36.29 -7.94 16.96
N ARG D 24 -35.42 -8.17 17.93
CA ARG D 24 -34.89 -7.13 18.79
C ARG D 24 -33.37 -7.13 18.72
N SER D 25 -32.79 -5.94 18.55
CA SER D 25 -31.35 -5.77 18.43
C SER D 25 -30.77 -5.24 19.73
N SER D 26 -29.45 -5.03 19.73
CA SER D 26 -28.75 -4.46 20.88
C SER D 26 -28.44 -2.97 20.71
N GLN D 27 -28.67 -2.43 19.51
CA GLN D 27 -28.41 -1.02 19.22
C GLN D 27 -29.54 -0.52 18.33
N SER D 28 -29.36 0.65 17.73
CA SER D 28 -30.34 1.19 16.81
C SER D 28 -29.79 1.13 15.40
N LEU D 29 -30.68 0.84 14.45
CA LEU D 29 -30.27 0.64 13.06
C LEU D 29 -30.71 1.84 12.22
N LEU D 30 -30.03 2.96 12.43
CA LEU D 30 -30.26 4.15 11.62
C LEU D 30 -28.91 4.69 11.18
N ASP D 31 -28.58 4.55 9.90
CA ASP D 31 -27.40 5.27 9.47
C ASP D 31 -27.87 6.72 9.44
N SER D 32 -27.21 7.57 10.22
CA SER D 32 -27.61 8.96 10.30
C SER D 32 -27.52 9.64 8.95
N ASP D 33 -26.44 9.34 8.24
CA ASP D 33 -26.11 9.94 6.95
C ASP D 33 -27.15 9.72 5.86
N ASP D 34 -27.97 8.66 5.93
CA ASP D 34 -29.03 8.49 4.94
C ASP D 34 -30.41 8.18 5.50
N GLY D 35 -30.54 7.86 6.79
CA GLY D 35 -31.82 7.47 7.34
C GLY D 35 -32.42 6.27 6.67
N ASN D 36 -31.69 5.16 6.70
CA ASN D 36 -32.12 3.89 6.14
C ASN D 36 -31.90 2.83 7.19
N THR D 37 -32.92 1.98 7.42
CA THR D 37 -32.78 0.95 8.42
C THR D 37 -32.14 -0.26 7.75
N TYR D 38 -31.18 -0.86 8.43
CA TYR D 38 -30.31 -1.87 7.83
C TYR D 38 -30.67 -3.27 8.29
N LEU D 39 -31.96 -3.58 8.29
CA LEU D 39 -32.44 -4.89 8.67
C LEU D 39 -33.09 -5.57 7.48
N ASP D 40 -32.80 -6.87 7.32
CA ASP D 40 -33.37 -7.68 6.27
C ASP D 40 -33.96 -8.96 6.86
N TRP D 41 -35.03 -9.44 6.24
CA TRP D 41 -35.73 -10.65 6.64
C TRP D 41 -35.58 -11.70 5.56
N TYR D 42 -35.02 -12.85 5.92
CA TYR D 42 -34.80 -13.99 5.04
C TYR D 42 -35.61 -15.18 5.52
N LEU D 43 -36.01 -16.03 4.57
CA LEU D 43 -36.75 -17.25 4.85
C LEU D 43 -35.97 -18.44 4.30
N ARG D 44 -35.62 -19.38 5.18
CA ARG D 44 -34.95 -20.62 4.80
C ARG D 44 -36.00 -21.72 4.74
N LYS D 45 -36.15 -22.31 3.55
CA LYS D 45 -37.10 -23.38 3.32
C LYS D 45 -36.54 -24.72 3.78
N PRO D 46 -37.40 -25.73 3.99
CA PRO D 46 -36.88 -27.05 4.36
C PRO D 46 -36.12 -27.72 3.22
N GLY D 47 -34.81 -27.86 3.40
CA GLY D 47 -33.97 -28.52 2.41
C GLY D 47 -33.65 -27.71 1.18
N GLN D 48 -33.82 -26.39 1.22
CA GLN D 48 -33.55 -25.52 0.09
C GLN D 48 -32.59 -24.41 0.53
N SER D 49 -32.28 -23.51 -0.42
CA SER D 49 -31.43 -22.37 -0.12
C SER D 49 -32.25 -21.22 0.44
N PRO D 50 -31.68 -20.45 1.36
CA PRO D 50 -32.42 -19.31 1.93
C PRO D 50 -32.79 -18.30 0.87
N GLN D 51 -33.98 -17.72 1.00
CA GLN D 51 -34.48 -16.69 0.11
C GLN D 51 -34.41 -15.33 0.78
N LEU D 52 -34.71 -14.30 0.00
CA LEU D 52 -34.77 -12.93 0.48
C LEU D 52 -36.22 -12.47 0.45
N LEU D 53 -36.76 -12.10 1.62
CA LEU D 53 -38.14 -11.64 1.71
C LEU D 53 -38.21 -10.12 1.79
N ILE D 54 -37.53 -9.51 2.77
CA ILE D 54 -37.63 -8.08 3.02
C ILE D 54 -36.23 -7.50 3.13
N TYR D 55 -36.03 -6.32 2.55
CA TYR D 55 -34.77 -5.61 2.71
C TYR D 55 -35.05 -4.16 3.11
N THR D 56 -34.21 -3.64 3.99
CA THR D 56 -34.35 -2.28 4.56
C THR D 56 -35.70 -2.08 5.23
N LEU D 57 -36.26 -3.16 5.80
CA LEU D 57 -37.35 -3.11 6.77
C LEU D 57 -38.69 -2.75 6.14
N SER D 58 -38.69 -2.33 4.88
CA SER D 58 -39.97 -1.96 4.28
C SER D 58 -40.20 -2.58 2.92
N TYR D 59 -39.16 -2.72 2.10
CA TYR D 59 -39.31 -3.12 0.72
C TYR D 59 -39.26 -4.64 0.59
N ARG D 60 -39.91 -5.14 -0.45
CA ARG D 60 -39.98 -6.57 -0.74
C ARG D 60 -39.24 -6.89 -2.03
N ALA D 61 -38.93 -8.17 -2.20
CA ALA D 61 -38.17 -8.63 -3.35
C ALA D 61 -39.07 -8.67 -4.58
N SER D 62 -38.55 -9.19 -5.70
CA SER D 62 -39.26 -9.19 -6.97
C SER D 62 -40.22 -10.37 -7.11
N GLY D 63 -40.25 -11.29 -6.14
CA GLY D 63 -41.15 -12.43 -6.24
C GLY D 63 -41.96 -12.65 -4.98
N VAL D 64 -41.70 -11.85 -3.96
CA VAL D 64 -42.41 -12.00 -2.69
C VAL D 64 -43.84 -11.47 -2.84
N PRO D 65 -44.86 -12.24 -2.46
CA PRO D 65 -46.23 -11.72 -2.55
C PRO D 65 -46.53 -10.65 -1.52
N ASP D 66 -47.77 -10.15 -1.50
CA ASP D 66 -48.16 -9.08 -0.61
C ASP D 66 -48.48 -9.56 0.80
N ARG D 67 -48.45 -10.87 1.05
CA ARG D 67 -48.81 -11.39 2.36
C ARG D 67 -47.80 -11.04 3.44
N PHE D 68 -46.63 -10.55 3.08
CA PHE D 68 -45.58 -10.24 4.02
C PHE D 68 -45.48 -8.72 4.16
N SER D 69 -45.41 -8.24 5.40
CA SER D 69 -45.27 -6.81 5.66
C SER D 69 -44.24 -6.61 6.76
N GLY D 70 -43.21 -5.82 6.47
CA GLY D 70 -42.18 -5.51 7.44
C GLY D 70 -42.39 -4.13 8.03
N SER D 71 -42.08 -3.99 9.31
CA SER D 71 -42.20 -2.71 9.99
C SER D 71 -41.29 -2.73 11.21
N GLY D 72 -41.18 -1.59 11.87
CA GLY D 72 -40.42 -1.52 13.10
C GLY D 72 -39.92 -0.12 13.36
N SER D 73 -39.16 -0.03 14.45
CA SER D 73 -38.61 1.25 14.89
C SER D 73 -37.39 0.98 15.77
N GLY D 74 -36.23 1.46 15.32
CA GLY D 74 -35.08 1.58 16.19
C GLY D 74 -34.46 0.27 16.62
N THR D 75 -35.19 -0.46 17.46
CA THR D 75 -34.67 -1.69 18.04
C THR D 75 -35.70 -2.81 17.92
N ASP D 76 -36.98 -2.45 17.84
CA ASP D 76 -38.06 -3.44 17.80
C ASP D 76 -38.61 -3.52 16.38
N PHE D 77 -38.55 -4.72 15.78
CA PHE D 77 -38.96 -4.91 14.41
C PHE D 77 -39.95 -6.05 14.33
N THR D 78 -40.93 -5.93 13.43
CA THR D 78 -42.03 -6.89 13.33
C THR D 78 -42.27 -7.25 11.88
N LEU D 79 -42.33 -8.55 11.60
CA LEU D 79 -42.75 -9.07 10.31
C LEU D 79 -44.12 -9.72 10.47
N LYS D 80 -45.07 -9.31 9.63
CA LYS D 80 -46.45 -9.77 9.73
C LYS D 80 -46.82 -10.54 8.47
N ILE D 81 -47.39 -11.73 8.66
CA ILE D 81 -47.95 -12.52 7.59
C ILE D 81 -49.46 -12.35 7.66
N SER D 82 -50.05 -11.74 6.63
CA SER D 82 -51.47 -11.42 6.65
C SER D 82 -52.31 -12.69 6.63
N ARG D 83 -52.15 -13.50 5.58
CA ARG D 83 -52.79 -14.80 5.49
C ARG D 83 -51.72 -15.87 5.30
N VAL D 84 -51.74 -16.88 6.16
CA VAL D 84 -50.72 -17.92 6.15
C VAL D 84 -51.18 -19.04 5.24
N GLU D 85 -50.33 -19.43 4.30
CA GLU D 85 -50.61 -20.53 3.39
C GLU D 85 -49.85 -21.78 3.85
N ALA D 86 -49.95 -22.84 3.04
CA ALA D 86 -49.26 -24.09 3.36
C ALA D 86 -47.81 -24.10 2.90
N ASP D 87 -47.37 -23.06 2.18
CA ASP D 87 -46.01 -23.01 1.67
C ASP D 87 -45.07 -22.21 2.57
N ASP D 88 -45.60 -21.34 3.42
CA ASP D 88 -44.76 -20.51 4.31
C ASP D 88 -44.31 -21.31 5.52
N VAL D 89 -43.60 -22.40 5.24
CA VAL D 89 -43.05 -23.27 6.27
C VAL D 89 -41.52 -23.20 6.18
N GLY D 90 -40.88 -22.93 7.30
CA GLY D 90 -39.44 -22.80 7.32
C GLY D 90 -39.00 -21.97 8.50
N VAL D 91 -37.74 -21.54 8.44
CA VAL D 91 -37.12 -20.77 9.51
C VAL D 91 -36.92 -19.34 9.03
N TYR D 92 -37.22 -18.37 9.88
CA TYR D 92 -37.13 -16.95 9.51
C TYR D 92 -35.98 -16.30 10.26
N TYR D 93 -35.17 -15.54 9.54
CA TYR D 93 -34.00 -14.88 10.11
C TYR D 93 -34.06 -13.38 9.86
N CYS D 94 -33.61 -12.60 10.84
CA CYS D 94 -33.45 -11.16 10.71
C CYS D 94 -31.98 -10.82 10.84
N MET D 95 -31.44 -10.09 9.85
CA MET D 95 -30.03 -9.75 9.81
C MET D 95 -29.85 -8.23 9.78
N GLN D 96 -28.88 -7.74 10.55
CA GLN D 96 -28.50 -6.34 10.55
C GLN D 96 -27.23 -6.14 9.73
N ARG D 97 -27.13 -4.96 9.10
CA ARG D 97 -25.94 -4.58 8.35
C ARG D 97 -25.59 -3.11 8.60
N ILE D 98 -25.51 -2.72 9.87
CA ILE D 98 -25.16 -1.34 10.20
C ILE D 98 -23.73 -1.22 10.70
N GLU D 99 -23.04 -2.35 10.88
CA GLU D 99 -21.67 -2.34 11.38
C GLU D 99 -21.03 -3.68 11.06
N PHE D 100 -19.70 -3.70 11.02
CA PHE D 100 -18.96 -4.91 10.74
C PHE D 100 -18.56 -5.52 12.07
N PRO D 101 -18.92 -6.77 12.37
CA PRO D 101 -19.21 -7.92 11.50
C PRO D 101 -20.71 -8.18 11.36
N LEU D 102 -21.27 -8.41 10.17
CA LEU D 102 -22.71 -8.59 10.08
C LEU D 102 -23.12 -9.85 10.86
N THR D 103 -24.28 -9.79 11.48
CA THR D 103 -24.72 -10.85 12.38
C THR D 103 -26.12 -11.32 11.99
N PHE D 104 -26.24 -12.60 11.66
CA PHE D 104 -27.53 -13.19 11.38
C PHE D 104 -28.29 -13.40 12.68
N GLY D 105 -29.62 -13.40 12.60
CA GLY D 105 -30.44 -13.54 13.78
C GLY D 105 -30.40 -14.93 14.39
N GLY D 106 -31.45 -15.29 15.12
CA GLY D 106 -31.46 -16.56 15.83
C GLY D 106 -32.25 -17.64 15.14
N GLY D 107 -33.43 -17.28 14.64
CA GLY D 107 -34.29 -18.24 13.97
C GLY D 107 -35.65 -18.38 14.61
N THR D 108 -36.66 -18.68 13.81
CA THR D 108 -38.02 -18.82 14.31
C THR D 108 -38.75 -19.80 13.40
N LYS D 109 -39.08 -20.97 13.93
CA LYS D 109 -39.77 -21.98 13.14
C LYS D 109 -41.24 -21.60 12.98
N VAL D 110 -41.85 -22.16 11.94
CA VAL D 110 -43.27 -21.97 11.66
C VAL D 110 -43.88 -23.33 11.38
N GLU D 111 -44.97 -23.64 12.06
CA GLU D 111 -45.66 -24.92 11.93
C GLU D 111 -47.12 -24.66 11.57
N ILE D 112 -47.65 -25.44 10.64
CA ILE D 112 -49.00 -25.25 10.15
C ILE D 112 -49.91 -26.28 10.82
N LYS D 113 -50.93 -25.79 11.53
CA LYS D 113 -51.86 -26.67 12.22
C LYS D 113 -52.94 -27.13 11.25
N ARG D 114 -53.34 -28.40 11.40
CA ARG D 114 -54.35 -28.99 10.53
C ARG D 114 -55.20 -29.95 11.36
N THR D 115 -56.01 -30.76 10.68
CA THR D 115 -56.85 -31.72 11.36
C THR D 115 -56.04 -32.97 11.74
N VAL D 116 -56.69 -33.85 12.50
CA VAL D 116 -56.03 -35.07 12.97
C VAL D 116 -55.88 -36.04 11.81
N ALA D 117 -54.68 -36.58 11.64
CA ALA D 117 -54.37 -37.51 10.57
C ALA D 117 -53.93 -38.84 11.16
N ALA D 118 -54.33 -39.93 10.51
CA ALA D 118 -54.01 -41.27 10.98
C ALA D 118 -52.74 -41.75 10.29
N PRO D 119 -51.70 -42.14 11.02
CA PRO D 119 -50.49 -42.64 10.39
C PRO D 119 -50.71 -43.97 9.69
N SER D 120 -49.87 -44.22 8.70
CA SER D 120 -49.80 -45.52 8.03
C SER D 120 -48.52 -46.20 8.49
N VAL D 121 -48.69 -47.39 9.06
CA VAL D 121 -47.63 -48.16 9.71
C VAL D 121 -47.22 -49.32 8.81
N PHE D 122 -45.91 -49.47 8.60
CA PHE D 122 -45.36 -50.55 7.78
C PHE D 122 -44.16 -51.15 8.50
N ILE D 123 -43.94 -52.45 8.27
CA ILE D 123 -42.82 -53.19 8.85
C ILE D 123 -41.93 -53.67 7.72
N PHE D 124 -40.63 -53.42 7.84
CA PHE D 124 -39.68 -53.75 6.79
C PHE D 124 -38.56 -54.63 7.37
N PRO D 125 -38.62 -55.93 7.13
CA PRO D 125 -37.64 -56.87 7.71
C PRO D 125 -36.30 -56.77 7.02
N PRO D 126 -35.23 -57.26 7.66
CA PRO D 126 -33.91 -57.24 7.02
C PRO D 126 -33.88 -58.07 5.74
N SER D 127 -33.04 -57.64 4.81
CA SER D 127 -32.87 -58.33 3.54
C SER D 127 -31.92 -59.52 3.69
N ASP D 128 -31.81 -60.30 2.63
CA ASP D 128 -30.92 -61.45 2.64
C ASP D 128 -29.44 -61.06 2.56
N GLU D 129 -29.14 -59.87 2.04
CA GLU D 129 -27.74 -59.48 1.87
C GLU D 129 -27.08 -59.08 3.18
N GLN D 130 -27.84 -58.55 4.13
CA GLN D 130 -27.27 -58.07 5.39
C GLN D 130 -27.10 -59.18 6.41
N LEU D 131 -27.56 -60.41 6.13
CA LEU D 131 -27.40 -61.50 7.07
C LEU D 131 -25.94 -61.90 7.22
N LYS D 132 -25.17 -61.85 6.13
CA LYS D 132 -23.75 -62.22 6.17
C LYS D 132 -22.87 -61.12 6.73
N SER D 133 -23.39 -59.91 6.94
CA SER D 133 -22.61 -58.81 7.49
C SER D 133 -22.39 -58.93 8.99
N GLY D 134 -23.15 -59.79 9.67
CA GLY D 134 -23.04 -59.97 11.10
C GLY D 134 -24.04 -59.19 11.92
N THR D 135 -24.74 -58.24 11.32
CA THR D 135 -25.76 -57.45 12.00
C THR D 135 -27.01 -57.40 11.12
N ALA D 136 -28.17 -57.52 11.75
CA ALA D 136 -29.45 -57.47 11.06
C ALA D 136 -30.23 -56.24 11.50
N SER D 137 -30.95 -55.63 10.56
CA SER D 137 -31.67 -54.40 10.82
C SER D 137 -33.13 -54.56 10.40
N VAL D 138 -34.05 -54.18 11.28
CA VAL D 138 -35.47 -54.18 11.00
C VAL D 138 -36.01 -52.78 11.26
N VAL D 139 -36.90 -52.30 10.39
CA VAL D 139 -37.33 -50.91 10.49
C VAL D 139 -38.86 -50.81 10.50
N CYS D 140 -39.37 -49.93 11.36
CA CYS D 140 -40.78 -49.60 11.44
C CYS D 140 -40.97 -48.22 10.83
N LEU D 141 -41.98 -48.08 9.98
CA LEU D 141 -42.19 -46.85 9.22
C LEU D 141 -43.60 -46.35 9.50
N LEU D 142 -43.72 -45.07 9.82
CA LEU D 142 -45.01 -44.40 9.92
C LEU D 142 -44.99 -43.20 9.00
N ASN D 143 -46.13 -42.91 8.38
CA ASN D 143 -46.16 -41.74 7.51
C ASN D 143 -47.56 -41.15 7.44
N ASN D 144 -47.61 -39.88 7.04
CA ASN D 144 -48.86 -39.16 6.79
C ASN D 144 -49.72 -39.08 8.06
N PHE D 145 -49.15 -38.44 9.08
CA PHE D 145 -49.82 -38.30 10.36
C PHE D 145 -49.65 -36.88 10.91
N TYR D 146 -50.63 -36.45 11.69
CA TYR D 146 -50.63 -35.18 12.40
C TYR D 146 -51.40 -35.44 13.68
N PRO D 147 -50.95 -34.90 14.83
CA PRO D 147 -49.78 -34.03 15.02
C PRO D 147 -48.49 -34.81 15.16
N ARG D 148 -47.42 -34.14 15.61
CA ARG D 148 -46.10 -34.72 15.55
C ARG D 148 -45.85 -35.77 16.62
N GLU D 149 -46.46 -35.64 17.81
CA GLU D 149 -46.18 -36.55 18.89
C GLU D 149 -46.75 -37.94 18.58
N ALA D 150 -45.88 -38.94 18.65
CA ALA D 150 -46.24 -40.33 18.44
C ALA D 150 -45.10 -41.21 18.94
N LYS D 151 -45.41 -42.16 19.83
CA LYS D 151 -44.39 -42.94 20.52
C LYS D 151 -44.34 -44.34 19.92
N VAL D 152 -43.18 -44.71 19.38
CA VAL D 152 -42.99 -45.99 18.71
C VAL D 152 -42.12 -46.87 19.59
N GLN D 153 -42.44 -48.16 19.65
CA GLN D 153 -41.65 -49.09 20.44
C GLN D 153 -41.71 -50.48 19.82
N TRP D 154 -40.74 -51.31 20.21
CA TRP D 154 -40.56 -52.65 19.68
C TRP D 154 -40.87 -53.69 20.75
N LYS D 155 -41.26 -54.88 20.30
CA LYS D 155 -41.51 -56.01 21.17
C LYS D 155 -40.93 -57.25 20.52
N VAL D 156 -39.95 -57.86 21.18
CA VAL D 156 -39.27 -59.04 20.67
C VAL D 156 -39.52 -60.18 21.65
N ASP D 157 -40.35 -61.14 21.22
CA ASP D 157 -40.76 -62.27 22.08
C ASP D 157 -41.34 -61.76 23.39
N ASN D 158 -42.25 -60.79 23.29
CA ASN D 158 -42.93 -60.20 24.44
C ASN D 158 -41.94 -59.63 25.45
N ALA D 159 -40.89 -58.99 24.94
CA ALA D 159 -39.88 -58.35 25.78
C ALA D 159 -39.63 -56.94 25.28
N LEU D 160 -39.41 -56.01 26.21
CA LEU D 160 -39.18 -54.61 25.89
C LEU D 160 -37.68 -54.33 25.87
N GLN D 161 -37.23 -53.67 24.81
CA GLN D 161 -35.83 -53.32 24.64
C GLN D 161 -35.67 -51.80 24.61
N SER D 162 -34.59 -51.31 25.21
CA SER D 162 -34.32 -49.88 25.28
C SER D 162 -32.85 -49.63 25.06
N GLY D 163 -32.53 -48.43 24.58
CA GLY D 163 -31.14 -48.06 24.34
C GLY D 163 -30.50 -48.76 23.17
N ASN D 164 -31.30 -49.29 22.23
CA ASN D 164 -30.76 -50.01 21.09
C ASN D 164 -31.48 -49.71 19.78
N SER D 165 -32.36 -48.70 19.75
CA SER D 165 -33.10 -48.34 18.55
C SER D 165 -32.91 -46.87 18.25
N GLN D 166 -32.98 -46.53 16.96
CA GLN D 166 -32.76 -45.15 16.53
C GLN D 166 -33.94 -44.68 15.69
N GLU D 167 -34.49 -43.52 16.05
CA GLU D 167 -35.63 -42.94 15.37
C GLU D 167 -35.22 -41.68 14.62
N SER D 168 -35.82 -41.48 13.44
CA SER D 168 -35.55 -40.30 12.62
C SER D 168 -36.86 -39.82 12.01
N VAL D 169 -37.13 -38.53 12.14
CA VAL D 169 -38.36 -37.92 11.63
C VAL D 169 -37.98 -36.81 10.65
N THR D 170 -38.68 -36.75 9.53
CA THR D 170 -38.44 -35.74 8.51
C THR D 170 -39.01 -34.41 8.97
N GLU D 171 -38.98 -33.42 8.08
CA GLU D 171 -39.48 -32.09 8.41
C GLU D 171 -40.93 -31.95 7.94
N GLN D 172 -41.47 -30.73 8.05
CA GLN D 172 -42.85 -30.49 7.68
C GLN D 172 -43.03 -30.62 6.17
N ASP D 173 -44.22 -31.03 5.77
CA ASP D 173 -44.53 -31.19 4.36
C ASP D 173 -45.09 -29.88 3.79
N SER D 174 -44.94 -29.72 2.48
CA SER D 174 -45.30 -28.48 1.83
C SER D 174 -46.76 -28.43 1.38
N LYS D 175 -47.35 -29.56 0.99
CA LYS D 175 -48.69 -29.54 0.41
C LYS D 175 -49.78 -29.95 1.39
N ASP D 176 -49.50 -30.87 2.32
CA ASP D 176 -50.48 -31.28 3.31
C ASP D 176 -50.01 -31.12 4.74
N SER D 177 -48.75 -30.73 4.97
CA SER D 177 -48.20 -30.44 6.29
C SER D 177 -48.33 -31.66 7.22
N THR D 178 -47.65 -32.73 6.85
CA THR D 178 -47.64 -33.95 7.66
C THR D 178 -46.23 -34.38 8.00
N TYR D 179 -46.09 -35.57 8.59
CA TYR D 179 -44.79 -36.06 9.04
C TYR D 179 -44.60 -37.52 8.63
N SER D 180 -43.32 -37.92 8.60
CA SER D 180 -42.92 -39.29 8.35
C SER D 180 -41.81 -39.65 9.33
N LEU D 181 -41.90 -40.84 9.91
CA LEU D 181 -40.97 -41.28 10.95
C LEU D 181 -40.50 -42.70 10.63
N SER D 182 -39.22 -42.96 10.89
CA SER D 182 -38.63 -44.28 10.69
C SER D 182 -37.83 -44.66 11.93
N SER D 183 -38.12 -45.84 12.49
CA SER D 183 -37.43 -46.35 13.66
C SER D 183 -36.71 -47.62 13.27
N THR D 184 -35.39 -47.60 13.34
CA THR D 184 -34.56 -48.74 12.99
C THR D 184 -34.04 -49.44 14.25
N LEU D 185 -33.87 -50.75 14.14
CA LEU D 185 -33.43 -51.58 15.26
C LEU D 185 -32.45 -52.61 14.71
N THR D 186 -31.25 -52.63 15.27
CA THR D 186 -30.17 -53.50 14.81
C THR D 186 -29.82 -54.51 15.90
N LEU D 187 -29.68 -55.76 15.49
CA LEU D 187 -29.35 -56.85 16.40
C LEU D 187 -28.15 -57.61 15.86
N SER D 188 -27.44 -58.28 16.77
CA SER D 188 -26.33 -59.14 16.42
C SER D 188 -26.84 -60.54 16.07
N LYS D 189 -25.93 -61.35 15.53
CA LYS D 189 -26.30 -62.72 15.16
C LYS D 189 -26.62 -63.56 16.39
N ALA D 190 -25.99 -63.28 17.52
CA ALA D 190 -26.31 -64.01 18.75
C ALA D 190 -27.69 -63.66 19.28
N ASP D 191 -28.30 -62.57 18.81
CA ASP D 191 -29.60 -62.12 19.31
C ASP D 191 -30.72 -62.31 18.30
N TYR D 192 -30.43 -62.28 17.00
CA TYR D 192 -31.49 -62.33 16.00
C TYR D 192 -32.00 -63.75 15.79
N GLU D 193 -31.09 -64.71 15.61
CA GLU D 193 -31.50 -66.09 15.37
C GLU D 193 -32.06 -66.77 16.62
N LYS D 194 -31.92 -66.16 17.79
CA LYS D 194 -32.44 -66.74 19.02
C LYS D 194 -33.85 -66.26 19.36
N HIS D 195 -34.47 -65.46 18.51
CA HIS D 195 -35.84 -65.00 18.68
C HIS D 195 -36.69 -65.46 17.50
N LYS D 196 -38.00 -65.39 17.67
CA LYS D 196 -38.94 -65.88 16.66
C LYS D 196 -39.86 -64.80 16.11
N VAL D 197 -40.43 -63.95 16.97
CA VAL D 197 -41.39 -62.95 16.53
C VAL D 197 -40.81 -61.56 16.77
N TYR D 198 -41.27 -60.60 15.96
CA TYR D 198 -40.89 -59.20 16.14
C TYR D 198 -42.10 -58.33 15.83
N ALA D 199 -42.43 -57.42 16.75
CA ALA D 199 -43.60 -56.57 16.62
C ALA D 199 -43.24 -55.12 16.84
N CYS D 200 -43.95 -54.24 16.15
CA CYS D 200 -43.84 -52.79 16.32
C CYS D 200 -45.19 -52.25 16.75
N GLU D 201 -45.21 -51.50 17.86
CA GLU D 201 -46.43 -50.88 18.36
C GLU D 201 -46.23 -49.37 18.53
N VAL D 202 -47.25 -48.62 18.16
CA VAL D 202 -47.20 -47.16 18.17
C VAL D 202 -48.39 -46.63 18.97
N THR D 203 -48.15 -45.55 19.70
CA THR D 203 -49.19 -44.83 20.42
C THR D 203 -49.28 -43.43 19.81
N HIS D 204 -50.47 -43.06 19.36
CA HIS D 204 -50.68 -41.79 18.69
C HIS D 204 -52.09 -41.29 19.01
N GLN D 205 -52.24 -39.96 18.99
CA GLN D 205 -53.54 -39.36 19.30
C GLN D 205 -54.59 -39.71 18.25
N GLY D 206 -54.17 -39.95 17.01
CA GLY D 206 -55.12 -40.21 15.94
C GLY D 206 -55.78 -41.58 15.99
N LEU D 207 -55.29 -42.48 16.84
CA LEU D 207 -55.87 -43.81 16.97
C LEU D 207 -56.37 -43.99 18.40
N SER D 208 -57.60 -44.49 18.54
CA SER D 208 -58.16 -44.73 19.87
C SER D 208 -57.39 -45.79 20.62
N SER D 209 -56.95 -46.84 19.93
CA SER D 209 -56.20 -47.92 20.55
C SER D 209 -54.85 -48.08 19.84
N PRO D 210 -53.80 -48.42 20.58
CA PRO D 210 -52.49 -48.61 19.94
C PRO D 210 -52.48 -49.80 18.98
N VAL D 211 -52.28 -49.52 17.70
CA VAL D 211 -52.24 -50.57 16.68
C VAL D 211 -50.87 -51.21 16.69
N THR D 212 -50.80 -52.47 16.26
CA THR D 212 -49.57 -53.23 16.25
C THR D 212 -49.39 -53.94 14.91
N LYS D 213 -48.14 -54.18 14.56
CA LYS D 213 -47.79 -54.95 13.37
C LYS D 213 -46.66 -55.90 13.71
N SER D 214 -46.89 -57.20 13.55
CA SER D 214 -45.92 -58.21 13.95
C SER D 214 -45.61 -59.12 12.78
N PHE D 215 -44.44 -59.76 12.86
CA PHE D 215 -44.04 -60.72 11.83
C PHE D 215 -43.19 -61.82 12.45
N ASN D 216 -43.20 -62.97 11.79
CA ASN D 216 -42.42 -64.14 12.19
C ASN D 216 -41.06 -64.13 11.51
N ARG D 217 -40.11 -64.82 12.14
CA ARG D 217 -38.75 -64.93 11.60
C ARG D 217 -38.66 -66.21 10.79
N GLY D 218 -38.77 -66.07 9.46
CA GLY D 218 -38.64 -67.22 8.58
C GLY D 218 -39.93 -67.67 7.95
N GLU D 219 -40.86 -66.73 7.71
CA GLU D 219 -42.13 -67.06 7.08
C GLU D 219 -42.11 -66.90 5.57
N CYS D 220 -41.17 -66.14 5.03
CA CYS D 220 -41.08 -65.92 3.60
C CYS D 220 -39.92 -66.69 2.99
N GLU E 1 -30.61 -17.66 -16.11
CA GLU E 1 -30.62 -16.52 -15.20
C GLU E 1 -29.36 -16.48 -14.36
N VAL E 2 -29.50 -16.05 -13.10
CA VAL E 2 -28.37 -15.99 -12.19
C VAL E 2 -27.99 -17.40 -11.77
N GLN E 3 -26.72 -17.76 -11.94
CA GLN E 3 -26.23 -19.08 -11.60
C GLN E 3 -24.96 -18.94 -10.77
N LEU E 4 -24.90 -19.67 -9.66
CA LEU E 4 -23.72 -19.70 -8.81
C LEU E 4 -23.44 -21.16 -8.46
N VAL E 5 -22.27 -21.66 -8.85
CA VAL E 5 -21.91 -23.05 -8.63
C VAL E 5 -20.67 -23.08 -7.74
N GLU E 6 -20.78 -23.75 -6.60
CA GLU E 6 -19.64 -23.88 -5.69
C GLU E 6 -18.87 -25.16 -5.98
N SER E 7 -17.59 -25.16 -5.59
CA SER E 7 -16.70 -26.28 -5.81
C SER E 7 -15.67 -26.32 -4.69
N GLY E 8 -15.21 -27.53 -4.40
CA GLY E 8 -14.31 -27.77 -3.28
C GLY E 8 -14.95 -28.67 -2.23
N GLY E 9 -14.94 -28.23 -0.98
CA GLY E 9 -15.59 -29.00 0.06
C GLY E 9 -14.93 -30.33 0.35
N GLY E 10 -15.72 -31.24 0.92
CA GLY E 10 -15.23 -32.57 1.22
C GLY E 10 -14.68 -32.69 2.63
N LEU E 11 -13.86 -33.73 2.81
CA LEU E 11 -13.28 -34.06 4.11
C LEU E 11 -11.90 -33.45 4.22
N VAL E 12 -11.63 -32.81 5.36
CA VAL E 12 -10.35 -32.16 5.63
C VAL E 12 -9.87 -32.59 7.01
N LYS E 13 -8.56 -32.85 7.11
CA LYS E 13 -7.98 -33.17 8.40
C LYS E 13 -8.09 -31.97 9.34
N PRO E 14 -8.36 -32.19 10.62
CA PRO E 14 -8.45 -31.05 11.56
C PRO E 14 -7.11 -30.40 11.82
N GLY E 15 -6.69 -29.51 10.93
CA GLY E 15 -5.40 -28.85 11.05
C GLY E 15 -4.77 -28.60 9.69
N GLY E 16 -5.38 -29.14 8.65
CA GLY E 16 -4.87 -28.96 7.30
C GLY E 16 -5.26 -27.62 6.70
N SER E 17 -5.70 -27.64 5.44
CA SER E 17 -6.08 -26.42 4.75
C SER E 17 -6.99 -26.81 3.58
N LEU E 18 -7.64 -25.81 3.01
CA LEU E 18 -8.53 -26.04 1.88
C LEU E 18 -8.68 -24.74 1.11
N ARG E 19 -9.23 -24.87 -0.10
CA ARG E 19 -9.59 -23.75 -0.94
C ARG E 19 -10.90 -24.12 -1.61
N ILE E 20 -11.87 -23.21 -1.57
CA ILE E 20 -13.15 -23.44 -2.21
C ILE E 20 -13.39 -22.28 -3.16
N SER E 21 -14.33 -22.48 -4.08
CA SER E 21 -14.51 -21.43 -5.06
C SER E 21 -15.92 -21.47 -5.61
N CYS E 22 -16.40 -20.28 -5.98
CA CYS E 22 -17.71 -20.13 -6.58
C CYS E 22 -17.55 -20.16 -8.09
N ALA E 23 -18.63 -19.91 -8.81
CA ALA E 23 -18.62 -19.92 -10.27
C ALA E 23 -19.88 -19.23 -10.76
N ALA E 24 -19.79 -17.92 -10.97
CA ALA E 24 -20.95 -17.07 -11.19
C ALA E 24 -21.19 -16.86 -12.68
N SER E 25 -22.47 -16.73 -13.04
CA SER E 25 -22.87 -16.46 -14.41
C SER E 25 -24.26 -15.83 -14.39
N GLY E 26 -24.63 -15.21 -15.49
CA GLY E 26 -25.93 -14.59 -15.62
C GLY E 26 -25.99 -13.13 -15.25
N PHE E 27 -24.86 -12.51 -14.90
CA PHE E 27 -24.86 -11.11 -14.53
C PHE E 27 -23.45 -10.55 -14.73
N ILE E 28 -23.36 -9.23 -14.80
CA ILE E 28 -22.07 -8.55 -14.89
C ILE E 28 -21.35 -8.75 -13.57
N PHE E 29 -20.27 -9.54 -13.59
CA PHE E 29 -19.65 -9.95 -12.33
C PHE E 29 -19.07 -8.77 -11.57
N VAL E 30 -18.37 -7.87 -12.25
CA VAL E 30 -17.78 -6.76 -11.53
C VAL E 30 -18.78 -5.61 -11.48
N ASP E 31 -19.82 -5.79 -10.67
CA ASP E 31 -20.73 -4.74 -10.21
C ASP E 31 -21.18 -4.90 -8.77
N TYR E 32 -20.99 -6.08 -8.16
CA TYR E 32 -21.66 -6.44 -6.92
C TYR E 32 -20.68 -7.07 -5.96
N ALA E 33 -21.02 -7.02 -4.68
CA ALA E 33 -20.23 -7.67 -3.66
C ALA E 33 -20.51 -9.16 -3.64
N MET E 34 -19.61 -9.91 -3.01
CA MET E 34 -19.75 -11.36 -2.89
C MET E 34 -19.48 -11.79 -1.47
N HIS E 35 -20.30 -12.73 -0.97
CA HIS E 35 -20.20 -13.16 0.42
C HIS E 35 -20.16 -14.69 0.51
N TRP E 36 -19.60 -15.16 1.62
CA TRP E 36 -19.62 -16.56 1.99
C TRP E 36 -20.43 -16.71 3.28
N VAL E 37 -21.40 -17.61 3.29
CA VAL E 37 -22.25 -17.81 4.46
C VAL E 37 -22.28 -19.29 4.80
N ARG E 38 -21.83 -19.64 6.00
CA ARG E 38 -21.81 -21.03 6.42
C ARG E 38 -22.96 -21.32 7.36
N GLN E 39 -23.53 -22.51 7.25
CA GLN E 39 -24.61 -22.97 8.11
C GLN E 39 -24.20 -24.30 8.74
N ALA E 40 -24.25 -24.35 10.06
CA ALA E 40 -23.97 -25.59 10.77
C ALA E 40 -25.07 -26.61 10.50
N PRO E 41 -24.78 -27.91 10.65
CA PRO E 41 -25.80 -28.93 10.35
C PRO E 41 -27.04 -28.84 11.22
N GLY E 42 -26.97 -28.21 12.39
CA GLY E 42 -28.12 -28.11 13.26
C GLY E 42 -28.32 -26.74 13.87
N LYS E 43 -27.56 -25.75 13.42
CA LYS E 43 -27.65 -24.39 13.92
C LYS E 43 -28.17 -23.47 12.81
N GLY E 44 -28.20 -22.17 13.10
CA GLY E 44 -28.65 -21.18 12.15
C GLY E 44 -27.54 -20.68 11.24
N LEU E 45 -27.88 -19.69 10.43
CA LEU E 45 -26.92 -19.14 9.49
C LEU E 45 -25.87 -18.31 10.21
N GLU E 46 -24.70 -18.20 9.59
CA GLU E 46 -23.58 -17.44 10.17
C GLU E 46 -22.75 -16.84 9.05
N TRP E 47 -22.46 -15.55 9.17
CA TRP E 47 -21.65 -14.86 8.18
C TRP E 47 -20.18 -15.29 8.31
N VAL E 48 -19.48 -15.26 7.18
CA VAL E 48 -18.08 -15.68 7.16
C VAL E 48 -17.20 -14.53 6.67
N SER E 49 -17.42 -14.12 5.41
CA SER E 49 -16.60 -13.08 4.82
C SER E 49 -17.37 -12.44 3.68
N GLY E 50 -16.91 -11.24 3.31
CA GLY E 50 -17.53 -10.50 2.23
C GLY E 50 -16.50 -9.60 1.57
N ILE E 51 -16.67 -9.40 0.27
CA ILE E 51 -15.72 -8.64 -0.53
C ILE E 51 -16.51 -7.73 -1.46
N SER E 52 -15.95 -6.55 -1.71
CA SER E 52 -16.64 -5.53 -2.48
C SER E 52 -16.41 -5.72 -3.97
N TRP E 53 -17.03 -4.85 -4.78
CA TRP E 53 -17.00 -4.97 -6.23
C TRP E 53 -15.59 -5.14 -6.79
N ASN E 54 -14.57 -4.60 -6.11
CA ASN E 54 -13.21 -4.71 -6.64
C ASN E 54 -12.20 -5.00 -5.55
N SER E 55 -12.58 -5.81 -4.55
CA SER E 55 -11.70 -6.12 -3.43
C SER E 55 -11.20 -4.86 -2.71
N GLY E 56 -11.94 -3.76 -2.83
CA GLY E 56 -11.55 -2.55 -2.13
C GLY E 56 -11.74 -2.58 -0.63
N SER E 57 -12.81 -3.23 -0.15
CA SER E 57 -13.11 -3.29 1.28
C SER E 57 -13.38 -4.72 1.76
N ILE E 58 -12.33 -5.53 1.89
CA ILE E 58 -12.50 -6.88 2.41
C ILE E 58 -12.80 -6.81 3.90
N GLY E 59 -13.80 -7.59 4.34
CA GLY E 59 -14.08 -7.68 5.76
C GLY E 59 -14.48 -9.09 6.18
N TYR E 60 -13.87 -9.60 7.25
CA TYR E 60 -14.13 -10.94 7.73
C TYR E 60 -15.07 -10.92 8.93
N ALA E 61 -15.41 -12.12 9.41
CA ALA E 61 -16.21 -12.27 10.62
C ALA E 61 -15.29 -12.13 11.84
N ASP E 62 -15.82 -12.48 13.02
CA ASP E 62 -15.02 -12.37 14.24
C ASP E 62 -14.33 -13.68 14.61
N SER E 63 -15.04 -14.81 14.52
CA SER E 63 -14.47 -16.09 14.90
C SER E 63 -13.50 -16.62 13.86
N VAL E 64 -13.58 -16.16 12.61
CA VAL E 64 -12.74 -16.65 11.53
C VAL E 64 -11.74 -15.60 11.06
N LYS E 65 -11.57 -14.52 11.83
CA LYS E 65 -10.64 -13.48 11.44
C LYS E 65 -9.20 -13.95 11.67
N GLY E 66 -8.37 -13.87 10.63
CA GLY E 66 -7.01 -14.32 10.69
C GLY E 66 -6.78 -15.74 10.19
N ARG E 67 -7.84 -16.55 10.10
CA ARG E 67 -7.73 -17.92 9.62
C ARG E 67 -8.22 -18.08 8.18
N PHE E 68 -9.20 -17.29 7.75
CA PHE E 68 -9.74 -17.37 6.42
C PHE E 68 -9.29 -16.17 5.59
N THR E 69 -9.41 -16.30 4.28
CA THR E 69 -9.05 -15.23 3.35
C THR E 69 -9.93 -15.32 2.12
N ILE E 70 -10.69 -14.26 1.85
CA ILE E 70 -11.59 -14.20 0.71
C ILE E 70 -10.93 -13.39 -0.39
N SER E 71 -11.14 -13.81 -1.64
CA SER E 71 -10.58 -13.09 -2.78
C SER E 71 -11.48 -13.35 -3.98
N ARG E 72 -11.23 -12.61 -5.06
CA ARG E 72 -12.02 -12.77 -6.26
C ARG E 72 -11.13 -12.55 -7.48
N ASP E 73 -11.65 -12.95 -8.64
CA ASP E 73 -10.97 -12.73 -9.92
C ASP E 73 -12.05 -12.36 -10.94
N ASN E 74 -12.13 -11.06 -11.25
CA ASN E 74 -13.15 -10.54 -12.15
C ASN E 74 -12.95 -11.03 -13.59
N ALA E 75 -11.76 -11.53 -13.93
CA ALA E 75 -11.51 -12.01 -15.28
C ALA E 75 -12.19 -13.36 -15.51
N LYS E 76 -11.88 -14.34 -14.66
CA LYS E 76 -12.54 -15.64 -14.73
C LYS E 76 -13.95 -15.59 -14.17
N LYS E 77 -14.34 -14.47 -13.57
CA LYS E 77 -15.65 -14.30 -12.94
C LYS E 77 -15.84 -15.33 -11.83
N SER E 78 -14.94 -15.27 -10.85
CA SER E 78 -14.91 -16.31 -9.83
C SER E 78 -14.55 -15.73 -8.47
N LEU E 79 -14.96 -16.45 -7.43
CA LEU E 79 -14.74 -16.09 -6.03
C LEU E 79 -13.98 -17.23 -5.35
N TYR E 80 -12.96 -16.91 -4.59
CA TYR E 80 -12.14 -17.92 -3.92
C TYR E 80 -12.12 -17.68 -2.42
N LEU E 81 -12.03 -18.77 -1.66
CA LEU E 81 -11.89 -18.72 -0.21
C LEU E 81 -10.80 -19.69 0.21
N GLN E 82 -9.70 -19.13 0.72
CA GLN E 82 -8.62 -19.87 1.35
C GLN E 82 -8.95 -20.06 2.81
N MET E 83 -9.18 -21.31 3.23
CA MET E 83 -9.53 -21.59 4.62
C MET E 83 -8.45 -22.48 5.22
N SER E 84 -7.98 -22.13 6.40
CA SER E 84 -6.85 -22.82 7.00
C SER E 84 -7.00 -22.86 8.51
N GLY E 85 -6.26 -23.76 9.14
CA GLY E 85 -6.39 -23.97 10.57
C GLY E 85 -7.76 -24.51 10.93
N LEU E 86 -8.23 -25.50 10.19
CA LEU E 86 -9.57 -26.04 10.41
C LEU E 86 -9.68 -26.70 11.78
N ARG E 87 -10.86 -26.57 12.37
CA ARG E 87 -11.20 -27.10 13.68
C ARG E 87 -12.51 -27.86 13.56
N PRO E 88 -12.81 -28.75 14.51
CA PRO E 88 -14.06 -29.53 14.42
C PRO E 88 -15.32 -28.68 14.42
N GLU E 89 -15.21 -27.37 14.66
CA GLU E 89 -16.35 -26.46 14.59
C GLU E 89 -16.59 -25.96 13.18
N ASP E 90 -15.53 -25.87 12.36
CA ASP E 90 -15.66 -25.28 11.03
C ASP E 90 -16.46 -26.14 10.05
N THR E 91 -16.79 -27.38 10.40
CA THR E 91 -17.60 -28.19 9.52
C THR E 91 -19.00 -27.58 9.38
N ALA E 92 -19.43 -27.41 8.14
CA ALA E 92 -20.69 -26.73 7.85
C ALA E 92 -21.03 -26.92 6.38
N LEU E 93 -22.08 -26.22 5.93
CA LEU E 93 -22.45 -26.12 4.52
C LEU E 93 -22.29 -24.66 4.11
N TYR E 94 -21.48 -24.42 3.08
CA TYR E 94 -21.11 -23.08 2.68
C TYR E 94 -21.91 -22.64 1.46
N TYR E 95 -22.42 -21.42 1.50
CA TYR E 95 -23.18 -20.81 0.42
C TYR E 95 -22.41 -19.63 -0.16
N CYS E 96 -22.39 -19.56 -1.49
CA CYS E 96 -21.88 -18.43 -2.24
C CYS E 96 -23.02 -17.46 -2.51
N VAL E 97 -22.92 -16.25 -1.95
CA VAL E 97 -24.02 -15.28 -1.99
C VAL E 97 -23.59 -14.11 -2.86
N LYS E 98 -24.46 -13.75 -3.80
CA LYS E 98 -24.28 -12.56 -4.63
C LYS E 98 -25.15 -11.46 -4.04
N SER E 99 -24.51 -10.35 -3.66
CA SER E 99 -25.19 -9.25 -3.00
C SER E 99 -26.03 -8.45 -3.98
N GLY E 100 -26.63 -7.38 -3.50
CA GLY E 100 -27.51 -6.56 -4.33
C GLY E 100 -26.86 -5.30 -4.86
N PHE E 101 -25.75 -4.89 -4.26
CA PHE E 101 -25.06 -3.67 -4.67
C PHE E 101 -23.55 -3.91 -4.61
N TYR E 102 -22.79 -2.84 -4.84
CA TYR E 102 -21.34 -2.93 -5.00
C TYR E 102 -20.57 -2.89 -3.69
N TYR E 103 -21.25 -2.77 -2.55
CA TYR E 103 -20.58 -2.68 -1.27
C TYR E 103 -20.94 -3.88 -0.40
N VAL E 104 -20.08 -4.15 0.59
CA VAL E 104 -20.22 -5.33 1.42
C VAL E 104 -21.51 -5.30 2.25
N ARG E 105 -22.06 -4.11 2.49
CA ARG E 105 -23.20 -3.95 3.39
C ARG E 105 -24.50 -3.74 2.62
N SER E 106 -24.69 -4.47 1.52
CA SER E 106 -25.95 -4.48 0.79
C SER E 106 -26.66 -5.80 1.03
N TYR E 107 -27.96 -5.82 0.75
CA TYR E 107 -28.77 -7.00 1.03
C TYR E 107 -28.35 -8.16 0.14
N PHE E 108 -28.42 -9.36 0.69
CA PHE E 108 -28.06 -10.55 -0.07
C PHE E 108 -29.14 -10.85 -1.09
N ASP E 109 -28.74 -11.02 -2.35
CA ASP E 109 -29.68 -11.15 -3.45
C ASP E 109 -29.87 -12.61 -3.89
N ASN E 110 -28.78 -13.28 -4.25
CA ASN E 110 -28.86 -14.64 -4.78
C ASN E 110 -28.00 -15.59 -3.94
N TRP E 111 -28.51 -16.80 -3.73
CA TRP E 111 -27.83 -17.81 -2.93
C TRP E 111 -27.51 -19.02 -3.80
N GLY E 112 -26.31 -19.59 -3.58
CA GLY E 112 -25.93 -20.81 -4.27
C GLY E 112 -26.37 -22.05 -3.51
N GLN E 113 -26.23 -23.19 -4.18
CA GLN E 113 -26.63 -24.46 -3.57
C GLN E 113 -25.74 -24.84 -2.41
N GLY E 114 -24.48 -24.42 -2.42
CA GLY E 114 -23.59 -24.63 -1.31
C GLY E 114 -22.88 -25.98 -1.38
N THR E 115 -21.73 -26.06 -0.72
CA THR E 115 -20.94 -27.27 -0.63
C THR E 115 -20.61 -27.57 0.82
N LEU E 116 -20.54 -28.86 1.15
CA LEU E 116 -20.35 -29.27 2.53
C LEU E 116 -18.87 -29.47 2.81
N VAL E 117 -18.39 -28.88 3.90
CA VAL E 117 -17.01 -29.04 4.35
C VAL E 117 -17.06 -29.71 5.72
N THR E 118 -16.49 -30.91 5.81
CA THR E 118 -16.47 -31.67 7.05
C THR E 118 -15.04 -31.96 7.46
N VAL E 119 -14.82 -32.05 8.78
CA VAL E 119 -13.51 -32.36 9.34
C VAL E 119 -13.69 -33.47 10.38
N SER E 120 -12.85 -34.49 10.29
CA SER E 120 -12.89 -35.60 11.22
C SER E 120 -11.57 -36.37 11.12
N SER E 121 -11.30 -37.15 12.17
CA SER E 121 -10.11 -37.99 12.17
C SER E 121 -10.28 -39.23 11.32
N ALA E 122 -11.50 -39.78 11.25
CA ALA E 122 -11.75 -40.99 10.50
C ALA E 122 -11.67 -40.72 8.99
N SER E 123 -11.38 -41.79 8.24
CA SER E 123 -11.25 -41.70 6.80
C SER E 123 -12.58 -42.02 6.13
N THR E 124 -12.60 -41.94 4.80
CA THR E 124 -13.82 -42.19 4.05
C THR E 124 -14.13 -43.68 4.01
N LYS E 125 -15.40 -43.99 3.77
CA LYS E 125 -15.87 -45.36 3.64
C LYS E 125 -16.87 -45.44 2.49
N GLY E 126 -17.33 -46.65 2.21
CA GLY E 126 -18.27 -46.87 1.14
C GLY E 126 -19.65 -47.23 1.65
N PRO E 127 -20.68 -46.62 1.07
CA PRO E 127 -22.06 -46.92 1.49
C PRO E 127 -22.47 -48.32 1.11
N SER E 128 -23.12 -49.01 2.04
CA SER E 128 -23.67 -50.33 1.81
C SER E 128 -25.17 -50.21 1.59
N VAL E 129 -25.65 -50.74 0.46
CA VAL E 129 -27.03 -50.55 0.02
C VAL E 129 -27.78 -51.87 0.20
N PHE E 130 -28.97 -51.79 0.79
CA PHE E 130 -29.82 -52.96 0.96
C PHE E 130 -31.23 -52.64 0.47
N PRO E 131 -31.83 -53.52 -0.32
CA PRO E 131 -33.24 -53.35 -0.69
C PRO E 131 -34.16 -53.88 0.40
N LEU E 132 -35.35 -53.27 0.48
CA LEU E 132 -36.31 -53.59 1.52
C LEU E 132 -37.71 -53.60 0.93
N ALA E 133 -38.35 -54.77 0.95
CA ALA E 133 -39.72 -54.94 0.50
C ALA E 133 -40.50 -55.71 1.56
N PRO E 134 -41.79 -55.40 1.73
CA PRO E 134 -42.58 -56.10 2.73
C PRO E 134 -42.86 -57.54 2.34
N CYS E 135 -43.06 -58.39 3.34
CA CYS E 135 -43.36 -59.80 3.12
C CYS E 135 -43.98 -60.42 4.38
N SER E 142 -54.93 -52.36 -0.87
CA SER E 142 -54.86 -50.93 -1.10
C SER E 142 -53.51 -50.53 -1.67
N THR E 143 -52.66 -49.96 -0.84
CA THR E 143 -51.32 -49.53 -1.24
C THR E 143 -50.30 -50.02 -0.23
N ALA E 144 -49.09 -50.25 -0.72
CA ALA E 144 -47.97 -50.69 0.10
C ALA E 144 -46.80 -49.74 -0.11
N ALA E 145 -45.67 -50.06 0.51
CA ALA E 145 -44.45 -49.26 0.40
C ALA E 145 -43.28 -50.19 0.12
N LEU E 146 -42.22 -49.60 -0.45
CA LEU E 146 -41.00 -50.36 -0.73
C LEU E 146 -39.85 -49.37 -0.86
N GLY E 147 -38.66 -49.79 -0.44
CA GLY E 147 -37.58 -48.84 -0.41
C GLY E 147 -36.22 -49.50 -0.40
N CYS E 148 -35.20 -48.67 -0.15
CA CYS E 148 -33.83 -49.15 -0.03
C CYS E 148 -33.07 -48.23 0.91
N LEU E 149 -32.16 -48.82 1.69
CA LEU E 149 -31.39 -48.06 2.67
C LEU E 149 -29.91 -48.10 2.34
N VAL E 150 -29.22 -47.02 2.72
CA VAL E 150 -27.76 -46.96 2.71
C VAL E 150 -27.29 -46.93 4.16
N LYS E 151 -26.18 -47.59 4.43
CA LYS E 151 -25.70 -47.76 5.79
C LYS E 151 -24.17 -47.76 5.79
N ASP E 152 -23.60 -47.21 6.86
CA ASP E 152 -22.15 -47.24 7.08
C ASP E 152 -21.41 -46.52 5.95
N TYR E 153 -21.72 -45.24 5.79
CA TYR E 153 -21.04 -44.39 4.84
C TYR E 153 -20.52 -43.14 5.54
N PHE E 154 -19.43 -42.60 5.01
CA PHE E 154 -18.77 -41.44 5.60
C PHE E 154 -17.87 -40.78 4.57
N PRO E 155 -17.90 -39.45 4.45
CA PRO E 155 -18.80 -38.51 5.12
C PRO E 155 -20.01 -38.16 4.27
N GLU E 156 -20.75 -37.11 4.64
CA GLU E 156 -21.89 -36.66 3.86
C GLU E 156 -21.41 -36.04 2.55
N PRO E 157 -22.28 -36.00 1.53
CA PRO E 157 -23.64 -36.53 1.47
C PRO E 157 -23.77 -37.77 0.60
N VAL E 158 -24.97 -38.34 0.54
CA VAL E 158 -25.30 -39.42 -0.37
C VAL E 158 -26.62 -39.07 -1.06
N THR E 159 -26.68 -39.30 -2.36
CA THR E 159 -27.86 -38.96 -3.16
C THR E 159 -28.57 -40.24 -3.57
N VAL E 160 -29.77 -40.45 -3.05
CA VAL E 160 -30.57 -41.63 -3.34
C VAL E 160 -31.72 -41.22 -4.23
N SER E 161 -31.84 -41.86 -5.40
CA SER E 161 -32.90 -41.57 -6.35
C SER E 161 -33.50 -42.88 -6.84
N TRP E 162 -34.65 -42.78 -7.49
CA TRP E 162 -35.37 -43.93 -8.02
C TRP E 162 -35.51 -43.80 -9.53
N ASN E 163 -35.08 -44.83 -10.25
CA ASN E 163 -35.11 -44.86 -11.71
C ASN E 163 -34.40 -43.65 -12.30
N SER E 164 -33.27 -43.29 -11.69
CA SER E 164 -32.45 -42.15 -12.14
C SER E 164 -33.27 -40.87 -12.19
N GLY E 165 -34.14 -40.66 -11.20
CA GLY E 165 -34.95 -39.46 -11.14
C GLY E 165 -36.17 -39.47 -12.02
N ALA E 166 -36.66 -40.64 -12.42
CA ALA E 166 -37.86 -40.69 -13.26
C ALA E 166 -39.10 -40.33 -12.47
N LEU E 167 -39.37 -41.06 -11.39
CA LEU E 167 -40.53 -40.82 -10.54
C LEU E 167 -40.10 -40.06 -9.29
N THR E 168 -40.95 -39.12 -8.86
CA THR E 168 -40.64 -38.32 -7.69
C THR E 168 -41.85 -38.11 -6.78
N SER E 169 -42.93 -38.86 -6.96
CA SER E 169 -44.12 -38.74 -6.14
C SER E 169 -44.13 -39.83 -5.08
N GLY E 170 -44.39 -39.44 -3.84
CA GLY E 170 -44.40 -40.38 -2.74
C GLY E 170 -43.04 -40.80 -2.24
N VAL E 171 -41.97 -40.11 -2.65
CA VAL E 171 -40.62 -40.45 -2.23
C VAL E 171 -40.34 -39.78 -0.89
N HIS E 172 -39.90 -40.57 0.09
CA HIS E 172 -39.55 -40.07 1.41
C HIS E 172 -38.11 -40.49 1.72
N THR E 173 -37.26 -39.51 1.99
CA THR E 173 -35.87 -39.73 2.37
C THR E 173 -35.65 -39.16 3.77
N PHE E 174 -35.11 -39.98 4.65
CA PHE E 174 -34.95 -39.53 6.02
C PHE E 174 -33.55 -38.97 6.25
N PRO E 175 -33.41 -38.00 7.16
CA PRO E 175 -32.09 -37.42 7.42
C PRO E 175 -31.14 -38.45 8.01
N ALA E 176 -29.85 -38.26 7.72
CA ALA E 176 -28.84 -39.18 8.23
C ALA E 176 -28.73 -39.08 9.74
N VAL E 177 -28.56 -40.22 10.39
CA VAL E 177 -28.44 -40.31 11.84
C VAL E 177 -27.05 -40.83 12.18
N LEU E 178 -26.42 -40.20 13.17
CA LEU E 178 -25.08 -40.57 13.60
C LEU E 178 -25.20 -41.71 14.62
N GLN E 179 -24.72 -42.89 14.25
CA GLN E 179 -24.79 -44.05 15.12
C GLN E 179 -23.74 -43.95 16.22
N SER E 180 -23.77 -44.92 17.14
CA SER E 180 -22.81 -44.92 18.25
C SER E 180 -21.39 -45.11 17.75
N SER E 181 -21.20 -45.99 16.75
CA SER E 181 -19.85 -46.23 16.22
C SER E 181 -19.28 -44.98 15.56
N GLY E 182 -20.11 -44.24 14.84
CA GLY E 182 -19.65 -43.04 14.17
C GLY E 182 -19.97 -43.03 12.68
N LEU E 183 -20.90 -43.89 12.26
CA LEU E 183 -21.31 -43.99 10.87
C LEU E 183 -22.73 -43.46 10.72
N TYR E 184 -23.13 -43.27 9.46
CA TYR E 184 -24.44 -42.74 9.14
C TYR E 184 -25.23 -43.75 8.30
N SER E 185 -26.55 -43.64 8.38
CA SER E 185 -27.43 -44.53 7.64
C SER E 185 -28.77 -43.84 7.43
N LEU E 186 -29.39 -44.12 6.29
CA LEU E 186 -30.71 -43.59 5.98
C LEU E 186 -31.42 -44.56 5.05
N SER E 187 -32.69 -44.28 4.78
CA SER E 187 -33.50 -45.14 3.94
C SER E 187 -34.48 -44.29 3.14
N SER E 188 -34.60 -44.57 1.85
CA SER E 188 -35.56 -43.90 0.98
C SER E 188 -36.66 -44.88 0.62
N VAL E 189 -37.91 -44.45 0.77
CA VAL E 189 -39.07 -45.31 0.59
C VAL E 189 -40.06 -44.65 -0.35
N VAL E 190 -40.71 -45.45 -1.21
CA VAL E 190 -41.74 -44.99 -2.12
C VAL E 190 -42.99 -45.80 -1.86
N THR E 191 -44.14 -45.12 -1.79
CA THR E 191 -45.43 -45.77 -1.60
C THR E 191 -46.11 -45.94 -2.95
N VAL E 192 -46.58 -47.16 -3.22
CA VAL E 192 -47.19 -47.48 -4.51
C VAL E 192 -48.41 -48.35 -4.28
N PRO E 193 -49.44 -48.20 -5.13
CA PRO E 193 -50.58 -49.13 -5.07
C PRO E 193 -50.13 -50.56 -5.33
N SER E 194 -50.80 -51.49 -4.64
CA SER E 194 -50.44 -52.92 -4.63
C SER E 194 -50.76 -53.63 -5.93
N SER E 195 -51.15 -52.93 -7.01
CA SER E 195 -51.50 -53.59 -8.26
C SER E 195 -50.31 -53.79 -9.18
N SER E 196 -49.26 -52.99 -9.05
CA SER E 196 -48.10 -53.03 -9.93
C SER E 196 -46.84 -53.49 -9.21
N LEU E 197 -46.97 -54.46 -8.31
CA LEU E 197 -45.82 -54.97 -7.59
C LEU E 197 -45.02 -55.94 -8.44
N GLY E 198 -45.68 -56.94 -9.02
CA GLY E 198 -45.03 -57.94 -9.83
C GLY E 198 -45.02 -57.67 -11.31
N THR E 199 -45.35 -56.45 -11.74
CA THR E 199 -45.41 -56.07 -13.14
C THR E 199 -44.25 -55.18 -13.55
N LYS E 200 -44.00 -54.11 -12.82
CA LYS E 200 -42.97 -53.13 -13.12
C LYS E 200 -41.89 -53.22 -12.05
N THR E 201 -40.65 -53.46 -12.48
CA THR E 201 -39.54 -53.61 -11.54
C THR E 201 -39.15 -52.26 -10.94
N TYR E 202 -38.79 -52.27 -9.66
CA TYR E 202 -38.42 -51.06 -8.94
C TYR E 202 -36.96 -51.16 -8.53
N THR E 203 -36.18 -50.13 -8.87
CA THR E 203 -34.78 -50.07 -8.52
C THR E 203 -34.43 -48.66 -8.08
N CYS E 204 -33.40 -48.54 -7.25
CA CYS E 204 -32.92 -47.27 -6.75
C CYS E 204 -31.41 -47.16 -6.95
N ASN E 205 -30.95 -45.96 -7.25
CA ASN E 205 -29.53 -45.69 -7.43
C ASN E 205 -29.03 -44.75 -6.34
N VAL E 206 -27.82 -45.02 -5.86
CA VAL E 206 -27.18 -44.19 -4.85
C VAL E 206 -25.89 -43.64 -5.43
N ASP E 207 -25.61 -42.38 -5.12
CA ASP E 207 -24.45 -41.65 -5.56
C ASP E 207 -23.67 -41.17 -4.34
N HIS E 208 -22.38 -41.48 -4.31
CA HIS E 208 -21.50 -41.07 -3.21
C HIS E 208 -20.20 -40.53 -3.81
N LYS E 209 -19.99 -39.22 -3.69
CA LYS E 209 -18.81 -38.56 -4.25
C LYS E 209 -17.54 -38.82 -3.45
N PRO E 210 -17.55 -38.69 -2.11
CA PRO E 210 -16.31 -38.99 -1.37
C PRO E 210 -15.80 -40.41 -1.58
N SER E 211 -16.71 -41.38 -1.71
CA SER E 211 -16.33 -42.74 -2.05
C SER E 211 -16.32 -43.00 -3.55
N ASN E 212 -16.90 -42.11 -4.34
CA ASN E 212 -16.96 -42.23 -5.80
C ASN E 212 -17.58 -43.56 -6.21
N THR E 213 -18.83 -43.75 -5.79
CA THR E 213 -19.56 -44.97 -6.12
C THR E 213 -20.99 -44.64 -6.55
N LYS E 214 -21.44 -45.34 -7.59
CA LYS E 214 -22.82 -45.29 -8.05
C LYS E 214 -23.33 -46.72 -8.01
N VAL E 215 -24.23 -47.01 -7.06
CA VAL E 215 -24.72 -48.36 -6.84
C VAL E 215 -26.19 -48.43 -7.22
N ASP E 216 -26.54 -49.39 -8.08
CA ASP E 216 -27.91 -49.66 -8.48
C ASP E 216 -28.40 -50.92 -7.80
N LYS E 217 -29.56 -50.84 -7.14
CA LYS E 217 -30.10 -51.99 -6.43
C LYS E 217 -31.59 -52.12 -6.74
N ARG E 218 -32.00 -53.32 -7.13
CA ARG E 218 -33.40 -53.62 -7.39
C ARG E 218 -34.06 -54.16 -6.13
N VAL E 219 -35.22 -53.61 -5.78
CA VAL E 219 -35.92 -53.98 -4.55
C VAL E 219 -37.06 -54.93 -4.89
N GLU E 220 -37.14 -56.03 -4.15
CA GLU E 220 -38.16 -57.05 -4.33
C GLU E 220 -38.15 -57.98 -3.13
N SER E 221 -39.33 -58.51 -2.80
CA SER E 221 -39.46 -59.43 -1.68
C SER E 221 -38.76 -60.76 -1.97
C1 NAG F . 0.93 -36.97 -40.15
C2 NAG F . 1.52 -38.11 -39.33
C3 NAG F . 2.02 -39.03 -40.44
C4 NAG F . 0.90 -39.37 -41.44
C5 NAG F . -0.07 -38.19 -41.72
C6 NAG F . -1.35 -38.58 -42.43
C7 NAG F . 2.99 -38.22 -37.35
C8 NAG F . 4.11 -37.51 -36.64
N2 NAG F . 2.58 -37.62 -38.49
O3 NAG F . 2.56 -40.18 -39.83
O4 NAG F . 1.57 -39.72 -42.63
O5 NAG F . -0.34 -37.38 -40.59
O6 NAG F . -1.87 -37.46 -43.11
O7 NAG F . 2.50 -39.24 -36.92
C1 NAG F . 1.81 -41.13 -42.78
C2 NAG F . 2.08 -41.37 -44.26
C3 NAG F . 2.31 -42.86 -44.48
C4 NAG F . 3.42 -43.37 -43.56
C5 NAG F . 3.12 -42.96 -42.11
C6 NAG F . 4.23 -43.33 -41.14
C7 NAG F . 1.06 -39.79 -45.83
C8 NAG F . -0.20 -39.45 -46.58
N2 NAG F . 1.00 -40.89 -45.06
O3 NAG F . 2.61 -43.09 -45.83
O4 NAG F . 3.50 -44.77 -43.70
O5 NAG F . 2.93 -41.56 -42.05
O6 NAG F . 4.08 -44.65 -40.71
O7 NAG F . 2.06 -39.08 -45.92
C1 NAG G . 31.16 10.37 -44.25
C2 NAG G . 32.32 9.38 -44.07
C3 NAG G . 33.56 10.25 -43.89
C4 NAG G . 33.75 11.25 -45.03
C5 NAG G . 32.43 11.86 -45.54
C6 NAG G . 32.54 12.36 -46.97
C7 NAG G . 32.79 7.31 -42.85
C8 NAG G . 32.45 6.48 -41.64
N2 NAG G . 32.12 8.46 -42.98
O3 NAG G . 34.68 9.42 -43.76
O4 NAG G . 34.56 12.29 -44.53
O5 NAG G . 31.39 10.93 -45.51
O6 NAG G . 31.25 12.69 -47.44
O7 NAG G . 33.63 6.93 -43.65
C1 NAG G . 35.84 12.32 -45.20
C2 NAG G . 36.18 13.77 -45.56
C3 NAG G . 37.58 13.84 -46.16
C4 NAG G . 38.60 13.14 -45.25
C5 NAG G . 38.12 11.71 -44.95
C6 NAG G . 39.02 10.95 -44.02
C7 NAG G . 34.32 15.29 -46.14
C8 NAG G . 33.44 15.76 -47.27
N2 NAG G . 35.24 14.35 -46.47
O3 NAG G . 37.90 15.19 -46.35
O4 NAG G . 39.83 13.14 -45.93
O5 NAG G . 36.83 11.79 -44.36
O6 NAG G . 39.84 10.08 -44.76
O7 NAG G . 34.21 15.74 -45.01
C1 NAG H . 29.97 -0.72 -37.74
C2 NAG H . 31.26 -1.50 -37.44
C3 NAG H . 32.25 -1.31 -38.58
C4 NAG H . 31.59 -1.69 -39.90
C5 NAG H . 30.28 -0.92 -40.07
C6 NAG H . 29.53 -1.27 -41.34
C7 NAG H . 31.98 -1.93 -35.13
C8 NAG H . 32.59 -1.31 -33.91
N2 NAG H . 31.81 -1.10 -36.18
O3 NAG H . 33.38 -2.07 -38.29
O4 NAG H . 32.50 -1.38 -40.94
O5 NAG H . 29.44 -1.18 -38.97
O6 NAG H . 28.36 -0.49 -41.43
O7 NAG H . 31.66 -3.11 -35.16
C1 NAG H . 33.10 -2.60 -41.41
C2 NAG H . 33.60 -2.38 -42.85
C3 NAG H . 34.24 -3.67 -43.35
C4 NAG H . 35.31 -4.16 -42.38
C5 NAG H . 34.73 -4.24 -40.97
C6 NAG H . 35.74 -4.63 -39.91
C7 NAG H . 32.25 -0.68 -44.01
C8 NAG H . 31.07 -0.48 -44.92
N2 NAG H . 32.52 -1.96 -43.70
O3 NAG H . 34.75 -3.43 -44.63
O4 NAG H . 35.76 -5.41 -42.83
O5 NAG H . 34.19 -2.98 -40.61
O6 NAG H . 35.77 -6.04 -39.78
O7 NAG H . 32.91 0.26 -43.59
C1 NAG I . 9.24 -44.48 -40.40
C2 NAG I . 8.66 -45.86 -40.79
C3 NAG I . 7.89 -46.47 -39.62
C4 NAG I . 8.68 -46.40 -38.32
C5 NAG I . 9.09 -44.95 -38.08
C6 NAG I . 9.87 -44.73 -36.80
C7 NAG I . 8.07 -46.10 -43.17
C8 NAG I . 6.98 -45.85 -44.19
N2 NAG I . 7.78 -45.72 -41.92
O3 NAG I . 7.58 -47.80 -39.97
O4 NAG I . 7.84 -46.89 -37.29
O5 NAG I . 9.91 -44.55 -39.16
O6 NAG I . 11.21 -45.11 -36.97
O7 NAG I . 9.15 -46.59 -43.50
CA CA J . 16.17 16.52 -6.23
CA CA K . 3.52 37.05 -11.86
CA CA L . 11.29 39.78 1.57
C1 NAG M . 31.52 24.79 -21.89
C2 NAG M . 31.70 26.20 -22.48
C3 NAG M . 32.84 26.96 -21.80
C4 NAG M . 32.69 26.90 -20.28
C5 NAG M . 32.60 25.44 -19.86
C6 NAG M . 32.44 25.26 -18.36
C7 NAG M . 31.13 26.61 -24.86
C8 NAG M . 31.65 26.44 -26.26
N2 NAG M . 31.96 26.15 -23.89
O3 NAG M . 32.84 28.27 -22.28
O4 NAG M . 33.80 27.55 -19.73
O5 NAG M . 31.48 24.86 -20.49
O6 NAG M . 31.11 25.49 -17.99
O7 NAG M . 30.05 27.11 -24.63
C1 NAG N . 25.36 45.11 4.45
C2 NAG N . 26.77 45.35 3.87
C3 NAG N . 27.78 45.80 4.91
C4 NAG N . 27.12 46.83 5.79
C5 NAG N . 26.09 46.08 6.63
C6 NAG N . 25.22 47.00 7.46
C7 NAG N . 27.22 43.94 1.89
C8 NAG N . 27.76 42.60 1.45
N2 NAG N . 27.24 44.15 3.22
O3 NAG N . 28.91 46.31 4.23
O4 NAG N . 28.11 47.42 6.59
O5 NAG N . 25.24 45.24 5.86
O6 NAG N . 24.85 48.13 6.71
O7 NAG N . 26.79 44.75 1.08
#